data_1RZR
#
_entry.id   1RZR
#
_cell.length_a   105.710
_cell.length_b   109.240
_cell.length_c   117.810
_cell.angle_alpha   90.00
_cell.angle_beta   90.05
_cell.angle_gamma   90.00
#
_symmetry.space_group_name_H-M   'P 1 21 1'
#
loop_
_entity.id
_entity.type
_entity.pdbx_description
1 polymer "5'-D(*CP*TP*GP*AP*AP*AP*GP*CP*GP*CP*TP*AP*AP*CP*AP*G)-3'"
2 polymer "5'-D(*CP*TP*GP*TP*TP*AP*GP*CP*GP*CP*TP*TP*TP*CP*AP*G)-3'"
3 polymer 'Glucose-resistance amylase regulator'
4 polymer 'Glucose-resistance amylase regulator'
5 polymer 'Phosphocarrier protein HPr'
6 non-polymer 'SULFATE ION'
7 non-polymer 'MAGNESIUM ION'
8 water water
#
loop_
_entity_poly.entity_id
_entity_poly.type
_entity_poly.pdbx_seq_one_letter_code
_entity_poly.pdbx_strand_id
1 'polydeoxyribonucleotide' (DC)(DT)(DG)(DA)(DA)(DA)(DG)(DC)(DG)(DC)(DT)(DA)(DA)(DC)(DA)(DG) H,E
2 'polydeoxyribonucleotide' (DC)(DT)(DG)(DT)(DT)(DA)(DG)(DC)(DG)(DC)(DT)(DT)(DT)(DC)(DA)(DG) R,B
3 'polypeptide(L)'
;(MSE)NVTIYDVAREASVS(MSE)ATVSRVVNGNPNVKPSTRKKVLETIERLGYRPNAVARGLASKKTTTVGVIIPDISN
IFYAELARGIEDIAT(MSE)YKYNIILSNSDQNQDKELHLLNN(MSE)LGKQVDGIIF(MSE)SGNVTEEHVEELKKSPV
PVVLAASIESTNQIPSVTIDYEQAAFDAVQSLIDSGHKNIAFVSGTLEEPINHAKKVKGYKRALTESGLPVRDSYIVEGD
YTYDSGIEAVEKLLEEDEKPTAIFVGTDE(MSE)ALGVIHGAQDRGLNVPNDLEIIGFDNTRLST(MSE)VRPQLTSVVQ
P(MSE)YDIGAVA(MSE)RLLTKY(MSE)NKETVDSSIVQLPHRIEFRQSTK
;
G,C,A
4 'polypeptide(L)'
;MNVTIYDVAREASVS(MSE)ATVSRVVNGNPNVKPSTRKKVLETIERLGYRPNAVARGLASKKTTTVGVIIPDISNIFYA
ELARGIEDIAT(MSE)YKYNIILSNSDQNQDKELHLLNN(MSE)LGKQVDGIIF(MSE)SGNVTEEHVEELKKSPVPVVL
AASIESTNQIPSVTIDYEQAAFDAVQSLIDSGHKNIAFVSGTLEEPINHAKKVKGYKRALTESGLPVRDSYIVEGDYTYD
SGIEAVEKLLEEDEKPTAIFVGTDE(MSE)ALGVIHGAQDRGLNVPNDLEIIGFDNTRLST(MSE)VRPQLTSVVQP
(MSE)YDIGAVA(MSE)RLLTKY(MSE)NKETVDSSIVQLPHRIEFRQSTK
;
D
5 'polypeptide(L)'
;MAQKTFTVTADSGIHARPATTLVQAASKFDSDINLEFNGKTVNLK(SEP)IMGVMSLGIQKGATITISAEGSDEADALAA
LEDTMSKEGLGE
;
T,L,Y,S
#
# COMPACT_ATOMS: atom_id res chain seq x y z
N ASN E 2 -0.05 -11.24 -49.34
CA ASN E 2 1.13 -12.03 -48.88
C ASN E 2 0.47 -13.42 -48.82
N VAL E 3 1.20 -14.57 -48.74
CA VAL E 3 0.47 -15.84 -48.84
C VAL E 3 0.05 -16.78 -47.73
N THR E 4 -1.19 -17.29 -47.75
CA THR E 4 -1.69 -18.21 -46.70
C THR E 4 -1.62 -19.77 -46.75
N ILE E 5 -1.76 -20.36 -45.56
CA ILE E 5 -1.78 -21.79 -45.33
C ILE E 5 -2.85 -22.41 -46.24
N TYR E 6 -4.00 -21.75 -46.28
CA TYR E 6 -5.15 -22.18 -47.09
C TYR E 6 -4.83 -22.11 -48.58
N ASP E 7 -3.99 -21.16 -48.95
CA ASP E 7 -3.58 -21.02 -50.34
C ASP E 7 -2.94 -22.31 -50.78
N VAL E 8 -1.84 -22.66 -50.13
CA VAL E 8 -1.16 -23.89 -50.46
C VAL E 8 -2.17 -25.05 -50.47
N ALA E 9 -3.21 -24.94 -49.66
CA ALA E 9 -4.25 -25.96 -49.57
C ALA E 9 -4.94 -26.20 -50.90
N ARG E 10 -5.16 -25.13 -51.67
CA ARG E 10 -5.81 -25.25 -52.98
C ARG E 10 -4.81 -25.76 -54.02
N GLU E 11 -3.70 -25.04 -54.15
CA GLU E 11 -2.67 -25.41 -55.10
C GLU E 11 -2.13 -26.81 -54.90
N ALA E 12 -2.25 -27.32 -53.69
CA ALA E 12 -1.75 -28.67 -53.43
C ALA E 12 -2.94 -29.61 -53.42
N SER E 13 -4.13 -29.04 -53.25
CA SER E 13 -5.37 -29.80 -53.21
C SER E 13 -5.46 -30.74 -52.00
N VAL E 14 -4.77 -30.38 -50.92
CA VAL E 14 -4.75 -31.16 -49.69
C VAL E 14 -5.49 -30.38 -48.59
N SER E 15 -5.40 -30.84 -47.34
CA SER E 15 -6.04 -30.09 -46.26
C SER E 15 -5.03 -29.25 -45.50
N ALA E 17 -4.36 -29.09 -42.76
CA ALA E 17 -3.68 -29.88 -41.76
C ALA E 17 -2.49 -30.59 -42.40
N THR E 18 -2.63 -30.92 -43.69
CA THR E 18 -1.56 -31.60 -44.42
C THR E 18 -0.45 -30.59 -44.59
N VAL E 19 -0.80 -29.40 -45.06
CA VAL E 19 0.18 -28.35 -45.27
C VAL E 19 0.94 -28.05 -43.98
N SER E 20 0.19 -28.00 -42.88
CA SER E 20 0.76 -27.74 -41.58
C SER E 20 1.76 -28.81 -41.22
N ARG E 21 1.38 -30.07 -41.42
CA ARG E 21 2.30 -31.14 -41.05
C ARG E 21 3.59 -31.21 -41.85
N VAL E 22 3.61 -30.71 -43.07
CA VAL E 22 4.87 -30.73 -43.79
C VAL E 22 5.68 -29.51 -43.35
N VAL E 23 5.09 -28.32 -43.30
CA VAL E 23 5.86 -27.15 -42.87
C VAL E 23 6.55 -27.52 -41.56
N ASN E 24 5.82 -28.19 -40.68
CA ASN E 24 6.37 -28.62 -39.41
C ASN E 24 7.25 -29.83 -39.56
N GLY E 25 7.16 -30.47 -40.71
CA GLY E 25 7.95 -31.66 -40.96
C GLY E 25 7.71 -32.70 -39.89
N ASN E 26 6.45 -32.92 -39.56
CA ASN E 26 6.13 -33.91 -38.53
C ASN E 26 6.14 -35.27 -39.18
N PRO E 27 6.27 -36.32 -38.36
CA PRO E 27 6.30 -37.70 -38.82
C PRO E 27 5.07 -38.15 -39.62
N ASN E 28 5.35 -38.99 -40.61
CA ASN E 28 4.30 -39.56 -41.42
C ASN E 28 3.23 -38.73 -42.10
N VAL E 29 3.45 -38.60 -43.40
CA VAL E 29 2.60 -37.95 -44.37
C VAL E 29 3.34 -38.45 -45.58
N LYS E 30 2.78 -39.49 -46.19
CA LYS E 30 3.38 -40.17 -47.33
C LYS E 30 4.24 -39.29 -48.22
N PRO E 31 5.41 -39.80 -48.60
CA PRO E 31 6.39 -39.10 -49.45
C PRO E 31 5.74 -38.59 -50.74
N SER E 32 4.59 -39.18 -51.09
CA SER E 32 3.85 -38.80 -52.27
C SER E 32 3.27 -37.40 -52.04
N THR E 33 2.61 -37.22 -50.91
CA THR E 33 2.01 -35.94 -50.58
C THR E 33 3.06 -34.96 -50.04
N ARG E 34 3.79 -35.36 -49.00
CA ARG E 34 4.81 -34.47 -48.46
C ARG E 34 5.54 -33.77 -49.61
N LYS E 35 5.64 -34.44 -50.76
CA LYS E 35 6.33 -33.88 -51.92
C LYS E 35 5.45 -32.88 -52.64
N LYS E 36 4.26 -33.32 -53.04
CA LYS E 36 3.32 -32.44 -53.74
C LYS E 36 3.23 -31.11 -53.01
N VAL E 37 2.88 -31.15 -51.72
CA VAL E 37 2.74 -29.94 -50.91
C VAL E 37 3.93 -28.97 -50.98
N LEU E 38 5.13 -29.51 -50.75
CA LEU E 38 6.38 -28.73 -50.75
C LEU E 38 6.67 -27.97 -52.03
N GLU E 39 6.11 -28.43 -53.15
CA GLU E 39 6.30 -27.75 -54.42
C GLU E 39 5.31 -26.61 -54.44
N THR E 40 4.04 -26.94 -54.25
CA THR E 40 3.00 -25.94 -54.21
C THR E 40 3.56 -24.82 -53.35
N ILE E 41 4.36 -25.21 -52.37
CA ILE E 41 4.98 -24.31 -51.41
C ILE E 41 6.15 -23.41 -51.84
N GLU E 42 7.26 -23.96 -52.31
CA GLU E 42 8.29 -23.01 -52.65
C GLU E 42 8.14 -22.31 -53.96
N ARG E 43 7.23 -22.81 -54.79
CA ARG E 43 6.97 -22.17 -56.06
C ARG E 43 6.00 -21.01 -55.83
N LEU E 44 5.03 -21.22 -54.93
CA LEU E 44 4.05 -20.19 -54.61
C LEU E 44 4.69 -19.13 -53.72
N GLY E 45 5.88 -19.44 -53.22
CA GLY E 45 6.61 -18.49 -52.38
C GLY E 45 6.01 -18.26 -51.00
N TYR E 46 5.39 -19.29 -50.44
CA TYR E 46 4.79 -19.18 -49.13
C TYR E 46 5.90 -19.00 -48.11
N ARG E 47 5.54 -18.38 -46.99
CA ARG E 47 6.41 -18.16 -45.84
C ARG E 47 5.33 -18.10 -44.79
N PRO E 48 5.39 -18.99 -43.81
CA PRO E 48 4.41 -19.04 -42.73
C PRO E 48 4.73 -17.95 -41.72
N ASN E 49 3.71 -17.27 -41.20
CA ASN E 49 4.02 -16.20 -40.24
C ASN E 49 4.15 -16.73 -38.82
N ALA E 50 5.35 -16.62 -38.28
CA ALA E 50 5.65 -17.09 -36.95
C ALA E 50 4.71 -16.56 -35.88
N VAL E 51 4.01 -15.47 -36.15
CA VAL E 51 3.09 -14.95 -35.16
C VAL E 51 1.88 -15.82 -35.13
N ALA E 52 1.23 -15.97 -36.27
CA ALA E 52 0.05 -16.81 -36.30
C ALA E 52 0.30 -18.16 -35.62
N ARG E 53 1.48 -18.74 -35.89
CA ARG E 53 1.87 -20.05 -35.37
C ARG E 53 2.23 -20.04 -33.93
N GLY E 54 2.62 -18.87 -33.44
CA GLY E 54 2.98 -18.76 -32.05
C GLY E 54 1.71 -18.96 -31.27
N LEU E 55 0.69 -18.16 -31.61
CA LEU E 55 -0.60 -18.23 -30.94
C LEU E 55 -1.10 -19.67 -30.91
N ALA E 56 -1.06 -20.30 -32.08
CA ALA E 56 -1.53 -21.68 -32.23
C ALA E 56 -0.76 -22.62 -31.33
N SER E 57 0.56 -22.59 -31.41
CA SER E 57 1.36 -23.52 -30.63
C SER E 57 1.88 -23.16 -29.26
N LYS E 58 1.59 -21.99 -28.73
CA LYS E 58 2.13 -21.61 -27.41
C LYS E 58 3.65 -21.52 -27.42
N LYS E 59 4.23 -21.55 -28.62
CA LYS E 59 5.67 -21.43 -28.72
C LYS E 59 6.07 -20.45 -29.82
N THR E 60 7.01 -19.58 -29.48
CA THR E 60 7.51 -18.56 -30.39
C THR E 60 8.85 -18.88 -31.01
N THR E 61 9.59 -19.81 -30.41
CA THR E 61 10.92 -20.19 -30.88
C THR E 61 11.88 -19.01 -30.81
N THR E 62 11.71 -18.21 -29.77
CA THR E 62 12.57 -17.07 -29.54
C THR E 62 12.69 -16.77 -28.03
N VAL E 63 13.93 -16.50 -27.60
CA VAL E 63 14.23 -16.24 -26.21
C VAL E 63 14.60 -14.80 -25.88
N GLY E 64 14.20 -14.35 -24.70
CA GLY E 64 14.57 -13.00 -24.30
C GLY E 64 15.95 -13.12 -23.67
N VAL E 65 16.69 -12.04 -23.60
CA VAL E 65 18.00 -12.10 -23.01
C VAL E 65 18.31 -10.73 -22.47
N ILE E 66 18.13 -10.55 -21.17
CA ILE E 66 18.42 -9.26 -20.60
C ILE E 66 19.94 -9.28 -20.60
N ILE E 67 20.57 -8.12 -20.66
CA ILE E 67 22.03 -8.02 -20.70
C ILE E 67 22.42 -6.61 -20.23
N PRO E 68 23.56 -6.48 -19.53
CA PRO E 68 23.87 -5.12 -19.11
C PRO E 68 24.07 -4.16 -20.28
N ASP E 69 25.23 -4.26 -20.95
CA ASP E 69 25.55 -3.38 -22.09
C ASP E 69 26.14 -4.17 -23.23
N ILE E 70 25.52 -4.13 -24.40
CA ILE E 70 26.02 -4.88 -25.55
C ILE E 70 27.20 -4.22 -26.22
N SER E 71 27.33 -2.93 -25.95
CA SER E 71 28.43 -2.14 -26.49
C SER E 71 29.80 -2.48 -25.89
N ASN E 72 29.75 -2.97 -24.66
CA ASN E 72 30.89 -3.37 -23.86
C ASN E 72 31.54 -4.64 -24.41
N ILE E 73 32.85 -4.66 -24.54
CA ILE E 73 33.54 -5.84 -25.08
C ILE E 73 33.12 -7.15 -24.48
N PHE E 74 33.13 -7.21 -23.14
CA PHE E 74 32.81 -8.44 -22.42
C PHE E 74 31.46 -9.05 -22.77
N TYR E 75 30.41 -8.25 -22.79
CA TYR E 75 29.10 -8.79 -23.11
C TYR E 75 28.89 -8.94 -24.57
N ALA E 76 29.65 -8.21 -25.37
CA ALA E 76 29.43 -8.37 -26.79
C ALA E 76 29.87 -9.77 -27.11
N GLU E 77 31.04 -10.19 -26.64
CA GLU E 77 31.41 -11.55 -26.94
C GLU E 77 30.34 -12.52 -26.34
N LEU E 78 29.96 -12.31 -25.08
CA LEU E 78 28.96 -13.20 -24.46
C LEU E 78 27.73 -13.30 -25.34
N ALA E 79 27.25 -12.17 -25.84
CA ALA E 79 26.06 -12.19 -26.68
C ALA E 79 26.25 -12.88 -28.05
N ARG E 80 27.49 -13.15 -28.45
CA ARG E 80 27.68 -13.78 -29.74
C ARG E 80 27.62 -15.28 -29.55
N GLY E 81 28.26 -15.76 -28.48
CA GLY E 81 28.21 -17.18 -28.20
C GLY E 81 26.77 -17.65 -28.02
N ILE E 82 25.95 -16.76 -27.45
CA ILE E 82 24.55 -17.07 -27.24
C ILE E 82 23.86 -17.21 -28.56
N GLU E 83 23.79 -16.09 -29.28
CA GLU E 83 23.17 -16.04 -30.59
C GLU E 83 23.71 -17.23 -31.39
N ASP E 84 25.01 -17.29 -31.49
CA ASP E 84 25.57 -18.37 -32.22
C ASP E 84 24.85 -19.69 -31.94
N ILE E 85 24.62 -20.03 -30.69
CA ILE E 85 23.97 -21.30 -30.42
C ILE E 85 22.47 -21.23 -30.57
N ALA E 86 21.87 -20.09 -30.26
CA ALA E 86 20.42 -19.99 -30.45
C ALA E 86 20.12 -20.24 -31.96
N THR E 87 20.97 -19.72 -32.87
CA THR E 87 20.74 -19.97 -34.29
C THR E 87 20.87 -21.48 -34.44
N TYR E 89 20.23 -23.78 -32.92
CA TYR E 89 19.03 -24.50 -32.47
C TYR E 89 17.74 -23.97 -33.02
N LYS E 90 17.82 -23.27 -34.15
CA LYS E 90 16.64 -22.71 -34.79
C LYS E 90 15.89 -21.71 -33.91
N TYR E 91 16.61 -21.01 -33.05
CA TYR E 91 16.00 -20.01 -32.15
C TYR E 91 16.40 -18.57 -32.47
N ASN E 92 15.41 -17.67 -32.44
CA ASN E 92 15.67 -16.27 -32.65
C ASN E 92 15.84 -15.66 -31.25
N ILE E 93 16.66 -14.61 -31.13
CA ILE E 93 16.86 -14.00 -29.82
C ILE E 93 16.47 -12.53 -29.66
N ILE E 94 15.40 -12.24 -28.91
CA ILE E 94 15.07 -10.83 -28.63
C ILE E 94 16.11 -10.34 -27.59
N LEU E 95 16.50 -9.05 -27.64
CA LEU E 95 17.53 -8.49 -26.75
C LEU E 95 17.39 -6.99 -26.39
N SER E 96 17.54 -6.66 -25.10
CA SER E 96 17.47 -5.27 -24.63
C SER E 96 18.48 -5.01 -23.49
N ASN E 97 19.21 -3.90 -23.54
CA ASN E 97 20.19 -3.61 -22.50
C ASN E 97 19.54 -3.19 -21.18
N SER E 98 20.08 -3.66 -20.07
CA SER E 98 19.48 -3.34 -18.78
C SER E 98 20.21 -2.26 -17.99
N ASP E 99 21.49 -2.12 -18.27
CA ASP E 99 22.29 -1.15 -17.56
C ASP E 99 22.45 -1.52 -16.09
N GLN E 100 22.61 -2.82 -15.83
CA GLN E 100 22.83 -3.35 -14.49
C GLN E 100 21.86 -2.83 -13.48
N ASN E 101 20.96 -1.93 -13.87
CA ASN E 101 20.08 -1.38 -12.87
C ASN E 101 18.74 -2.03 -12.65
N GLN E 102 18.63 -2.56 -11.44
CA GLN E 102 17.50 -3.26 -10.86
C GLN E 102 16.06 -3.06 -11.38
N ASP E 103 15.64 -1.84 -11.70
CA ASP E 103 14.27 -1.63 -12.19
C ASP E 103 14.06 -2.07 -13.66
N LYS E 104 15.02 -1.77 -14.53
CA LYS E 104 14.91 -2.16 -15.93
C LYS E 104 14.86 -3.68 -16.03
N GLU E 105 15.80 -4.36 -15.39
CA GLU E 105 15.81 -5.81 -15.42
C GLU E 105 14.40 -6.33 -15.19
N LEU E 106 13.65 -5.66 -14.33
CA LEU E 106 12.31 -6.13 -14.07
C LEU E 106 11.25 -5.69 -15.05
N HIS E 107 11.52 -4.65 -15.83
CA HIS E 107 10.55 -4.23 -16.84
C HIS E 107 10.77 -5.11 -18.08
N LEU E 108 12.04 -5.40 -18.37
CA LEU E 108 12.37 -6.21 -19.52
C LEU E 108 11.78 -7.58 -19.36
N LEU E 109 11.84 -8.11 -18.13
CA LEU E 109 11.28 -9.44 -17.90
C LEU E 109 9.84 -9.62 -18.31
N ASN E 110 8.98 -8.65 -18.00
CA ASN E 110 7.58 -8.80 -18.37
C ASN E 110 7.32 -8.45 -19.84
N ASN E 111 8.16 -7.60 -20.41
CA ASN E 111 7.96 -7.15 -21.79
C ASN E 111 8.33 -8.42 -22.56
N LEU E 113 8.54 -11.67 -21.33
CA LEU E 113 7.51 -12.67 -21.01
C LEU E 113 6.22 -12.48 -21.71
N GLY E 114 5.66 -11.29 -21.64
CA GLY E 114 4.41 -11.07 -22.37
C GLY E 114 4.62 -11.20 -23.88
N LYS E 115 5.83 -10.95 -24.35
CA LYS E 115 6.11 -11.08 -25.77
C LYS E 115 6.05 -12.56 -26.03
N GLN E 116 6.05 -13.34 -24.96
CA GLN E 116 5.96 -14.79 -25.02
C GLN E 116 7.22 -15.56 -25.36
N VAL E 117 8.36 -15.16 -24.81
CA VAL E 117 9.55 -15.91 -25.12
C VAL E 117 9.37 -17.34 -24.69
N ASP E 118 10.37 -18.16 -24.97
CA ASP E 118 10.30 -19.56 -24.61
C ASP E 118 11.44 -19.88 -23.66
N GLY E 119 12.23 -18.87 -23.33
CA GLY E 119 13.37 -19.03 -22.46
C GLY E 119 13.96 -17.67 -22.22
N ILE E 120 14.74 -17.56 -21.16
CA ILE E 120 15.33 -16.26 -20.80
C ILE E 120 16.73 -16.36 -20.28
N ILE E 121 17.67 -15.81 -21.03
CA ILE E 121 19.03 -15.83 -20.60
C ILE E 121 19.14 -14.50 -19.89
N PHE E 122 19.24 -14.59 -18.57
CA PHE E 122 19.34 -13.40 -17.73
C PHE E 122 20.79 -13.29 -17.34
N SER E 124 23.33 -10.43 -15.04
CA SER E 124 23.58 -9.20 -14.33
C SER E 124 24.85 -9.24 -13.50
N GLY E 125 25.28 -8.06 -13.07
CA GLY E 125 26.48 -7.94 -12.26
C GLY E 125 26.15 -7.90 -10.79
N ASN E 126 24.86 -7.91 -10.48
CA ASN E 126 24.39 -7.92 -9.10
C ASN E 126 22.98 -8.51 -8.94
N VAL E 127 22.89 -9.83 -8.79
CA VAL E 127 21.60 -10.48 -8.61
C VAL E 127 21.05 -10.05 -7.25
N THR E 128 19.80 -9.61 -7.24
CA THR E 128 19.21 -9.14 -6.02
C THR E 128 18.39 -10.22 -5.37
N GLU E 129 17.79 -9.91 -4.22
CA GLU E 129 16.99 -10.89 -3.54
C GLU E 129 15.62 -10.96 -4.20
N GLU E 130 15.08 -9.81 -4.57
CA GLU E 130 13.79 -9.76 -5.23
C GLU E 130 13.98 -10.35 -6.62
N HIS E 131 15.24 -10.43 -7.05
CA HIS E 131 15.59 -10.96 -8.35
C HIS E 131 15.16 -12.43 -8.47
N VAL E 132 15.75 -13.30 -7.65
CA VAL E 132 15.43 -14.72 -7.70
C VAL E 132 13.96 -15.01 -7.46
N GLU E 133 13.28 -14.04 -6.86
CA GLU E 133 11.86 -14.17 -6.57
C GLU E 133 11.03 -14.23 -7.85
N GLU E 134 11.08 -13.16 -8.65
CA GLU E 134 10.32 -13.08 -9.91
C GLU E 134 10.83 -14.03 -10.99
N LEU E 135 12.06 -14.46 -10.83
CA LEU E 135 12.68 -15.37 -11.78
C LEU E 135 12.18 -16.78 -11.55
N LYS E 136 11.96 -17.10 -10.28
CA LYS E 136 11.48 -18.41 -9.90
C LYS E 136 10.01 -18.55 -10.25
N LYS E 137 9.32 -17.43 -10.37
CA LYS E 137 7.90 -17.46 -10.70
C LYS E 137 7.65 -17.22 -12.19
N SER E 138 8.71 -17.26 -12.99
CA SER E 138 8.59 -17.06 -14.42
C SER E 138 7.94 -18.26 -15.07
N PRO E 139 7.21 -18.05 -16.16
CA PRO E 139 6.58 -19.18 -16.81
C PRO E 139 7.55 -20.03 -17.61
N VAL E 140 8.62 -19.42 -18.09
CA VAL E 140 9.58 -20.15 -18.92
C VAL E 140 10.93 -20.31 -18.28
N PRO E 141 11.68 -21.37 -18.66
CA PRO E 141 13.01 -21.64 -18.12
C PRO E 141 13.79 -20.38 -18.06
N VAL E 142 15.01 -20.47 -17.55
CA VAL E 142 15.86 -19.31 -17.39
C VAL E 142 17.21 -19.79 -16.94
N VAL E 143 18.24 -19.03 -17.23
CA VAL E 143 19.57 -19.33 -16.74
C VAL E 143 20.36 -18.05 -16.78
N LEU E 144 21.31 -17.92 -15.88
CA LEU E 144 22.10 -16.71 -15.79
C LEU E 144 23.34 -17.02 -16.52
N ALA E 145 24.01 -15.97 -17.02
CA ALA E 145 25.25 -16.13 -17.74
C ALA E 145 26.19 -15.07 -17.19
N ALA E 146 27.49 -15.34 -17.18
CA ALA E 146 28.49 -14.40 -16.66
C ALA E 146 27.85 -13.63 -15.51
N SER E 147 27.05 -14.32 -14.73
CA SER E 147 26.35 -13.71 -13.60
C SER E 147 26.24 -14.73 -12.47
N ILE E 148 26.28 -14.27 -11.22
CA ILE E 148 26.16 -15.20 -10.11
C ILE E 148 25.28 -14.72 -8.99
N GLU E 149 24.49 -15.66 -8.47
CA GLU E 149 23.56 -15.44 -7.37
C GLU E 149 23.65 -16.63 -6.38
N SER E 150 23.83 -16.27 -5.11
CA SER E 150 23.99 -17.14 -3.95
C SER E 150 23.30 -18.49 -3.86
N THR E 151 22.09 -18.48 -3.32
CA THR E 151 21.27 -19.65 -3.12
C THR E 151 21.30 -20.75 -4.17
N ASN E 152 21.80 -20.45 -5.37
CA ASN E 152 21.84 -21.40 -6.48
C ASN E 152 20.45 -21.87 -6.90
N GLN E 153 19.42 -21.08 -6.62
CA GLN E 153 18.03 -21.42 -6.94
C GLN E 153 17.72 -21.48 -8.45
N ILE E 154 18.60 -20.87 -9.24
CA ILE E 154 18.44 -20.78 -10.71
C ILE E 154 19.59 -21.41 -11.49
N PRO E 155 19.25 -22.10 -12.59
CA PRO E 155 20.25 -22.73 -13.44
C PRO E 155 21.28 -21.70 -13.81
N SER E 156 22.50 -22.12 -14.12
CA SER E 156 23.47 -21.11 -14.49
C SER E 156 24.88 -21.48 -14.95
N VAL E 157 25.48 -20.54 -15.67
CA VAL E 157 26.81 -20.74 -16.18
C VAL E 157 27.71 -19.64 -15.66
N THR E 158 28.97 -19.95 -15.43
CA THR E 158 29.87 -18.98 -14.85
C THR E 158 31.27 -19.54 -14.62
N ILE E 159 32.15 -18.73 -14.06
CA ILE E 159 33.52 -19.16 -13.79
C ILE E 159 33.80 -19.13 -12.27
N ASP E 160 34.87 -19.79 -11.81
CA ASP E 160 35.18 -19.73 -10.39
C ASP E 160 35.99 -18.45 -10.15
N TYR E 161 35.27 -17.36 -9.90
CA TYR E 161 35.86 -16.05 -9.67
C TYR E 161 36.81 -16.02 -8.49
N GLU E 162 36.52 -16.81 -7.46
CA GLU E 162 37.37 -16.82 -6.28
C GLU E 162 38.74 -17.41 -6.62
N GLN E 163 38.74 -18.55 -7.30
CA GLN E 163 39.97 -19.21 -7.68
C GLN E 163 40.65 -18.45 -8.78
N ALA E 164 39.84 -17.99 -9.72
CA ALA E 164 40.34 -17.24 -10.87
C ALA E 164 41.25 -16.11 -10.41
N ALA E 165 40.84 -15.44 -9.34
CA ALA E 165 41.57 -14.33 -8.77
C ALA E 165 42.74 -14.81 -7.92
N PHE E 166 42.45 -15.73 -7.01
CA PHE E 166 43.45 -16.29 -6.10
C PHE E 166 44.68 -16.87 -6.82
N ASP E 167 44.47 -17.43 -8.01
CA ASP E 167 45.58 -17.98 -8.77
C ASP E 167 46.40 -16.85 -9.36
N ALA E 168 45.75 -15.76 -9.72
CA ALA E 168 46.48 -14.64 -10.31
C ALA E 168 47.45 -14.08 -9.28
N VAL E 169 46.92 -13.73 -8.11
CA VAL E 169 47.72 -13.19 -7.03
C VAL E 169 48.86 -14.19 -6.80
N GLN E 170 48.51 -15.46 -6.63
CA GLN E 170 49.48 -16.52 -6.42
C GLN E 170 50.62 -16.52 -7.43
N SER E 171 50.28 -16.43 -8.72
CA SER E 171 51.32 -16.39 -9.74
C SER E 171 52.40 -15.37 -9.31
N LEU E 172 51.96 -14.26 -8.70
CA LEU E 172 52.86 -13.21 -8.24
C LEU E 172 53.54 -13.58 -6.93
N ILE E 173 52.74 -13.86 -5.90
CA ILE E 173 53.24 -14.24 -4.59
C ILE E 173 54.50 -15.09 -4.72
N ASP E 174 54.32 -16.29 -5.26
CA ASP E 174 55.42 -17.20 -5.44
C ASP E 174 56.63 -16.61 -6.13
N SER E 175 56.42 -15.61 -6.97
CA SER E 175 57.51 -14.96 -7.69
C SER E 175 58.41 -14.00 -6.93
N GLY E 176 57.94 -13.50 -5.81
CA GLY E 176 58.75 -12.56 -5.06
C GLY E 176 57.97 -11.30 -4.89
N HIS E 177 56.72 -11.49 -4.52
CA HIS E 177 55.83 -10.37 -4.30
C HIS E 177 55.26 -10.43 -2.90
N LYS E 178 55.37 -9.32 -2.20
CA LYS E 178 54.89 -9.19 -0.85
C LYS E 178 53.90 -8.05 -0.89
N ASN E 179 54.20 -7.10 -1.77
CA ASN E 179 53.30 -5.98 -1.92
C ASN E 179 52.69 -6.06 -3.28
N ILE E 180 51.39 -6.35 -3.28
CA ILE E 180 50.61 -6.47 -4.50
C ILE E 180 49.29 -5.86 -4.12
N ALA E 181 48.76 -5.02 -5.01
CA ALA E 181 47.50 -4.37 -4.72
C ALA E 181 46.42 -4.92 -5.62
N PHE E 182 45.21 -4.40 -5.46
CA PHE E 182 44.06 -4.83 -6.23
C PHE E 182 43.27 -3.62 -6.73
N VAL E 183 43.31 -3.35 -8.03
CA VAL E 183 42.50 -2.26 -8.56
C VAL E 183 41.30 -3.05 -9.01
N SER E 184 40.09 -2.60 -8.68
CA SER E 184 38.94 -3.39 -9.09
C SER E 184 37.77 -2.58 -9.47
N GLY E 185 36.78 -3.29 -10.00
CA GLY E 185 35.56 -2.63 -10.41
C GLY E 185 34.78 -2.21 -9.19
N THR E 186 33.51 -1.88 -9.35
CA THR E 186 32.67 -1.46 -8.23
C THR E 186 32.54 -2.50 -7.12
N LEU E 187 33.18 -2.22 -5.97
CA LEU E 187 33.17 -3.10 -4.81
C LEU E 187 31.77 -3.43 -4.33
N GLU E 188 30.82 -2.56 -4.64
CA GLU E 188 29.44 -2.78 -4.23
C GLU E 188 28.74 -3.87 -5.06
N GLU E 189 29.40 -4.32 -6.12
CA GLU E 189 28.89 -5.38 -6.99
C GLU E 189 29.57 -6.64 -6.51
N PRO E 190 28.80 -7.71 -6.27
CA PRO E 190 29.28 -9.02 -5.80
C PRO E 190 30.48 -9.59 -6.56
N ILE E 191 30.49 -9.40 -7.86
CA ILE E 191 31.60 -9.95 -8.61
C ILE E 191 32.89 -9.46 -7.97
N ASN E 192 32.84 -8.30 -7.34
CA ASN E 192 34.04 -7.81 -6.70
C ASN E 192 34.15 -8.16 -5.23
N HIS E 193 33.25 -7.64 -4.41
CA HIS E 193 33.33 -7.92 -2.98
C HIS E 193 33.19 -9.39 -2.63
N ALA E 194 32.32 -10.10 -3.33
CA ALA E 194 32.08 -11.49 -3.02
C ALA E 194 33.14 -12.48 -3.48
N LYS E 195 33.64 -12.36 -4.69
CA LYS E 195 34.63 -13.34 -5.11
C LYS E 195 36.00 -12.85 -5.52
N LYS E 196 36.06 -11.61 -6.03
CA LYS E 196 37.32 -11.04 -6.49
C LYS E 196 38.26 -10.68 -5.34
N VAL E 197 37.76 -9.87 -4.42
CA VAL E 197 38.56 -9.46 -3.28
C VAL E 197 38.87 -10.68 -2.40
N LYS E 198 37.89 -11.54 -2.18
CA LYS E 198 38.07 -12.75 -1.38
C LYS E 198 39.23 -13.53 -1.97
N GLY E 199 39.12 -13.83 -3.25
CA GLY E 199 40.19 -14.55 -3.89
C GLY E 199 41.50 -13.88 -3.60
N TYR E 200 41.59 -12.59 -3.93
CA TYR E 200 42.82 -11.84 -3.72
C TYR E 200 43.29 -11.94 -2.28
N LYS E 201 42.41 -11.57 -1.35
CA LYS E 201 42.76 -11.63 0.06
C LYS E 201 43.34 -12.99 0.46
N ARG E 202 42.50 -14.01 0.50
CA ARG E 202 42.97 -15.33 0.87
C ARG E 202 44.35 -15.63 0.30
N ALA E 203 44.53 -15.36 -0.99
CA ALA E 203 45.80 -15.63 -1.62
C ALA E 203 46.97 -15.10 -0.78
N LEU E 204 46.74 -13.97 -0.11
CA LEU E 204 47.78 -13.36 0.72
C LEU E 204 47.84 -13.94 2.13
N THR E 205 46.70 -14.02 2.79
CA THR E 205 46.67 -14.57 4.11
C THR E 205 47.05 -16.04 4.03
N GLU E 206 47.12 -16.55 2.81
CA GLU E 206 47.47 -17.95 2.61
C GLU E 206 48.97 -18.08 2.77
N SER E 207 49.72 -17.27 2.03
CA SER E 207 51.18 -17.28 2.11
C SER E 207 51.62 -16.41 3.30
N GLY E 208 50.63 -15.98 4.09
CA GLY E 208 50.93 -15.16 5.24
C GLY E 208 51.54 -13.84 4.85
N LEU E 209 50.95 -13.20 3.84
CA LEU E 209 51.41 -11.91 3.37
C LEU E 209 50.21 -10.96 3.42
N PRO E 210 49.81 -10.57 4.64
CA PRO E 210 48.72 -9.70 5.12
C PRO E 210 48.29 -8.52 4.26
N VAL E 211 47.06 -8.06 4.46
CA VAL E 211 46.58 -6.96 3.65
C VAL E 211 46.02 -5.69 4.22
N ARG E 212 46.63 -4.63 3.71
CA ARG E 212 46.31 -3.25 4.01
C ARG E 212 45.10 -2.85 3.15
N ASP E 213 43.95 -2.64 3.81
CA ASP E 213 42.71 -2.27 3.13
C ASP E 213 42.92 -1.12 2.17
N SER E 214 44.06 -0.46 2.32
CA SER E 214 44.41 0.65 1.46
C SER E 214 44.70 0.15 0.06
N TYR E 215 45.54 -0.88 -0.04
CA TYR E 215 45.91 -1.45 -1.34
C TYR E 215 44.73 -1.82 -2.24
N ILE E 216 43.54 -1.89 -1.67
CA ILE E 216 42.37 -2.25 -2.46
C ILE E 216 41.72 -0.94 -2.92
N VAL E 217 42.23 -0.37 -4.01
CA VAL E 217 41.69 0.86 -4.58
C VAL E 217 40.54 0.53 -5.54
N GLU E 218 39.49 1.35 -5.56
CA GLU E 218 38.33 1.08 -6.40
C GLU E 218 38.11 2.05 -7.52
N GLY E 219 38.03 1.52 -8.72
CA GLY E 219 37.77 2.33 -9.88
C GLY E 219 36.51 1.78 -10.52
N ASP E 220 36.08 2.43 -11.60
CA ASP E 220 34.93 1.96 -12.34
C ASP E 220 35.64 1.05 -13.29
N TYR E 221 35.00 0.64 -14.37
CA TYR E 221 35.70 -0.24 -15.27
C TYR E 221 36.25 0.51 -16.50
N THR E 222 36.67 1.77 -16.31
CA THR E 222 37.17 2.60 -17.41
C THR E 222 38.67 2.66 -17.52
N TYR E 223 39.15 2.83 -18.74
CA TYR E 223 40.57 2.95 -19.00
C TYR E 223 41.20 4.00 -18.07
N ASP E 224 40.49 5.12 -17.91
CA ASP E 224 40.96 6.21 -17.07
C ASP E 224 41.08 5.81 -15.61
N SER E 225 40.05 5.13 -15.13
CA SER E 225 40.03 4.71 -13.74
C SER E 225 41.30 3.95 -13.47
N GLY E 226 41.78 3.29 -14.51
CA GLY E 226 43.00 2.52 -14.41
C GLY E 226 44.16 3.47 -14.28
N ILE E 227 44.10 4.62 -14.95
CA ILE E 227 45.19 5.55 -14.82
C ILE E 227 45.07 6.22 -13.43
N GLU E 228 43.85 6.34 -12.92
CA GLU E 228 43.65 6.95 -11.61
C GLU E 228 44.01 6.00 -10.44
N ALA E 229 43.71 4.72 -10.60
CA ALA E 229 44.00 3.74 -9.57
C ALA E 229 45.50 3.46 -9.40
N VAL E 230 46.32 3.80 -10.38
CA VAL E 230 47.75 3.58 -10.24
C VAL E 230 48.39 4.77 -9.58
N GLU E 231 48.04 5.96 -10.05
CA GLU E 231 48.60 7.16 -9.47
C GLU E 231 48.27 7.23 -7.97
N LYS E 232 47.11 6.72 -7.60
CA LYS E 232 46.76 6.76 -6.20
C LYS E 232 47.70 5.80 -5.49
N LEU E 233 47.75 4.57 -5.97
CA LEU E 233 48.61 3.55 -5.37
C LEU E 233 50.12 3.85 -5.43
N LEU E 234 50.54 4.75 -6.31
CA LEU E 234 51.95 5.07 -6.37
C LEU E 234 52.20 6.19 -5.37
N GLU E 235 51.09 6.80 -4.95
CA GLU E 235 51.08 7.89 -3.97
C GLU E 235 50.98 7.25 -2.59
N GLU E 236 51.47 6.01 -2.48
CA GLU E 236 51.47 5.30 -1.23
C GLU E 236 52.88 5.28 -0.68
N ASP E 237 53.02 5.07 0.63
CA ASP E 237 54.34 5.03 1.24
C ASP E 237 55.14 3.92 0.58
N GLU E 238 54.86 2.68 0.99
CA GLU E 238 55.51 1.50 0.45
C GLU E 238 54.71 0.99 -0.77
N LYS E 239 55.15 1.37 -1.95
CA LYS E 239 54.51 1.00 -3.20
C LYS E 239 54.55 -0.51 -3.46
N PRO E 240 53.48 -1.04 -4.09
CA PRO E 240 53.26 -2.45 -4.47
C PRO E 240 54.07 -2.86 -5.68
N THR E 241 54.81 -3.97 -5.60
CA THR E 241 55.60 -4.41 -6.74
C THR E 241 54.71 -5.06 -7.79
N ALA E 242 53.46 -5.31 -7.42
CA ALA E 242 52.53 -5.91 -8.35
C ALA E 242 51.11 -5.46 -8.06
N ILE E 243 50.29 -5.47 -9.10
CA ILE E 243 48.88 -5.14 -8.97
C ILE E 243 48.07 -6.23 -9.68
N PHE E 244 46.78 -6.29 -9.37
CA PHE E 244 45.86 -7.28 -9.95
C PHE E 244 44.64 -6.49 -10.35
N VAL E 245 44.41 -6.35 -11.66
CA VAL E 245 43.27 -5.55 -12.11
C VAL E 245 42.07 -6.39 -12.51
N GLY E 246 40.92 -6.04 -11.97
CA GLY E 246 39.72 -6.82 -12.26
C GLY E 246 39.18 -6.83 -13.69
N THR E 247 39.91 -6.19 -14.59
CA THR E 247 39.51 -6.06 -15.99
C THR E 247 40.75 -5.88 -16.79
N ASP E 248 40.64 -5.96 -18.12
CA ASP E 248 41.82 -5.81 -18.95
C ASP E 248 41.92 -4.37 -19.39
N GLU E 249 40.75 -3.76 -19.61
CA GLU E 249 40.74 -2.36 -19.99
C GLU E 249 41.30 -1.64 -18.79
N ALA E 251 43.11 -2.68 -16.48
CA ALA E 251 44.51 -3.01 -16.40
C ALA E 251 45.32 -2.26 -17.44
N LEU E 252 44.70 -1.93 -18.57
CA LEU E 252 45.39 -1.19 -19.61
C LEU E 252 45.64 0.24 -19.16
N GLY E 253 44.73 0.74 -18.32
CA GLY E 253 44.82 2.08 -17.77
C GLY E 253 45.82 2.13 -16.62
N VAL E 254 46.11 0.97 -16.03
CA VAL E 254 47.07 0.92 -14.94
C VAL E 254 48.48 0.86 -15.55
N ILE E 255 48.63 0.03 -16.58
CA ILE E 255 49.91 -0.09 -17.27
C ILE E 255 50.37 1.27 -17.81
N HIS E 256 49.66 1.83 -18.78
CA HIS E 256 50.04 3.14 -19.31
C HIS E 256 50.24 4.13 -18.18
N GLY E 257 49.37 4.03 -17.17
CA GLY E 257 49.45 4.92 -16.02
C GLY E 257 50.85 4.97 -15.44
N ALA E 258 51.34 3.81 -15.01
CA ALA E 258 52.68 3.73 -14.45
C ALA E 258 53.73 4.25 -15.46
N GLN E 259 53.55 3.93 -16.73
CA GLN E 259 54.52 4.38 -17.72
C GLN E 259 54.58 5.90 -17.81
N ASP E 260 53.42 6.55 -17.86
CA ASP E 260 53.37 8.01 -17.95
C ASP E 260 53.92 8.64 -16.68
N ARG E 261 54.09 7.83 -15.64
CA ARG E 261 54.63 8.24 -14.34
C ARG E 261 56.16 8.06 -14.26
N GLY E 262 56.66 6.96 -14.82
CA GLY E 262 58.10 6.76 -14.79
C GLY E 262 58.56 5.34 -14.60
N LEU E 263 57.61 4.42 -14.53
CA LEU E 263 57.96 3.03 -14.33
C LEU E 263 57.70 2.24 -15.60
N ASN E 264 58.54 1.26 -15.88
CA ASN E 264 58.33 0.44 -17.05
C ASN E 264 57.75 -0.89 -16.61
N VAL E 265 56.44 -0.93 -16.77
CA VAL E 265 55.53 -2.02 -16.43
C VAL E 265 56.12 -3.38 -16.12
N PRO E 266 56.97 -3.91 -17.00
CA PRO E 266 57.50 -5.23 -16.66
C PRO E 266 58.31 -5.29 -15.37
N ASN E 267 59.34 -4.46 -15.25
CA ASN E 267 60.20 -4.50 -14.09
C ASN E 267 59.68 -3.81 -12.84
N ASP E 268 59.69 -2.49 -12.85
CA ASP E 268 59.22 -1.70 -11.72
C ASP E 268 58.01 -2.35 -11.04
N LEU E 269 56.95 -2.66 -11.80
CA LEU E 269 55.78 -3.35 -11.22
C LEU E 269 55.01 -4.19 -12.27
N GLU E 270 54.94 -5.50 -12.04
CA GLU E 270 54.25 -6.45 -12.90
C GLU E 270 52.76 -6.18 -12.78
N ILE E 271 52.03 -6.33 -13.89
CA ILE E 271 50.58 -6.12 -13.92
C ILE E 271 49.81 -7.28 -14.57
N ILE E 272 48.82 -7.80 -13.85
CA ILE E 272 48.00 -8.90 -14.34
C ILE E 272 46.48 -8.58 -14.37
N GLY E 273 45.89 -8.62 -15.56
CA GLY E 273 44.48 -8.29 -15.71
C GLY E 273 43.54 -9.47 -15.65
N PHE E 274 42.29 -9.28 -16.05
CA PHE E 274 41.30 -10.36 -16.02
C PHE E 274 40.36 -10.30 -17.23
N ASP E 275 40.05 -11.48 -17.80
CA ASP E 275 39.18 -11.62 -18.97
C ASP E 275 39.96 -12.09 -20.21
N ASN E 276 40.93 -11.29 -20.62
CA ASN E 276 41.74 -11.59 -21.79
C ASN E 276 40.98 -11.29 -23.05
N THR E 277 40.48 -10.06 -23.16
CA THR E 277 39.80 -9.61 -24.37
C THR E 277 40.97 -9.30 -25.28
N ARG E 278 40.67 -9.11 -26.55
CA ARG E 278 41.69 -8.81 -27.53
C ARG E 278 42.67 -7.77 -27.01
N LEU E 279 42.15 -6.72 -26.40
CA LEU E 279 43.00 -5.69 -25.87
C LEU E 279 44.35 -6.17 -25.32
N SER E 280 44.35 -7.14 -24.42
CA SER E 280 45.62 -7.62 -23.86
C SER E 280 46.80 -7.61 -24.86
N THR E 281 46.51 -7.90 -26.11
CA THR E 281 47.54 -7.93 -27.15
C THR E 281 47.92 -6.54 -27.63
N VAL E 283 48.48 -3.86 -26.15
CA VAL E 283 49.27 -3.04 -25.22
C VAL E 283 50.78 -3.27 -25.30
N ARG E 284 51.56 -2.24 -24.90
CA ARG E 284 53.02 -2.28 -24.91
C ARG E 284 53.44 -3.60 -24.27
N PRO E 285 53.49 -3.69 -22.94
CA PRO E 285 53.89 -5.04 -22.54
C PRO E 285 52.62 -5.87 -22.71
N GLN E 286 52.56 -6.76 -23.70
CA GLN E 286 51.34 -7.53 -23.87
C GLN E 286 50.89 -7.99 -22.48
N LEU E 287 49.63 -7.65 -22.17
CA LEU E 287 48.99 -7.90 -20.88
C LEU E 287 48.58 -9.31 -20.49
N THR E 288 49.24 -9.80 -19.45
CA THR E 288 48.99 -11.11 -18.89
C THR E 288 47.65 -11.03 -18.19
N SER E 289 46.67 -11.81 -18.63
CA SER E 289 45.35 -11.77 -18.00
C SER E 289 44.69 -13.11 -17.80
N VAL E 290 44.07 -13.27 -16.63
CA VAL E 290 43.35 -14.49 -16.30
C VAL E 290 42.42 -14.65 -17.51
N VAL E 291 42.11 -15.88 -17.88
CA VAL E 291 41.25 -16.11 -19.05
C VAL E 291 39.85 -16.55 -18.64
N GLN E 292 38.85 -15.96 -19.28
CA GLN E 292 37.44 -16.28 -19.04
C GLN E 292 36.84 -16.52 -20.43
N PRO E 293 36.24 -17.70 -20.67
CA PRO E 293 35.66 -18.00 -21.98
C PRO E 293 34.29 -17.31 -22.24
N TYR E 295 32.66 -16.30 -25.00
CA TYR E 295 31.84 -17.03 -25.99
C TYR E 295 31.27 -18.31 -25.41
N ASP E 296 32.08 -18.99 -24.62
CA ASP E 296 31.66 -20.25 -24.02
C ASP E 296 30.55 -20.01 -23.01
N ILE E 297 30.61 -18.93 -22.24
CA ILE E 297 29.55 -18.75 -21.27
C ILE E 297 28.22 -18.75 -22.02
N GLY E 298 28.03 -17.80 -22.94
CA GLY E 298 26.77 -17.75 -23.71
C GLY E 298 26.53 -19.02 -24.53
N ALA E 299 27.54 -19.43 -25.29
CA ALA E 299 27.39 -20.65 -26.05
C ALA E 299 26.65 -21.56 -25.11
N VAL E 300 27.35 -21.93 -24.05
CA VAL E 300 26.85 -22.84 -23.03
C VAL E 300 25.63 -22.32 -22.31
N ALA E 301 25.59 -21.04 -21.99
CA ALA E 301 24.41 -20.54 -21.29
C ALA E 301 23.15 -20.78 -22.09
N ARG E 303 22.85 -23.04 -24.99
CA ARG E 303 22.65 -24.45 -25.23
C ARG E 303 21.96 -25.06 -24.01
N LEU E 304 22.52 -24.83 -22.83
CA LEU E 304 21.89 -25.38 -21.63
C LEU E 304 20.41 -25.08 -21.69
N LEU E 305 20.07 -23.80 -21.75
CA LEU E 305 18.68 -23.38 -21.82
C LEU E 305 17.89 -24.10 -22.92
N THR E 306 18.53 -24.59 -23.97
CA THR E 306 17.75 -25.25 -24.98
C THR E 306 17.26 -26.57 -24.41
N LYS E 307 18.07 -27.19 -23.55
CA LYS E 307 17.72 -28.47 -22.91
C LYS E 307 16.44 -28.27 -22.13
N TYR E 308 16.43 -27.29 -21.24
CA TYR E 308 15.23 -27.01 -20.43
C TYR E 308 13.97 -26.72 -21.25
N ASN E 310 13.61 -27.63 -24.44
CA ASN E 310 13.42 -28.84 -25.22
C ASN E 310 13.19 -30.05 -24.31
N LYS E 311 12.58 -29.73 -23.17
CA LYS E 311 12.21 -30.70 -22.14
C LYS E 311 13.28 -31.67 -21.67
N GLU E 312 14.28 -31.98 -22.48
CA GLU E 312 15.30 -32.91 -22.00
C GLU E 312 15.90 -32.32 -20.75
N THR E 313 16.39 -33.19 -19.87
CA THR E 313 17.01 -32.71 -18.65
C THR E 313 18.34 -33.40 -18.54
N VAL E 314 19.35 -32.63 -18.16
CA VAL E 314 20.69 -33.16 -17.98
C VAL E 314 21.12 -32.48 -16.67
N ASP E 315 21.93 -33.16 -15.86
CA ASP E 315 22.30 -32.59 -14.59
C ASP E 315 23.64 -31.92 -14.50
N SER E 316 23.53 -30.63 -14.26
CA SER E 316 24.62 -29.69 -14.12
C SER E 316 23.91 -28.42 -14.51
N SER E 317 23.27 -27.80 -13.52
CA SER E 317 22.56 -26.56 -13.72
C SER E 317 23.49 -25.49 -13.22
N ILE E 318 24.64 -25.90 -12.71
CA ILE E 318 25.59 -24.94 -12.22
C ILE E 318 26.96 -25.35 -12.70
N VAL E 319 27.20 -24.89 -13.92
CA VAL E 319 28.40 -25.19 -14.67
C VAL E 319 29.42 -24.14 -14.41
N GLN E 320 30.66 -24.61 -14.27
CA GLN E 320 31.79 -23.77 -14.03
C GLN E 320 32.70 -24.23 -15.08
N LEU E 321 32.91 -23.32 -16.00
CA LEU E 321 33.80 -23.57 -17.11
C LEU E 321 35.16 -23.21 -16.54
N PRO E 322 36.16 -23.99 -16.91
CA PRO E 322 37.51 -23.78 -16.46
C PRO E 322 38.13 -22.49 -16.81
N HIS E 323 39.21 -22.20 -16.10
CA HIS E 323 39.97 -21.00 -16.38
C HIS E 323 41.45 -21.33 -16.37
N ARG E 324 42.21 -20.28 -16.58
CA ARG E 324 43.66 -20.36 -16.64
C ARG E 324 44.19 -18.96 -16.90
N ILE E 325 45.50 -18.82 -16.92
CA ILE E 325 46.10 -17.54 -17.17
C ILE E 325 46.85 -17.56 -18.50
N GLU E 326 47.28 -16.41 -18.97
CA GLU E 326 48.03 -16.32 -20.21
C GLU E 326 49.13 -15.35 -19.87
N PHE E 327 50.32 -15.87 -19.62
CA PHE E 327 51.45 -15.02 -19.28
C PHE E 327 52.07 -14.43 -20.54
N ARG E 328 51.89 -13.12 -20.71
CA ARG E 328 52.46 -12.46 -21.87
C ARG E 328 53.77 -11.81 -21.41
N GLN E 329 54.01 -10.57 -21.81
CA GLN E 329 55.26 -9.91 -21.42
C GLN E 329 55.13 -9.13 -20.08
N SER E 330 53.93 -8.57 -19.89
CA SER E 330 53.53 -7.78 -18.72
C SER E 330 54.08 -8.21 -17.37
N THR E 331 54.44 -9.47 -17.24
CA THR E 331 54.95 -9.97 -15.98
C THR E 331 55.70 -11.25 -16.29
N LYS E 332 56.40 -11.79 -15.30
CA LYS E 332 57.16 -13.03 -15.49
C LYS E 332 56.39 -14.21 -16.19
N ASN F 2 -2.41 -17.04 -17.04
CA ASN F 2 -3.34 -17.57 -18.04
C ASN F 2 -4.69 -16.79 -17.97
N VAL F 3 -4.75 -15.93 -16.97
CA VAL F 3 -5.94 -15.16 -16.81
C VAL F 3 -5.99 -14.30 -18.00
N THR F 4 -6.77 -14.77 -18.96
CA THR F 4 -6.84 -14.04 -20.16
C THR F 4 -7.61 -12.70 -20.04
N ILE F 5 -7.62 -11.95 -21.13
CA ILE F 5 -8.30 -10.66 -21.19
C ILE F 5 -9.77 -10.89 -20.81
N TYR F 6 -10.35 -12.01 -21.25
CA TYR F 6 -11.74 -12.36 -20.94
C TYR F 6 -11.91 -12.55 -19.42
N ASP F 7 -10.93 -13.20 -18.80
CA ASP F 7 -10.95 -13.43 -17.36
C ASP F 7 -11.07 -12.10 -16.65
N VAL F 8 -10.35 -11.10 -17.13
CA VAL F 8 -10.42 -9.78 -16.52
C VAL F 8 -11.77 -9.11 -16.81
N ALA F 9 -12.25 -9.24 -18.04
CA ALA F 9 -13.53 -8.65 -18.43
C ALA F 9 -14.60 -8.98 -17.39
N ARG F 10 -14.35 -10.02 -16.59
CA ARG F 10 -15.28 -10.44 -15.54
C ARG F 10 -15.07 -9.62 -14.26
N GLU F 11 -13.84 -9.64 -13.74
CA GLU F 11 -13.53 -8.88 -12.54
C GLU F 11 -14.02 -7.44 -12.71
N ALA F 12 -13.60 -6.82 -13.80
CA ALA F 12 -14.00 -5.46 -14.09
C ALA F 12 -15.45 -5.44 -14.53
N SER F 13 -15.99 -6.62 -14.83
CA SER F 13 -17.37 -6.74 -15.27
C SER F 13 -17.69 -5.84 -16.47
N VAL F 14 -16.73 -5.72 -17.38
CA VAL F 14 -16.90 -4.92 -18.59
C VAL F 14 -16.63 -5.84 -19.77
N SER F 15 -16.81 -5.33 -20.98
CA SER F 15 -16.54 -6.16 -22.15
C SER F 15 -15.04 -6.40 -22.25
N ALA F 17 -13.74 -5.50 -25.37
CA ALA F 17 -13.44 -4.43 -26.31
C ALA F 17 -12.96 -3.25 -25.47
N THR F 18 -13.41 -3.26 -24.21
CA THR F 18 -13.09 -2.27 -23.17
C THR F 18 -11.75 -2.45 -22.43
N VAL F 19 -11.41 -3.66 -22.02
CA VAL F 19 -10.14 -3.82 -21.35
C VAL F 19 -9.11 -3.54 -22.44
N SER F 20 -9.41 -4.00 -23.66
CA SER F 20 -8.54 -3.77 -24.81
C SER F 20 -8.17 -2.28 -24.83
N ARG F 21 -9.14 -1.45 -24.47
CA ARG F 21 -8.93 -0.01 -24.45
C ARG F 21 -8.07 0.37 -23.26
N VAL F 22 -8.46 -0.04 -22.06
CA VAL F 22 -7.69 0.36 -20.89
C VAL F 22 -6.24 0.01 -21.11
N VAL F 23 -5.99 -1.24 -21.50
CA VAL F 23 -4.63 -1.72 -21.71
C VAL F 23 -3.79 -0.80 -22.59
N ASN F 24 -4.40 -0.26 -23.63
CA ASN F 24 -3.68 0.61 -24.57
C ASN F 24 -3.94 2.11 -24.39
N GLY F 25 -4.49 2.51 -23.25
CA GLY F 25 -4.79 3.93 -23.06
C GLY F 25 -5.56 4.37 -24.30
N ASN F 26 -6.79 3.87 -24.39
CA ASN F 26 -7.64 4.16 -25.53
C ASN F 26 -8.34 5.51 -25.52
N PRO F 27 -8.98 5.81 -26.64
CA PRO F 27 -9.70 7.06 -26.80
C PRO F 27 -10.95 7.13 -25.94
N ASN F 28 -10.79 7.72 -24.77
CA ASN F 28 -11.89 7.85 -23.86
C ASN F 28 -12.32 6.57 -23.18
N VAL F 29 -12.41 6.67 -21.87
CA VAL F 29 -12.82 5.60 -20.98
C VAL F 29 -12.77 6.24 -19.59
N LYS F 30 -13.93 6.32 -18.96
CA LYS F 30 -14.07 6.94 -17.66
C LYS F 30 -12.98 6.62 -16.65
N PRO F 31 -12.31 7.67 -16.14
CA PRO F 31 -11.22 7.64 -15.15
C PRO F 31 -11.52 6.74 -13.95
N SER F 32 -12.79 6.66 -13.61
CA SER F 32 -13.21 5.86 -12.47
C SER F 32 -13.40 4.41 -12.90
N THR F 33 -13.93 4.23 -14.10
CA THR F 33 -14.20 2.89 -14.64
C THR F 33 -12.97 2.26 -15.28
N ARG F 34 -11.98 3.10 -15.59
CA ARG F 34 -10.72 2.67 -16.20
C ARG F 34 -9.75 2.22 -15.10
N LYS F 35 -9.70 2.97 -14.01
CA LYS F 35 -8.84 2.63 -12.90
C LYS F 35 -9.62 1.63 -12.05
N LYS F 36 -10.83 1.32 -12.51
CA LYS F 36 -11.67 0.36 -11.81
C LYS F 36 -11.22 -0.98 -12.34
N VAL F 37 -11.15 -1.06 -13.66
CA VAL F 37 -10.73 -2.27 -14.34
C VAL F 37 -9.22 -2.49 -14.15
N LEU F 38 -8.42 -1.51 -14.54
CA LEU F 38 -6.97 -1.58 -14.40
C LEU F 38 -6.67 -1.98 -12.95
N GLU F 39 -7.66 -1.77 -12.09
CA GLU F 39 -7.56 -2.08 -10.68
C GLU F 39 -7.64 -3.58 -10.47
N THR F 40 -8.72 -4.19 -10.94
CA THR F 40 -8.86 -5.63 -10.76
C THR F 40 -7.87 -6.40 -11.65
N ILE F 41 -7.21 -5.69 -12.55
CA ILE F 41 -6.22 -6.31 -13.45
C ILE F 41 -5.02 -6.76 -12.66
N GLU F 42 -4.34 -5.80 -12.05
CA GLU F 42 -3.18 -6.10 -11.26
C GLU F 42 -3.55 -7.04 -10.12
N ARG F 43 -4.79 -6.94 -9.65
CA ARG F 43 -5.25 -7.80 -8.57
C ARG F 43 -4.87 -9.22 -8.94
N LEU F 44 -5.33 -9.66 -10.11
CA LEU F 44 -5.03 -11.00 -10.60
C LEU F 44 -3.53 -11.18 -10.82
N GLY F 45 -3.13 -11.05 -12.07
CA GLY F 45 -1.74 -11.21 -12.47
C GLY F 45 -1.70 -11.27 -13.98
N TYR F 46 -2.79 -10.83 -14.61
CA TYR F 46 -2.92 -10.82 -16.06
C TYR F 46 -1.73 -10.15 -16.72
N ARG F 47 -1.24 -10.78 -17.79
CA ARG F 47 -0.12 -10.27 -18.57
C ARG F 47 -0.55 -10.27 -20.02
N PRO F 48 -0.78 -9.07 -20.59
CA PRO F 48 -1.21 -9.03 -21.99
C PRO F 48 -0.29 -9.88 -22.86
N ASN F 49 -0.87 -10.57 -23.84
CA ASN F 49 -0.13 -11.42 -24.77
C ASN F 49 0.25 -10.69 -26.04
N ALA F 50 1.53 -10.43 -26.23
CA ALA F 50 2.01 -9.73 -27.42
C ALA F 50 1.83 -10.50 -28.74
N VAL F 51 1.58 -11.80 -28.66
CA VAL F 51 1.40 -12.60 -29.86
C VAL F 51 -0.04 -12.58 -30.34
N ALA F 52 -0.97 -12.56 -29.40
CA ALA F 52 -2.40 -12.49 -29.70
C ALA F 52 -2.69 -11.19 -30.41
N ARG F 53 -2.00 -10.13 -29.96
CA ARG F 53 -2.18 -8.80 -30.51
C ARG F 53 -1.48 -8.70 -31.84
N GLY F 54 -0.27 -9.24 -31.90
CA GLY F 54 0.44 -9.16 -33.15
C GLY F 54 -0.53 -9.59 -34.22
N LEU F 55 -1.11 -10.79 -34.02
CA LEU F 55 -2.05 -11.41 -34.94
C LEU F 55 -3.25 -10.58 -35.28
N ALA F 56 -3.90 -10.08 -34.24
CA ALA F 56 -5.13 -9.29 -34.39
C ALA F 56 -4.91 -7.93 -35.02
N SER F 57 -3.69 -7.42 -34.94
CA SER F 57 -3.39 -6.09 -35.46
C SER F 57 -2.28 -5.95 -36.51
N LYS F 58 -1.74 -7.06 -36.98
CA LYS F 58 -0.67 -7.07 -37.99
C LYS F 58 0.52 -6.13 -37.72
N LYS F 59 0.92 -5.99 -36.46
CA LYS F 59 2.07 -5.15 -36.08
C LYS F 59 2.63 -5.79 -34.81
N THR F 60 3.95 -5.91 -34.71
CA THR F 60 4.54 -6.54 -33.54
C THR F 60 5.29 -5.63 -32.59
N THR F 61 5.62 -4.43 -33.05
CA THR F 61 6.37 -3.49 -32.24
C THR F 61 7.73 -4.11 -31.95
N THR F 62 8.27 -4.75 -33.00
CA THR F 62 9.59 -5.34 -32.97
C THR F 62 10.15 -5.23 -34.37
N VAL F 63 11.40 -4.77 -34.42
CA VAL F 63 12.14 -4.55 -35.64
C VAL F 63 13.12 -5.69 -35.72
N GLY F 64 13.63 -5.96 -36.92
CA GLY F 64 14.63 -7.01 -37.06
C GLY F 64 15.93 -6.37 -37.47
N VAL F 65 17.03 -6.72 -36.84
CA VAL F 65 18.29 -6.11 -37.21
C VAL F 65 19.29 -7.16 -37.51
N ILE F 66 19.98 -6.93 -38.63
CA ILE F 66 20.98 -7.83 -39.17
C ILE F 66 22.35 -7.19 -39.37
N ILE F 67 23.21 -7.32 -38.37
CA ILE F 67 24.56 -6.76 -38.48
C ILE F 67 25.50 -7.92 -38.72
N PRO F 68 26.68 -7.63 -39.29
CA PRO F 68 27.67 -8.67 -39.56
C PRO F 68 28.01 -9.44 -38.30
N ASP F 69 28.58 -8.74 -37.31
CA ASP F 69 29.00 -9.35 -36.05
C ASP F 69 28.90 -8.53 -34.72
N ILE F 70 27.89 -8.78 -33.86
CA ILE F 70 27.83 -8.00 -32.61
C ILE F 70 29.05 -8.23 -31.74
N SER F 71 29.97 -9.10 -32.14
CA SER F 71 31.17 -9.34 -31.33
C SER F 71 32.25 -8.28 -31.55
N ASN F 72 32.28 -7.69 -32.75
CA ASN F 72 33.25 -6.65 -33.05
C ASN F 72 32.75 -5.28 -32.52
N ILE F 73 33.56 -4.64 -31.69
CA ILE F 73 33.17 -3.34 -31.11
C ILE F 73 32.42 -2.39 -32.02
N PHE F 74 32.84 -2.30 -33.28
CA PHE F 74 32.19 -1.43 -34.24
C PHE F 74 30.67 -1.67 -34.20
N TYR F 75 30.23 -2.82 -34.68
CA TYR F 75 28.82 -3.15 -34.71
C TYR F 75 28.14 -3.08 -33.35
N ALA F 76 28.77 -3.66 -32.32
CA ALA F 76 28.17 -3.64 -30.98
C ALA F 76 27.74 -2.23 -30.55
N GLU F 77 28.61 -1.24 -30.75
CA GLU F 77 28.28 0.12 -30.38
C GLU F 77 27.13 0.56 -31.28
N LEU F 78 27.22 0.19 -32.55
CA LEU F 78 26.21 0.55 -33.52
C LEU F 78 24.94 -0.11 -33.04
N ALA F 79 25.03 -1.40 -32.73
CA ALA F 79 23.86 -2.11 -32.19
C ALA F 79 23.30 -1.41 -30.93
N ARG F 80 24.18 -1.03 -30.01
CA ARG F 80 23.72 -0.36 -28.82
C ARG F 80 22.93 0.81 -29.32
N GLY F 81 23.53 1.55 -30.24
CA GLY F 81 22.85 2.69 -30.80
C GLY F 81 21.41 2.43 -31.22
N ILE F 82 21.20 1.29 -31.87
CA ILE F 82 19.85 0.97 -32.32
C ILE F 82 18.89 0.64 -31.19
N GLU F 83 19.33 -0.26 -30.31
CA GLU F 83 18.52 -0.72 -29.19
C GLU F 83 17.99 0.39 -28.32
N ASP F 84 18.87 1.29 -27.88
CA ASP F 84 18.42 2.37 -27.03
C ASP F 84 17.26 3.15 -27.64
N ILE F 85 17.32 3.32 -28.95
CA ILE F 85 16.30 4.04 -29.67
C ILE F 85 15.04 3.23 -29.91
N ALA F 86 15.19 1.94 -30.28
CA ALA F 86 14.00 1.15 -30.46
C ALA F 86 13.25 1.15 -29.14
N THR F 87 14.00 0.96 -28.04
CA THR F 87 13.37 1.02 -26.72
C THR F 87 12.75 2.37 -26.44
N TYR F 89 11.43 4.13 -28.28
CA TYR F 89 10.16 4.14 -29.01
C TYR F 89 9.30 2.87 -28.83
N LYS F 90 9.50 2.21 -27.68
CA LYS F 90 8.78 1.01 -27.26
C LYS F 90 8.78 -0.15 -28.24
N TYR F 91 9.95 -0.42 -28.81
CA TYR F 91 10.14 -1.46 -29.79
C TYR F 91 11.10 -2.46 -29.22
N ASN F 92 10.85 -3.73 -29.54
CA ASN F 92 11.74 -4.80 -29.13
C ASN F 92 12.46 -5.04 -30.44
N ILE F 93 13.68 -5.56 -30.41
CA ILE F 93 14.37 -5.83 -31.68
C ILE F 93 14.79 -7.31 -31.78
N ILE F 94 15.00 -7.79 -33.00
CA ILE F 94 15.45 -9.16 -33.16
C ILE F 94 16.81 -9.07 -33.83
N LEU F 95 17.81 -9.58 -33.16
CA LEU F 95 19.18 -9.51 -33.63
C LEU F 95 19.68 -10.82 -34.21
N SER F 96 20.46 -10.70 -35.28
CA SER F 96 20.94 -11.87 -35.96
C SER F 96 22.25 -11.52 -36.59
N ASN F 97 23.23 -12.43 -36.50
CA ASN F 97 24.54 -12.20 -37.06
C ASN F 97 24.61 -12.87 -38.41
N SER F 98 25.04 -12.13 -39.43
CA SER F 98 25.12 -12.65 -40.80
C SER F 98 26.53 -13.01 -41.16
N ASP F 99 27.48 -12.23 -40.67
CA ASP F 99 28.87 -12.48 -40.96
C ASP F 99 29.21 -12.13 -42.39
N GLN F 100 28.51 -11.15 -42.93
CA GLN F 100 28.77 -10.66 -44.28
C GLN F 100 28.61 -11.67 -45.38
N ASN F 101 28.09 -12.85 -45.07
CA ASN F 101 27.92 -13.85 -46.11
C ASN F 101 26.54 -13.82 -46.74
N GLN F 102 26.50 -13.67 -48.07
CA GLN F 102 25.30 -13.52 -48.90
C GLN F 102 24.03 -14.30 -48.61
N ASP F 103 24.16 -15.56 -48.26
CA ASP F 103 22.97 -16.35 -47.99
C ASP F 103 22.21 -15.98 -46.71
N LYS F 104 22.90 -16.09 -45.56
CA LYS F 104 22.30 -15.77 -44.26
C LYS F 104 21.53 -14.46 -44.26
N GLU F 105 22.11 -13.43 -44.88
CA GLU F 105 21.46 -12.12 -44.94
C GLU F 105 20.06 -12.27 -45.50
N LEU F 106 19.94 -13.09 -46.56
CA LEU F 106 18.64 -13.35 -47.20
C LEU F 106 17.83 -14.31 -46.32
N HIS F 107 18.45 -15.39 -45.86
CA HIS F 107 17.69 -16.28 -44.99
C HIS F 107 17.07 -15.39 -43.93
N LEU F 108 17.91 -14.79 -43.08
CA LEU F 108 17.50 -13.90 -41.98
C LEU F 108 16.41 -12.94 -42.41
N LEU F 109 16.66 -12.26 -43.51
CA LEU F 109 15.71 -11.28 -44.02
C LEU F 109 14.38 -11.96 -44.25
N ASN F 110 14.41 -13.27 -44.51
CA ASN F 110 13.19 -14.02 -44.72
C ASN F 110 12.58 -14.36 -43.38
N ASN F 111 13.34 -15.06 -42.55
CA ASN F 111 12.87 -15.45 -41.26
C ASN F 111 12.33 -14.21 -40.56
N LEU F 113 11.13 -11.11 -41.96
CA LEU F 113 9.80 -10.80 -42.51
C LEU F 113 8.81 -11.87 -42.19
N GLY F 114 9.27 -13.11 -42.10
CA GLY F 114 8.37 -14.17 -41.78
C GLY F 114 7.94 -14.05 -40.33
N LYS F 115 8.86 -13.62 -39.48
CA LYS F 115 8.58 -13.45 -38.06
C LYS F 115 7.77 -12.18 -37.83
N GLN F 116 7.17 -11.66 -38.90
CA GLN F 116 6.32 -10.49 -38.82
C GLN F 116 6.89 -9.18 -38.26
N VAL F 117 8.13 -8.83 -38.63
CA VAL F 117 8.69 -7.59 -38.10
C VAL F 117 7.95 -6.34 -38.59
N ASP F 118 8.28 -5.20 -37.99
CA ASP F 118 7.65 -3.95 -38.36
C ASP F 118 8.61 -3.05 -39.16
N GLY F 119 9.85 -3.50 -39.29
CA GLY F 119 10.83 -2.74 -40.03
C GLY F 119 12.15 -3.49 -39.95
N ILE F 120 13.08 -3.17 -40.84
CA ILE F 120 14.36 -3.86 -40.82
C ILE F 120 15.51 -2.90 -40.92
N ILE F 121 16.51 -3.11 -40.09
CA ILE F 121 17.66 -2.29 -40.15
C ILE F 121 18.67 -3.30 -40.64
N PHE F 122 19.20 -3.01 -41.81
CA PHE F 122 20.16 -3.92 -42.38
C PHE F 122 21.49 -3.20 -42.42
N SER F 124 25.64 -4.17 -43.79
CA SER F 124 26.64 -5.05 -44.37
C SER F 124 27.72 -4.18 -44.99
N GLY F 125 28.86 -4.80 -45.33
CA GLY F 125 29.97 -4.08 -45.93
C GLY F 125 29.95 -4.06 -47.45
N ASN F 126 29.12 -4.93 -48.04
CA ASN F 126 29.00 -5.02 -49.48
C ASN F 126 27.54 -5.32 -49.82
N VAL F 127 26.74 -4.27 -50.04
CA VAL F 127 25.31 -4.43 -50.38
C VAL F 127 25.08 -4.75 -51.87
N THR F 128 25.34 -6.00 -52.24
CA THR F 128 25.21 -6.53 -53.60
C THR F 128 23.98 -6.01 -54.35
N GLU F 129 24.04 -6.12 -55.68
CA GLU F 129 22.94 -5.66 -56.50
C GLU F 129 21.70 -6.48 -56.15
N GLU F 130 21.91 -7.77 -55.89
CA GLU F 130 20.85 -8.71 -55.53
C GLU F 130 20.13 -8.25 -54.25
N HIS F 131 20.91 -7.83 -53.23
CA HIS F 131 20.38 -7.33 -51.95
C HIS F 131 19.31 -6.30 -52.20
N VAL F 132 19.56 -5.39 -53.12
CA VAL F 132 18.58 -4.36 -53.41
C VAL F 132 17.36 -4.95 -54.09
N GLU F 133 17.57 -5.92 -54.98
CA GLU F 133 16.47 -6.61 -55.65
C GLU F 133 15.69 -7.21 -54.50
N GLU F 134 16.45 -7.85 -53.61
CA GLU F 134 15.96 -8.52 -52.39
C GLU F 134 15.25 -7.55 -51.43
N LEU F 135 16.04 -6.71 -50.77
CA LEU F 135 15.53 -5.73 -49.79
C LEU F 135 14.37 -4.86 -50.27
N LYS F 136 14.27 -4.61 -51.57
CA LYS F 136 13.20 -3.74 -52.07
C LYS F 136 11.87 -4.47 -52.19
N LYS F 137 11.89 -5.78 -51.97
CA LYS F 137 10.68 -6.60 -52.08
C LYS F 137 9.94 -6.72 -50.73
N SER F 138 10.69 -6.47 -49.64
CA SER F 138 10.14 -6.52 -48.30
C SER F 138 8.83 -5.78 -48.23
N PRO F 139 7.96 -6.18 -47.30
CA PRO F 139 6.65 -5.56 -47.08
C PRO F 139 6.64 -4.50 -46.00
N VAL F 140 7.84 -4.18 -45.49
CA VAL F 140 8.00 -3.16 -44.43
C VAL F 140 9.25 -2.30 -44.64
N PRO F 141 9.27 -1.08 -44.04
CA PRO F 141 10.36 -0.10 -44.14
C PRO F 141 11.70 -0.75 -43.92
N VAL F 142 12.72 -0.27 -44.62
CA VAL F 142 14.06 -0.82 -44.49
C VAL F 142 15.07 0.27 -44.62
N VAL F 143 16.02 0.32 -43.68
CA VAL F 143 17.10 1.31 -43.73
C VAL F 143 18.50 0.75 -43.43
N LEU F 144 19.48 1.31 -44.12
CA LEU F 144 20.86 0.89 -43.94
C LEU F 144 21.48 1.87 -42.98
N ALA F 145 22.40 1.34 -42.19
CA ALA F 145 23.10 2.15 -41.23
C ALA F 145 24.56 1.89 -41.52
N ALA F 146 25.31 2.94 -41.79
CA ALA F 146 26.73 2.82 -42.06
C ALA F 146 26.96 1.65 -42.98
N SER F 147 26.06 1.45 -43.95
CA SER F 147 26.20 0.33 -44.86
C SER F 147 26.37 0.85 -46.26
N ILE F 148 27.32 0.25 -46.96
CA ILE F 148 27.71 0.63 -48.32
C ILE F 148 26.62 0.41 -49.41
N GLU F 149 25.86 1.46 -49.71
CA GLU F 149 24.79 1.43 -50.72
C GLU F 149 25.14 2.23 -51.97
N SER F 150 24.77 1.71 -53.13
CA SER F 150 25.08 2.35 -54.39
C SER F 150 24.02 3.25 -54.99
N THR F 151 22.94 2.66 -55.49
CA THR F 151 21.88 3.44 -56.11
C THR F 151 21.10 4.39 -55.18
N ASN F 152 21.47 4.45 -53.91
CA ASN F 152 20.76 5.32 -52.98
C ASN F 152 19.27 5.16 -53.23
N GLN F 153 18.85 3.90 -53.42
CA GLN F 153 17.46 3.54 -53.70
C GLN F 153 16.72 3.19 -52.40
N ILE F 154 17.43 2.55 -51.48
CA ILE F 154 16.85 2.18 -50.17
C ILE F 154 17.50 3.12 -49.12
N PRO F 155 16.68 3.78 -48.25
CA PRO F 155 17.17 4.71 -47.22
C PRO F 155 18.40 4.25 -46.48
N SER F 156 19.35 5.14 -46.33
CA SER F 156 20.58 4.78 -45.65
C SER F 156 20.95 5.86 -44.66
N VAL F 157 21.92 5.55 -43.82
CA VAL F 157 22.40 6.50 -42.84
C VAL F 157 23.89 6.31 -42.79
N THR F 158 24.66 7.40 -42.96
CA THR F 158 26.11 7.28 -42.91
C THR F 158 26.85 8.61 -42.98
N ILE F 159 28.18 8.55 -43.05
CA ILE F 159 29.08 9.71 -43.16
C ILE F 159 29.96 9.52 -44.42
N ASP F 160 30.32 10.60 -45.12
CA ASP F 160 31.09 10.46 -46.35
C ASP F 160 32.48 9.91 -46.18
N TYR F 161 32.60 8.59 -46.13
CA TYR F 161 33.89 7.92 -45.96
C TYR F 161 34.87 8.42 -46.99
N GLU F 162 34.35 9.20 -47.94
CA GLU F 162 35.16 9.78 -49.01
C GLU F 162 35.71 11.12 -48.49
N GLN F 163 34.81 12.01 -48.09
CA GLN F 163 35.24 13.28 -47.56
C GLN F 163 36.15 12.98 -46.39
N ALA F 164 35.62 12.28 -45.39
CA ALA F 164 36.41 11.92 -44.22
C ALA F 164 37.77 11.37 -44.62
N ALA F 165 37.85 10.81 -45.81
CA ALA F 165 39.13 10.30 -46.29
C ALA F 165 39.95 11.53 -46.63
N PHE F 166 39.41 12.34 -47.53
CA PHE F 166 40.07 13.57 -47.97
C PHE F 166 40.47 14.45 -46.76
N ASP F 167 39.48 14.93 -46.00
CA ASP F 167 39.75 15.78 -44.84
C ASP F 167 40.88 15.26 -43.97
N ALA F 168 40.87 13.97 -43.69
CA ALA F 168 41.90 13.40 -42.86
C ALA F 168 43.28 13.60 -43.45
N VAL F 169 43.49 13.09 -44.66
CA VAL F 169 44.78 13.23 -45.33
C VAL F 169 45.16 14.69 -45.50
N GLN F 170 44.27 15.51 -46.05
CA GLN F 170 44.58 16.93 -46.22
C GLN F 170 45.36 17.44 -45.00
N SER F 171 44.81 17.23 -43.82
CA SER F 171 45.47 17.64 -42.60
C SER F 171 46.97 17.44 -42.70
N LEU F 172 47.36 16.27 -43.21
CA LEU F 172 48.77 15.88 -43.40
C LEU F 172 49.54 16.65 -44.48
N ILE F 173 48.84 17.00 -45.55
CA ILE F 173 49.41 17.76 -46.66
C ILE F 173 49.75 19.16 -46.13
N ASP F 174 48.79 19.72 -45.39
CA ASP F 174 48.94 21.05 -44.81
C ASP F 174 50.18 21.18 -43.90
N SER F 175 50.74 20.08 -43.42
CA SER F 175 51.91 20.16 -42.55
C SER F 175 53.27 19.96 -43.16
N GLY F 176 53.31 19.57 -44.42
CA GLY F 176 54.61 19.39 -45.03
C GLY F 176 54.88 17.94 -45.29
N HIS F 177 53.89 17.25 -45.82
CA HIS F 177 54.19 15.89 -46.04
C HIS F 177 54.00 15.57 -47.52
N LYS F 178 55.09 15.05 -48.09
CA LYS F 178 55.12 14.66 -49.49
C LYS F 178 55.04 13.14 -49.60
N ASN F 179 55.61 12.43 -48.62
CA ASN F 179 55.57 10.96 -48.62
C ASN F 179 54.63 10.32 -47.58
N ILE F 180 53.33 10.42 -47.86
CA ILE F 180 52.31 9.88 -46.97
C ILE F 180 51.68 8.58 -47.49
N ALA F 181 51.92 7.49 -46.76
CA ALA F 181 51.39 6.18 -47.15
C ALA F 181 49.94 5.97 -46.71
N PHE F 182 49.39 4.81 -47.06
CA PHE F 182 48.02 4.48 -46.70
C PHE F 182 47.79 3.00 -46.45
N VAL F 183 47.46 2.66 -45.21
CA VAL F 183 47.17 1.29 -44.86
C VAL F 183 45.65 1.16 -44.91
N SER F 184 45.15 -0.04 -45.21
CA SER F 184 43.71 -0.25 -45.31
C SER F 184 43.28 -1.69 -45.18
N GLY F 185 41.97 -1.87 -45.29
CA GLY F 185 41.41 -3.20 -45.18
C GLY F 185 41.10 -3.78 -46.54
N THR F 186 40.59 -5.02 -46.52
CA THR F 186 40.22 -5.77 -47.72
C THR F 186 39.84 -4.84 -48.84
N LEU F 187 40.57 -4.99 -49.95
CA LEU F 187 40.37 -4.16 -51.12
C LEU F 187 39.02 -4.41 -51.81
N GLU F 188 38.48 -5.62 -51.67
CA GLU F 188 37.21 -6.02 -52.28
C GLU F 188 36.02 -5.43 -51.54
N GLU F 189 36.30 -4.40 -50.76
CA GLU F 189 35.30 -3.74 -49.94
C GLU F 189 35.08 -2.28 -50.29
N PRO F 190 33.85 -1.93 -50.73
CA PRO F 190 33.39 -0.59 -51.13
C PRO F 190 33.94 0.54 -50.26
N ILE F 191 33.64 0.51 -48.97
CA ILE F 191 34.17 1.51 -48.04
C ILE F 191 35.66 1.79 -48.41
N ASN F 192 36.44 0.73 -48.61
CA ASN F 192 37.83 0.88 -48.99
C ASN F 192 37.88 1.42 -50.42
N HIS F 193 38.01 0.51 -51.38
CA HIS F 193 38.06 0.83 -52.81
C HIS F 193 37.18 2.06 -53.12
N ALA F 194 35.86 1.89 -53.01
CA ALA F 194 34.90 2.94 -53.29
C ALA F 194 35.17 4.35 -52.75
N LYS F 195 35.18 4.53 -51.43
CA LYS F 195 35.37 5.84 -50.79
C LYS F 195 36.68 6.15 -50.07
N LYS F 196 37.25 5.15 -49.41
CA LYS F 196 38.51 5.31 -48.68
C LYS F 196 39.65 5.77 -49.57
N VAL F 197 40.03 4.90 -50.51
CA VAL F 197 41.13 5.21 -51.42
C VAL F 197 40.78 6.44 -52.27
N LYS F 198 39.53 6.56 -52.69
CA LYS F 198 39.13 7.71 -53.46
C LYS F 198 39.55 8.95 -52.72
N GLY F 199 39.05 9.11 -51.50
CA GLY F 199 39.43 10.28 -50.73
C GLY F 199 40.93 10.49 -50.63
N TYR F 200 41.63 9.47 -50.18
CA TYR F 200 43.08 9.50 -50.02
C TYR F 200 43.70 10.05 -51.27
N LYS F 201 43.38 9.38 -52.38
CA LYS F 201 43.91 9.75 -53.68
C LYS F 201 43.67 11.18 -54.05
N ARG F 202 42.43 11.51 -54.37
CA ARG F 202 42.21 12.87 -54.79
C ARG F 202 42.90 13.83 -53.84
N ALA F 203 43.02 13.48 -52.57
CA ALA F 203 43.70 14.37 -51.65
C ALA F 203 45.06 14.83 -52.20
N LEU F 204 45.83 13.88 -52.71
CA LEU F 204 47.16 14.15 -53.26
C LEU F 204 47.18 14.81 -54.63
N THR F 205 46.45 14.25 -55.57
CA THR F 205 46.38 14.82 -56.89
C THR F 205 45.89 16.27 -56.77
N GLU F 206 45.10 16.54 -55.73
CA GLU F 206 44.56 17.89 -55.48
C GLU F 206 45.72 18.80 -55.03
N SER F 207 46.79 18.19 -54.50
CA SER F 207 47.95 18.94 -54.03
C SER F 207 49.16 18.76 -54.92
N GLY F 208 49.06 17.84 -55.88
CA GLY F 208 50.15 17.61 -56.79
C GLY F 208 51.21 16.64 -56.29
N LEU F 209 50.81 15.44 -55.93
CA LEU F 209 51.76 14.46 -55.47
C LEU F 209 51.26 13.08 -55.87
N PRO F 210 51.05 12.83 -57.17
CA PRO F 210 50.57 11.52 -57.63
C PRO F 210 51.09 10.43 -56.67
N VAL F 211 50.34 9.35 -56.48
CA VAL F 211 50.78 8.36 -55.52
C VAL F 211 51.15 6.95 -55.94
N ARG F 212 52.27 6.50 -55.40
CA ARG F 212 52.83 5.16 -55.63
C ARG F 212 51.84 4.04 -55.29
N ASP F 213 51.32 3.36 -56.31
CA ASP F 213 50.34 2.27 -56.14
C ASP F 213 50.66 1.31 -55.03
N SER F 214 51.96 1.23 -54.75
CA SER F 214 52.47 0.35 -53.73
C SER F 214 52.17 0.95 -52.36
N TYR F 215 52.17 2.29 -52.30
CA TYR F 215 51.88 3.08 -51.07
C TYR F 215 50.50 2.80 -50.50
N ILE F 216 49.82 1.82 -51.06
CA ILE F 216 48.50 1.44 -50.63
C ILE F 216 48.66 0.00 -50.20
N VAL F 217 49.28 -0.17 -49.03
CA VAL F 217 49.48 -1.50 -48.49
C VAL F 217 48.26 -1.79 -47.64
N GLU F 218 47.70 -3.00 -47.77
CA GLU F 218 46.50 -3.37 -47.03
C GLU F 218 46.69 -4.62 -46.14
N GLY F 219 45.62 -5.01 -45.47
CA GLY F 219 45.67 -6.17 -44.60
C GLY F 219 44.40 -6.33 -43.78
N ASP F 220 44.18 -7.51 -43.20
CA ASP F 220 43.00 -7.74 -42.38
C ASP F 220 43.07 -6.73 -41.24
N TYR F 221 41.92 -6.16 -40.89
CA TYR F 221 41.83 -5.13 -39.86
C TYR F 221 42.42 -5.30 -38.43
N THR F 222 43.20 -6.34 -38.15
CA THR F 222 43.73 -6.53 -36.79
C THR F 222 45.00 -5.75 -36.45
N TYR F 223 45.44 -5.87 -35.21
CA TYR F 223 46.67 -5.22 -34.72
C TYR F 223 47.82 -5.93 -35.41
N ASP F 224 47.52 -7.14 -35.89
CA ASP F 224 48.49 -7.96 -36.60
C ASP F 224 48.82 -7.26 -37.92
N SER F 225 47.79 -6.87 -38.66
CA SER F 225 47.96 -6.16 -39.93
C SER F 225 48.75 -4.85 -39.73
N GLY F 226 48.87 -4.43 -38.47
CA GLY F 226 49.59 -3.21 -38.17
C GLY F 226 51.10 -3.35 -38.27
N ILE F 227 51.71 -4.11 -37.37
CA ILE F 227 53.16 -4.28 -37.40
C ILE F 227 53.58 -4.82 -38.76
N GLU F 228 52.60 -5.37 -39.45
CA GLU F 228 52.70 -6.00 -40.78
C GLU F 228 52.87 -4.93 -41.86
N ALA F 229 51.86 -4.07 -41.91
CA ALA F 229 51.74 -2.95 -42.85
C ALA F 229 52.91 -2.00 -42.70
N VAL F 230 53.37 -1.84 -41.46
CA VAL F 230 54.51 -0.98 -41.12
C VAL F 230 55.78 -1.54 -41.69
N GLU F 231 56.25 -2.64 -41.10
CA GLU F 231 57.47 -3.28 -41.55
C GLU F 231 57.56 -3.23 -43.06
N LYS F 232 56.49 -3.64 -43.74
CA LYS F 232 56.52 -3.62 -45.19
C LYS F 232 56.74 -2.22 -45.71
N LEU F 233 55.89 -1.28 -45.34
CA LEU F 233 56.03 0.08 -45.83
C LEU F 233 57.41 0.67 -45.60
N LEU F 234 57.92 0.49 -44.39
CA LEU F 234 59.20 1.09 -44.06
C LEU F 234 60.39 0.66 -44.87
N GLU F 235 60.89 -0.50 -44.53
CA GLU F 235 62.05 -1.04 -45.18
C GLU F 235 61.90 -0.91 -46.69
N GLU F 236 60.74 -1.34 -47.23
CA GLU F 236 60.52 -1.30 -48.67
C GLU F 236 61.31 -0.19 -49.35
N ASP F 237 60.77 1.01 -49.33
CA ASP F 237 61.48 2.09 -49.98
C ASP F 237 60.89 3.44 -49.71
N GLU F 238 61.74 4.45 -49.85
CA GLU F 238 61.33 5.82 -49.63
C GLU F 238 61.03 6.11 -48.16
N LYS F 239 60.74 5.07 -47.38
CA LYS F 239 60.42 5.25 -45.97
C LYS F 239 59.55 6.49 -45.83
N PRO F 240 58.24 6.39 -46.12
CA PRO F 240 57.29 7.52 -46.02
C PRO F 240 57.50 8.38 -44.77
N THR F 241 56.97 9.60 -44.78
CA THR F 241 57.12 10.48 -43.63
C THR F 241 55.88 10.41 -42.74
N ALA F 242 54.76 10.03 -43.33
CA ALA F 242 53.51 9.90 -42.57
C ALA F 242 52.62 8.77 -43.12
N ILE F 243 51.80 8.21 -42.23
CA ILE F 243 50.87 7.15 -42.59
C ILE F 243 49.46 7.60 -42.29
N PHE F 244 48.50 6.82 -42.76
CA PHE F 244 47.08 7.05 -42.56
C PHE F 244 46.58 5.63 -42.44
N VAL F 245 45.70 5.39 -41.48
CA VAL F 245 45.24 4.04 -41.33
C VAL F 245 43.72 3.99 -41.40
N GLY F 246 43.21 2.92 -42.01
CA GLY F 246 41.79 2.76 -42.21
C GLY F 246 40.91 2.51 -41.01
N THR F 247 41.50 2.27 -39.84
CA THR F 247 40.73 2.03 -38.63
C THR F 247 41.60 2.37 -37.42
N ASP F 248 41.19 1.98 -36.23
CA ASP F 248 42.02 2.32 -35.09
C ASP F 248 42.86 1.15 -34.64
N GLU F 249 42.27 -0.03 -34.62
CA GLU F 249 43.00 -1.19 -34.18
C GLU F 249 44.26 -1.43 -35.02
N ALA F 251 45.86 1.18 -36.85
CA ALA F 251 46.71 2.33 -36.53
C ALA F 251 47.61 2.01 -35.35
N LEU F 252 47.10 1.25 -34.39
CA LEU F 252 47.89 0.87 -33.22
C LEU F 252 49.09 0.08 -33.72
N GLY F 253 48.83 -1.03 -34.41
CA GLY F 253 49.93 -1.81 -34.94
C GLY F 253 50.90 -0.88 -35.68
N VAL F 254 50.34 0.00 -36.52
CA VAL F 254 51.14 0.97 -37.26
C VAL F 254 52.07 1.70 -36.30
N ILE F 255 51.56 2.01 -35.11
CA ILE F 255 52.38 2.74 -34.18
C ILE F 255 53.43 1.93 -33.46
N HIS F 256 53.14 0.69 -33.05
CA HIS F 256 54.17 -0.08 -32.36
C HIS F 256 55.27 -0.56 -33.30
N GLY F 257 54.88 -1.05 -34.47
CA GLY F 257 55.86 -1.52 -35.42
C GLY F 257 56.77 -0.38 -35.84
N ALA F 258 56.27 0.84 -35.74
CA ALA F 258 57.04 2.02 -36.10
C ALA F 258 58.01 2.36 -34.97
N GLN F 259 57.65 1.93 -33.76
CA GLN F 259 58.47 2.17 -32.58
C GLN F 259 59.47 1.04 -32.45
N ASP F 260 59.11 -0.09 -33.05
CA ASP F 260 59.95 -1.28 -33.03
C ASP F 260 61.19 -1.11 -33.92
N ARG F 261 60.97 -0.63 -35.15
CA ARG F 261 62.06 -0.40 -36.09
C ARG F 261 62.94 0.68 -35.47
N GLY F 262 62.31 1.63 -34.78
CA GLY F 262 63.05 2.70 -34.14
C GLY F 262 62.49 4.12 -34.26
N LEU F 263 61.54 4.35 -35.15
CA LEU F 263 61.00 5.70 -35.33
C LEU F 263 60.24 6.25 -34.13
N ASN F 264 59.96 7.55 -34.18
CA ASN F 264 59.21 8.24 -33.13
C ASN F 264 57.91 8.70 -33.76
N VAL F 265 56.80 8.13 -33.30
CA VAL F 265 55.50 8.45 -33.86
C VAL F 265 55.13 9.92 -33.82
N PRO F 266 55.06 10.49 -32.62
CA PRO F 266 54.69 11.90 -32.61
C PRO F 266 55.49 12.74 -33.62
N ASN F 267 56.76 12.39 -33.80
CA ASN F 267 57.66 13.11 -34.70
C ASN F 267 57.87 12.52 -36.08
N ASP F 268 58.94 11.74 -36.19
CA ASP F 268 59.36 11.09 -37.44
C ASP F 268 58.19 10.73 -38.33
N LEU F 269 57.38 9.77 -37.90
CA LEU F 269 56.21 9.40 -38.69
C LEU F 269 54.95 9.79 -37.93
N GLU F 270 54.11 10.58 -38.56
CA GLU F 270 52.88 10.99 -37.92
C GLU F 270 51.83 10.07 -38.52
N ILE F 271 51.04 9.43 -37.66
CA ILE F 271 50.02 8.53 -38.16
C ILE F 271 48.69 9.16 -37.84
N ILE F 272 47.63 8.63 -38.41
CA ILE F 272 46.30 9.16 -38.17
C ILE F 272 45.30 8.06 -38.48
N GLY F 273 44.27 7.97 -37.67
CA GLY F 273 43.30 6.92 -37.85
C GLY F 273 41.92 7.35 -38.23
N PHE F 274 41.09 6.33 -38.41
CA PHE F 274 39.71 6.48 -38.79
C PHE F 274 38.88 5.80 -37.68
N ASP F 275 37.62 6.20 -37.52
CA ASP F 275 36.67 5.67 -36.52
C ASP F 275 36.73 6.33 -35.15
N ASN F 276 37.92 6.36 -34.56
CA ASN F 276 38.14 6.91 -33.21
C ASN F 276 37.39 6.07 -32.17
N THR F 277 37.73 4.78 -32.11
CA THR F 277 37.08 3.86 -31.17
C THR F 277 37.77 3.97 -29.84
N ARG F 278 37.08 3.56 -28.78
CA ARG F 278 37.64 3.57 -27.44
C ARG F 278 39.17 3.58 -27.48
N LEU F 279 39.73 2.49 -28.01
CA LEU F 279 41.17 2.28 -28.13
C LEU F 279 42.03 3.43 -28.65
N SER F 280 41.39 4.45 -29.20
CA SER F 280 42.09 5.61 -29.75
C SER F 280 42.83 6.41 -28.68
N THR F 281 42.53 6.13 -27.40
CA THR F 281 43.19 6.80 -26.28
C THR F 281 44.07 5.79 -25.58
N VAL F 283 46.67 4.08 -26.37
CA VAL F 283 47.92 3.85 -27.07
C VAL F 283 49.01 4.77 -26.63
N ARG F 284 50.25 4.44 -26.99
CA ARG F 284 51.42 5.23 -26.65
C ARG F 284 51.11 6.71 -27.00
N PRO F 285 51.51 7.22 -28.18
CA PRO F 285 51.10 8.62 -28.31
C PRO F 285 49.66 8.62 -28.82
N GLN F 286 48.70 8.90 -27.94
CA GLN F 286 47.30 8.88 -28.35
C GLN F 286 47.06 9.28 -29.82
N LEU F 287 46.37 8.39 -30.52
CA LEU F 287 46.07 8.48 -31.93
C LEU F 287 45.07 9.49 -32.44
N THR F 288 45.56 10.46 -33.20
CA THR F 288 44.66 11.45 -33.79
C THR F 288 43.81 10.64 -34.77
N SER F 289 42.49 10.82 -34.74
CA SER F 289 41.60 10.07 -35.63
C SER F 289 40.43 10.87 -36.21
N VAL F 290 39.84 10.29 -37.25
CA VAL F 290 38.68 10.86 -37.93
C VAL F 290 37.43 10.23 -37.30
N VAL F 291 36.72 11.04 -36.52
CA VAL F 291 35.49 10.63 -35.83
C VAL F 291 34.34 10.05 -36.65
N GLN F 292 33.94 8.82 -36.33
CA GLN F 292 32.79 8.17 -36.97
C GLN F 292 31.95 7.72 -35.77
N PRO F 293 30.80 8.39 -35.53
CA PRO F 293 29.86 8.13 -34.44
C PRO F 293 28.96 6.92 -34.68
N TYR F 295 27.40 5.12 -32.89
CA TYR F 295 26.22 5.10 -32.05
C TYR F 295 25.15 6.01 -32.60
N ASP F 296 25.55 7.09 -33.21
CA ASP F 296 24.57 8.01 -33.76
C ASP F 296 24.00 7.36 -35.04
N ILE F 297 24.86 6.69 -35.81
CA ILE F 297 24.38 6.04 -37.03
C ILE F 297 23.23 5.11 -36.63
N GLY F 298 23.53 4.17 -35.73
CA GLY F 298 22.53 3.23 -35.25
C GLY F 298 21.39 3.97 -34.62
N ALA F 299 21.68 4.92 -33.75
CA ALA F 299 20.60 5.65 -33.11
C ALA F 299 19.71 6.22 -34.20
N VAL F 300 20.31 6.97 -35.14
CA VAL F 300 19.59 7.63 -36.25
C VAL F 300 18.91 6.57 -37.11
N ALA F 301 19.70 5.61 -37.59
CA ALA F 301 19.13 4.58 -38.42
C ALA F 301 17.79 4.20 -37.82
N ARG F 303 15.92 5.62 -35.62
CA ARG F 303 14.96 6.71 -35.60
C ARG F 303 14.25 6.91 -36.94
N LEU F 304 14.99 6.88 -38.06
CA LEU F 304 14.42 7.05 -39.41
C LEU F 304 13.37 5.98 -39.59
N LEU F 305 13.79 4.74 -39.36
CA LEU F 305 12.91 3.58 -39.45
C LEU F 305 11.66 3.81 -38.61
N THR F 306 11.77 4.63 -37.56
CA THR F 306 10.65 4.91 -36.68
C THR F 306 9.58 5.74 -37.37
N LYS F 307 10.02 6.70 -38.17
CA LYS F 307 9.11 7.60 -38.89
C LYS F 307 8.38 6.77 -39.93
N TYR F 308 9.16 6.14 -40.81
CA TYR F 308 8.61 5.29 -41.84
C TYR F 308 7.55 4.39 -41.25
N ASN F 310 5.81 4.78 -38.88
CA ASN F 310 4.67 5.54 -38.37
C ASN F 310 4.14 6.42 -39.46
N LYS F 311 4.52 6.06 -40.67
CA LYS F 311 4.09 6.69 -41.92
C LYS F 311 4.39 8.15 -42.19
N GLU F 312 5.13 8.82 -41.30
CA GLU F 312 5.40 10.23 -41.56
C GLU F 312 6.38 10.38 -42.71
N THR F 313 6.10 11.31 -43.61
CA THR F 313 6.95 11.51 -44.79
C THR F 313 8.22 12.27 -44.51
N VAL F 314 9.08 11.70 -43.67
CA VAL F 314 10.33 12.36 -43.40
C VAL F 314 11.30 11.93 -44.50
N ASP F 315 11.33 12.78 -45.53
CA ASP F 315 12.13 12.60 -46.72
C ASP F 315 13.63 12.66 -46.46
N SER F 316 14.41 12.77 -47.53
CA SER F 316 15.85 12.74 -47.37
C SER F 316 16.10 11.37 -46.72
N SER F 317 15.81 10.32 -47.48
CA SER F 317 15.99 8.95 -47.03
C SER F 317 17.47 8.62 -47.01
N ILE F 318 18.26 9.61 -47.42
CA ILE F 318 19.71 9.47 -47.44
C ILE F 318 20.21 10.51 -46.45
N VAL F 319 20.64 10.03 -45.29
CA VAL F 319 21.11 10.89 -44.23
C VAL F 319 22.60 10.89 -44.05
N GLN F 320 23.21 12.07 -44.01
CA GLN F 320 24.67 12.12 -43.76
C GLN F 320 24.81 12.66 -42.36
N LEU F 321 25.88 12.20 -41.74
CA LEU F 321 26.19 12.55 -40.38
C LEU F 321 27.60 13.09 -40.21
N PRO F 322 27.71 14.27 -39.60
CA PRO F 322 28.99 14.92 -39.37
C PRO F 322 30.09 13.98 -38.88
N HIS F 323 31.22 13.97 -39.58
CA HIS F 323 32.38 13.18 -39.16
C HIS F 323 33.24 14.34 -38.69
N ARG F 324 34.45 14.06 -38.24
CA ARG F 324 35.32 15.13 -37.76
C ARG F 324 36.69 14.59 -37.41
N ILE F 325 37.65 15.49 -37.22
CA ILE F 325 39.02 15.09 -36.86
C ILE F 325 39.26 15.41 -35.40
N GLU F 326 40.00 14.52 -34.74
CA GLU F 326 40.32 14.71 -33.33
C GLU F 326 41.81 14.47 -33.23
N PHE F 327 42.58 15.54 -33.12
CA PHE F 327 44.01 15.35 -33.01
C PHE F 327 44.31 15.35 -31.54
N ARG F 328 44.81 14.24 -31.04
CA ARG F 328 45.17 14.18 -29.66
C ARG F 328 46.63 14.58 -29.68
N GLN F 329 47.56 13.63 -29.71
CA GLN F 329 48.95 14.06 -29.74
C GLN F 329 49.75 13.52 -30.94
N SER F 330 49.28 12.41 -31.51
CA SER F 330 49.92 11.76 -32.65
C SER F 330 50.49 12.70 -33.71
N THR F 331 49.64 13.53 -34.30
CA THR F 331 50.07 14.46 -35.35
C THR F 331 50.52 15.82 -34.85
N LYS F 332 51.81 16.13 -35.01
CA LYS F 332 52.34 17.43 -34.59
C LYS F 332 51.39 18.52 -35.07
N ASN G 2 -58.14 -3.50 38.70
CA ASN G 2 -59.32 -4.24 38.29
C ASN G 2 -60.54 -3.34 38.25
N VAL G 3 -60.40 -2.16 38.85
CA VAL G 3 -61.49 -1.20 38.87
C VAL G 3 -61.56 -0.50 37.54
N THR G 4 -62.71 -0.64 36.87
CA THR G 4 -62.90 -0.04 35.57
C THR G 4 -63.43 1.39 35.59
N ILE G 5 -63.61 1.94 34.39
CA ILE G 5 -64.13 3.29 34.22
C ILE G 5 -65.66 3.24 34.35
N TYR G 6 -66.22 2.04 34.38
CA TYR G 6 -67.65 1.90 34.54
C TYR G 6 -67.87 1.73 36.05
N ASP G 7 -66.84 1.23 36.72
CA ASP G 7 -66.90 1.06 38.16
C ASP G 7 -67.08 2.45 38.75
N VAL G 8 -66.11 3.30 38.47
CA VAL G 8 -66.14 4.66 38.97
C VAL G 8 -67.41 5.34 38.54
N ALA G 9 -67.94 4.95 37.39
CA ALA G 9 -69.17 5.55 36.86
C ALA G 9 -70.36 5.29 37.78
N ARG G 10 -70.54 4.03 38.15
CA ARG G 10 -71.63 3.65 39.01
C ARG G 10 -71.59 4.38 40.35
N GLU G 11 -70.43 4.39 41.00
CA GLU G 11 -70.32 5.06 42.30
C GLU G 11 -70.66 6.55 42.33
N ALA G 12 -70.17 7.31 41.36
CA ALA G 12 -70.44 8.74 41.32
C ALA G 12 -71.83 9.00 40.75
N SER G 13 -72.43 7.97 40.18
CA SER G 13 -73.76 8.06 39.58
C SER G 13 -73.74 9.00 38.38
N VAL G 14 -72.68 8.89 37.58
CA VAL G 14 -72.54 9.73 36.39
C VAL G 14 -72.16 8.83 35.21
N SER G 15 -72.44 9.30 33.99
CA SER G 15 -72.12 8.53 32.79
C SER G 15 -70.60 8.36 32.76
N ALA G 17 -68.72 9.10 30.27
CA ALA G 17 -68.18 10.28 29.60
C ALA G 17 -67.69 11.19 30.71
N THR G 18 -68.59 11.52 31.64
CA THR G 18 -68.30 12.36 32.79
C THR G 18 -67.05 11.82 33.49
N VAL G 19 -67.10 10.55 33.85
CA VAL G 19 -65.98 9.91 34.51
C VAL G 19 -64.74 10.11 33.66
N SER G 20 -64.95 10.01 32.36
CA SER G 20 -63.89 10.17 31.39
C SER G 20 -63.47 11.62 31.33
N ARG G 21 -64.44 12.48 31.07
CA ARG G 21 -64.14 13.89 30.93
C ARG G 21 -63.32 14.50 32.04
N VAL G 22 -63.46 13.98 33.26
CA VAL G 22 -62.67 14.51 34.34
C VAL G 22 -61.27 13.90 34.33
N VAL G 23 -61.14 12.64 33.97
CA VAL G 23 -59.80 12.08 34.01
C VAL G 23 -58.93 12.89 33.07
N ASN G 24 -59.50 13.31 31.96
CA ASN G 24 -58.72 14.12 31.03
C ASN G 24 -58.83 15.61 31.34
N GLY G 25 -59.59 15.92 32.39
CA GLY G 25 -59.78 17.29 32.83
C GLY G 25 -60.55 18.17 31.86
N ASN G 26 -60.87 17.61 30.69
CA ASN G 26 -61.59 18.36 29.69
C ASN G 26 -62.47 19.42 30.29
N PRO G 27 -62.18 20.68 29.97
CA PRO G 27 -62.99 21.75 30.50
C PRO G 27 -64.46 21.38 30.32
N ASN G 28 -65.34 22.07 31.03
CA ASN G 28 -66.75 21.78 30.90
C ASN G 28 -67.08 20.52 31.70
N VAL G 29 -67.10 20.66 33.01
CA VAL G 29 -67.41 19.58 33.94
C VAL G 29 -67.81 20.17 35.30
N LYS G 30 -69.08 19.99 35.69
CA LYS G 30 -69.57 20.52 36.96
C LYS G 30 -68.66 20.22 38.16
N PRO G 31 -68.25 21.27 38.90
CA PRO G 31 -67.39 21.14 40.07
C PRO G 31 -67.89 20.12 41.08
N SER G 32 -69.18 20.15 41.38
CA SER G 32 -69.76 19.20 42.32
C SER G 32 -69.74 17.79 41.74
N THR G 33 -69.98 17.66 40.43
CA THR G 33 -69.95 16.35 39.79
C THR G 33 -68.50 15.96 39.64
N ARG G 34 -67.64 16.95 39.39
CA ARG G 34 -66.20 16.70 39.22
C ARG G 34 -65.61 16.16 40.53
N LYS G 35 -66.09 16.69 41.66
CA LYS G 35 -65.62 16.23 42.95
C LYS G 35 -66.15 14.84 43.29
N LYS G 36 -67.47 14.64 43.14
CA LYS G 36 -68.05 13.33 43.41
C LYS G 36 -67.33 12.31 42.51
N VAL G 37 -67.07 12.70 41.27
CA VAL G 37 -66.36 11.82 40.34
C VAL G 37 -64.96 11.59 40.90
N LEU G 38 -64.24 12.68 41.18
CA LEU G 38 -62.90 12.59 41.74
C LEU G 38 -62.90 11.84 43.06
N GLU G 39 -64.00 11.92 43.81
CA GLU G 39 -64.06 11.22 45.08
C GLU G 39 -64.12 9.71 44.82
N THR G 40 -65.09 9.28 44.02
CA THR G 40 -65.24 7.86 43.71
C THR G 40 -63.93 7.23 43.22
N ILE G 41 -63.28 7.90 42.26
CA ILE G 41 -62.02 7.41 41.72
C ILE G 41 -61.02 7.21 42.85
N GLU G 42 -61.17 7.99 43.90
CA GLU G 42 -60.26 7.89 45.04
C GLU G 42 -60.48 6.63 45.90
N ARG G 43 -61.70 6.41 46.38
CA ARG G 43 -61.94 5.22 47.20
C ARG G 43 -61.83 3.94 46.36
N LEU G 44 -62.22 4.01 45.10
CA LEU G 44 -62.13 2.84 44.24
C LEU G 44 -60.66 2.63 43.84
N GLY G 45 -59.84 3.66 44.06
CA GLY G 45 -58.42 3.61 43.74
C GLY G 45 -58.13 3.50 42.25
N TYR G 46 -59.08 4.00 41.46
CA TYR G 46 -59.01 3.95 40.00
C TYR G 46 -57.71 4.39 39.32
N ARG G 47 -57.26 3.55 38.39
CA ARG G 47 -56.04 3.77 37.60
C ARG G 47 -56.43 3.68 36.12
N PRO G 48 -56.35 4.79 35.39
CA PRO G 48 -56.71 4.79 33.96
C PRO G 48 -55.83 3.82 33.18
N ASN G 49 -56.40 3.19 32.14
CA ASN G 49 -55.65 2.24 31.34
C ASN G 49 -54.98 2.90 30.12
N ALA G 50 -53.70 3.15 30.19
CA ALA G 50 -53.01 3.78 29.08
C ALA G 50 -53.38 3.19 27.70
N VAL G 51 -53.28 1.87 27.53
CA VAL G 51 -53.58 1.25 26.25
C VAL G 51 -55.03 1.37 25.82
N ALA G 52 -55.93 1.25 26.79
CA ALA G 52 -57.34 1.38 26.45
C ALA G 52 -57.56 2.73 25.80
N ARG G 53 -56.91 3.77 26.32
CA ARG G 53 -57.09 5.13 25.81
C ARG G 53 -56.48 5.31 24.46
N GLY G 54 -55.26 4.80 24.32
CA GLY G 54 -54.54 4.91 23.07
C GLY G 54 -55.35 4.42 21.87
N LEU G 55 -55.89 3.21 21.94
CA LEU G 55 -56.67 2.67 20.84
C LEU G 55 -57.78 3.68 20.55
N ALA G 56 -58.52 4.00 21.61
CA ALA G 56 -59.67 4.89 21.56
C ALA G 56 -59.36 6.28 21.08
N SER G 57 -58.13 6.73 21.24
CA SER G 57 -57.81 8.09 20.85
C SER G 57 -56.74 8.23 19.79
N LYS G 58 -56.18 7.13 19.30
CA LYS G 58 -55.12 7.27 18.30
C LYS G 58 -53.88 7.96 18.92
N LYS G 59 -53.99 8.39 20.17
CA LYS G 59 -52.86 9.03 20.82
C LYS G 59 -52.33 8.06 21.87
N THR G 60 -51.01 8.00 21.99
CA THR G 60 -50.43 7.13 23.01
C THR G 60 -49.44 7.89 23.90
N THR G 61 -49.23 9.17 23.55
CA THR G 61 -48.33 10.05 24.27
C THR G 61 -46.99 9.37 24.53
N THR G 62 -46.37 8.89 23.47
CA THR G 62 -45.09 8.21 23.62
C THR G 62 -44.28 8.47 22.37
N VAL G 63 -42.97 8.54 22.54
CA VAL G 63 -42.11 8.77 21.42
C VAL G 63 -40.98 7.74 21.41
N GLY G 64 -40.68 7.21 20.23
CA GLY G 64 -39.63 6.24 20.16
C GLY G 64 -38.41 7.00 19.73
N VAL G 65 -37.29 6.69 20.37
CA VAL G 65 -36.05 7.31 20.04
C VAL G 65 -35.14 6.18 19.69
N ILE G 66 -34.62 6.21 18.46
CA ILE G 66 -33.70 5.20 18.03
C ILE G 66 -32.38 5.86 18.29
N ILE G 67 -31.47 5.17 18.93
CA ILE G 67 -30.20 5.76 19.26
C ILE G 67 -29.09 4.74 19.09
N PRO G 68 -27.95 5.15 18.52
CA PRO G 68 -26.87 4.18 18.34
C PRO G 68 -26.59 3.33 19.57
N ASP G 69 -25.89 3.89 20.56
CA ASP G 69 -25.53 3.19 21.79
C ASP G 69 -25.74 4.09 23.00
N ILE G 70 -26.50 3.65 24.00
CA ILE G 70 -26.68 4.53 25.14
C ILE G 70 -25.65 4.45 26.25
N SER G 71 -24.57 3.72 26.02
CA SER G 71 -23.52 3.62 27.05
C SER G 71 -22.67 4.84 26.90
N ASN G 72 -22.26 5.06 25.66
CA ASN G 72 -21.43 6.18 25.28
C ASN G 72 -21.89 7.52 25.86
N ILE G 73 -20.96 8.17 26.58
CA ILE G 73 -21.13 9.47 27.23
C ILE G 73 -22.05 10.41 26.44
N PHE G 74 -21.62 10.70 25.21
CA PHE G 74 -22.36 11.58 24.31
C PHE G 74 -23.84 11.21 24.15
N TYR G 75 -24.15 9.94 23.89
CA TYR G 75 -25.56 9.64 23.74
C TYR G 75 -26.26 9.71 25.06
N ALA G 76 -25.67 9.14 26.10
CA ALA G 76 -26.34 9.17 27.40
C ALA G 76 -26.88 10.57 27.69
N GLU G 77 -26.07 11.62 27.47
CA GLU G 77 -26.50 13.00 27.71
C GLU G 77 -27.57 13.43 26.73
N LEU G 78 -27.30 13.14 25.46
CA LEU G 78 -28.24 13.47 24.40
C LEU G 78 -29.59 12.87 24.83
N ALA G 79 -29.48 11.65 25.37
CA ALA G 79 -30.65 10.91 25.84
C ALA G 79 -31.39 11.58 27.02
N ARG G 80 -30.65 12.11 28.01
CA ARG G 80 -31.25 12.75 29.19
C ARG G 80 -32.04 14.00 28.84
N GLY G 81 -31.45 14.82 27.98
CA GLY G 81 -32.13 16.04 27.56
C GLY G 81 -33.46 15.73 26.89
N ILE G 82 -33.53 14.55 26.26
CA ILE G 82 -34.78 14.14 25.63
C ILE G 82 -35.82 13.80 26.67
N GLU G 83 -35.50 12.89 27.59
CA GLU G 83 -36.42 12.50 28.67
C GLU G 83 -37.01 13.75 29.35
N ASP G 84 -36.10 14.62 29.75
CA ASP G 84 -36.47 15.84 30.41
C ASP G 84 -37.59 16.61 29.72
N ILE G 85 -37.43 16.87 28.42
CA ILE G 85 -38.45 17.62 27.70
C ILE G 85 -39.66 16.79 27.37
N ALA G 86 -39.46 15.47 27.28
CA ALA G 86 -40.58 14.58 27.00
C ALA G 86 -41.50 14.58 28.22
N THR G 87 -40.86 14.41 29.35
CA THR G 87 -41.55 14.34 30.61
C THR G 87 -42.25 15.67 30.78
N TYR G 89 -43.43 17.46 28.73
CA TYR G 89 -44.60 17.52 27.87
C TYR G 89 -45.53 16.36 28.07
N LYS G 90 -45.37 15.67 29.20
CA LYS G 90 -46.23 14.56 29.50
C LYS G 90 -46.13 13.38 28.52
N TYR G 91 -44.93 13.15 28.00
CA TYR G 91 -44.65 12.06 27.06
C TYR G 91 -43.80 10.98 27.72
N ASN G 92 -44.03 9.72 27.37
CA ASN G 92 -43.17 8.68 27.89
C ASN G 92 -42.28 8.34 26.72
N ILE G 93 -41.01 8.07 27.00
CA ILE G 93 -40.08 7.72 25.96
C ILE G 93 -40.06 6.19 25.82
N ILE G 94 -39.71 5.70 24.65
CA ILE G 94 -39.55 4.26 24.42
C ILE G 94 -38.25 4.35 23.66
N LEU G 95 -37.23 3.63 24.08
CA LEU G 95 -35.94 3.79 23.41
C LEU G 95 -35.18 2.49 23.18
N SER G 96 -34.45 2.42 22.06
CA SER G 96 -33.64 1.23 21.74
C SER G 96 -32.37 1.53 20.97
N ASN G 97 -31.28 0.82 21.27
CA ASN G 97 -30.01 1.02 20.57
C ASN G 97 -29.91 0.25 19.25
N SER G 98 -29.48 0.96 18.21
CA SER G 98 -29.37 0.39 16.87
C SER G 98 -27.97 0.06 16.40
N ASP G 99 -26.97 0.35 17.24
CA ASP G 99 -25.58 0.09 16.87
C ASP G 99 -25.18 0.59 15.51
N GLN G 100 -25.77 1.71 15.13
CA GLN G 100 -25.45 2.32 13.87
C GLN G 100 -25.64 1.41 12.67
N ASN G 101 -26.36 0.29 12.82
CA ASN G 101 -26.57 -0.58 11.67
C ASN G 101 -27.97 -0.41 11.12
N GLN G 102 -28.02 -0.12 9.81
CA GLN G 102 -29.22 0.16 9.04
C GLN G 102 -30.38 -0.84 9.06
N ASP G 103 -30.07 -2.13 9.26
CA ASP G 103 -31.13 -3.11 9.29
C ASP G 103 -31.90 -2.94 10.59
N LYS G 104 -31.20 -3.01 11.72
CA LYS G 104 -31.84 -2.89 13.02
C LYS G 104 -32.53 -1.54 13.09
N GLU G 105 -31.89 -0.53 12.52
CA GLU G 105 -32.50 0.79 12.54
C GLU G 105 -33.87 0.77 11.88
N LEU G 106 -34.00 0.08 10.75
CA LEU G 106 -35.30 0.06 10.06
C LEU G 106 -36.26 -0.92 10.71
N HIS G 107 -35.72 -1.90 11.42
CA HIS G 107 -36.58 -2.83 12.14
C HIS G 107 -37.19 -1.89 13.19
N LEU G 108 -36.33 -1.35 14.05
CA LEU G 108 -36.71 -0.41 15.11
C LEU G 108 -37.75 0.61 14.67
N LEU G 109 -37.48 1.27 13.54
CA LEU G 109 -38.41 2.26 13.05
C LEU G 109 -39.79 1.63 13.00
N ASN G 110 -39.85 0.37 12.58
CA ASN G 110 -41.13 -0.35 12.48
C ASN G 110 -41.80 -0.76 13.80
N ASN G 111 -41.04 -1.49 14.61
CA ASN G 111 -41.48 -1.97 15.89
C ASN G 111 -42.24 -0.87 16.60
N LEU G 113 -43.51 2.19 15.05
CA LEU G 113 -44.68 2.68 14.38
C LEU G 113 -45.78 1.71 14.76
N GLY G 114 -45.42 0.45 14.84
CA GLY G 114 -46.44 -0.51 15.21
C GLY G 114 -46.95 -0.20 16.60
N LYS G 115 -46.00 0.09 17.49
CA LYS G 115 -46.26 0.45 18.88
C LYS G 115 -47.17 1.69 18.88
N GLN G 116 -47.31 2.28 17.71
CA GLN G 116 -48.17 3.42 17.56
C GLN G 116 -47.71 4.69 18.26
N VAL G 117 -46.42 5.01 18.15
CA VAL G 117 -45.95 6.23 18.81
C VAL G 117 -46.63 7.47 18.25
N ASP G 118 -46.33 8.58 18.90
CA ASP G 118 -46.90 9.85 18.55
C ASP G 118 -45.88 10.57 17.69
N GLY G 119 -44.65 10.05 17.73
CA GLY G 119 -43.58 10.65 16.95
C GLY G 119 -42.27 9.96 17.16
N ILE G 120 -41.24 10.43 16.45
CA ILE G 120 -39.94 9.79 16.56
C ILE G 120 -38.69 10.65 16.44
N ILE G 121 -37.77 10.46 17.38
CA ILE G 121 -36.53 11.16 17.32
C ILE G 121 -35.60 10.09 16.80
N PHE G 122 -35.16 10.28 15.57
CA PHE G 122 -34.25 9.34 14.95
C PHE G 122 -32.87 9.94 15.11
N SER G 124 -28.83 8.81 13.98
CA SER G 124 -27.81 7.89 13.51
C SER G 124 -26.54 8.59 13.12
N GLY G 125 -25.55 7.80 12.74
CA GLY G 125 -24.28 8.31 12.28
C GLY G 125 -24.16 8.25 10.77
N ASN G 126 -25.28 7.97 10.10
CA ASN G 126 -25.30 7.87 8.64
C ASN G 126 -26.71 7.78 8.08
N VAL G 127 -27.24 8.90 7.62
CA VAL G 127 -28.58 8.91 7.06
C VAL G 127 -28.56 8.74 5.53
N THR G 128 -28.78 7.52 5.08
CA THR G 128 -28.80 7.23 3.66
C THR G 128 -30.06 7.82 3.03
N GLU G 129 -30.02 8.01 1.71
CA GLU G 129 -31.12 8.57 0.96
C GLU G 129 -32.27 7.59 1.15
N GLU G 130 -31.91 6.32 1.25
CA GLU G 130 -32.84 5.22 1.47
C GLU G 130 -33.56 5.54 2.77
N HIS G 131 -32.77 5.87 3.77
CA HIS G 131 -33.30 6.24 5.08
C HIS G 131 -34.29 7.37 4.93
N VAL G 132 -33.82 8.50 4.42
CA VAL G 132 -34.65 9.69 4.23
C VAL G 132 -36.01 9.41 3.60
N GLU G 133 -36.01 8.71 2.47
CA GLU G 133 -37.27 8.43 1.80
C GLU G 133 -38.04 7.42 2.64
N GLU G 134 -37.35 6.82 3.60
CA GLU G 134 -37.97 5.86 4.48
C GLU G 134 -38.72 6.58 5.60
N LEU G 135 -38.20 7.72 6.02
CA LEU G 135 -38.85 8.48 7.07
C LEU G 135 -40.04 9.29 6.59
N LYS G 136 -40.00 9.82 5.37
CA LYS G 136 -41.13 10.60 4.92
C LYS G 136 -42.42 9.77 4.89
N LYS G 137 -42.26 8.44 4.90
CA LYS G 137 -43.42 7.57 4.88
C LYS G 137 -43.85 7.21 6.28
N SER G 138 -43.38 7.98 7.25
CA SER G 138 -43.74 7.77 8.65
C SER G 138 -45.09 8.42 8.88
N PRO G 139 -46.00 7.73 9.59
CA PRO G 139 -47.29 8.39 9.79
C PRO G 139 -47.12 9.61 10.65
N VAL G 140 -46.34 9.46 11.72
CA VAL G 140 -46.13 10.57 12.62
C VAL G 140 -44.78 11.24 12.45
N PRO G 141 -44.68 12.49 12.89
CA PRO G 141 -43.47 13.31 12.80
C PRO G 141 -42.22 12.55 13.07
N VAL G 142 -41.11 13.13 12.64
CA VAL G 142 -39.81 12.54 12.81
C VAL G 142 -38.77 13.62 12.76
N VAL G 143 -37.94 13.71 13.79
CA VAL G 143 -36.87 14.72 13.83
C VAL G 143 -35.57 14.10 14.29
N LEU G 144 -34.49 14.31 13.55
CA LEU G 144 -33.22 13.70 13.93
C LEU G 144 -32.45 14.58 14.90
N ALA G 145 -31.42 14.00 15.53
CA ALA G 145 -30.55 14.71 16.45
C ALA G 145 -29.13 14.19 16.22
N ALA G 146 -28.13 15.04 16.44
CA ALA G 146 -26.75 14.66 16.24
C ALA G 146 -26.65 13.70 15.06
N SER G 147 -27.29 14.05 13.96
CA SER G 147 -27.28 13.24 12.76
C SER G 147 -27.31 14.16 11.54
N ILE G 148 -26.50 13.82 10.54
CA ILE G 148 -26.35 14.58 9.30
C ILE G 148 -27.17 14.08 8.11
N GLU G 149 -28.17 14.85 7.72
CA GLU G 149 -29.05 14.53 6.59
C GLU G 149 -28.82 15.59 5.51
N SER G 150 -28.05 15.18 4.49
CA SER G 150 -27.66 15.99 3.35
C SER G 150 -28.67 17.02 2.87
N THR G 151 -29.70 16.51 2.22
CA THR G 151 -30.72 17.33 1.63
C THR G 151 -31.61 18.18 2.52
N ASN G 152 -31.32 18.28 3.81
CA ASN G 152 -32.21 19.05 4.69
C ASN G 152 -33.68 18.74 4.41
N GLN G 153 -33.99 17.46 4.13
CA GLN G 153 -35.35 17.00 3.84
C GLN G 153 -36.23 16.75 5.08
N ILE G 154 -35.64 16.21 6.15
CA ILE G 154 -36.38 16.01 7.42
C ILE G 154 -35.83 16.98 8.48
N PRO G 155 -36.71 17.52 9.35
CA PRO G 155 -36.40 18.47 10.45
C PRO G 155 -35.39 17.93 11.46
N SER G 156 -34.23 18.57 11.62
CA SER G 156 -33.28 18.05 12.59
C SER G 156 -32.62 19.12 13.42
N VAL G 157 -31.72 18.73 14.31
CA VAL G 157 -31.06 19.72 15.12
C VAL G 157 -29.67 19.20 15.33
N THR G 158 -28.69 20.03 14.98
CA THR G 158 -27.31 19.62 15.11
C THR G 158 -26.41 20.80 15.37
N ILE G 159 -25.15 20.67 14.96
CA ILE G 159 -24.16 21.72 15.11
C ILE G 159 -23.47 21.88 13.76
N ASP G 160 -23.05 23.11 13.43
CA ASP G 160 -22.36 23.36 12.17
C ASP G 160 -21.01 22.72 12.44
N TYR G 161 -20.82 21.52 11.94
CA TYR G 161 -19.58 20.85 12.20
C TYR G 161 -18.41 21.45 11.48
N GLU G 162 -18.42 21.45 10.15
CA GLU G 162 -17.28 21.99 9.43
C GLU G 162 -16.73 23.16 10.21
N GLN G 163 -17.60 24.11 10.54
CA GLN G 163 -17.18 25.27 11.29
C GLN G 163 -16.54 24.89 12.60
N ALA G 164 -17.27 24.17 13.43
CA ALA G 164 -16.80 23.73 14.74
C ALA G 164 -15.36 23.24 14.69
N ALA G 165 -15.05 22.51 13.62
CA ALA G 165 -13.71 21.95 13.39
C ALA G 165 -12.82 23.03 12.80
N PHE G 166 -13.41 23.92 12.00
CA PHE G 166 -12.67 25.02 11.40
C PHE G 166 -12.11 25.94 12.50
N ASP G 167 -12.99 26.49 13.32
CA ASP G 167 -12.59 27.37 14.40
C ASP G 167 -11.61 26.73 15.38
N ALA G 168 -11.56 25.40 15.40
CA ALA G 168 -10.69 24.65 16.31
C ALA G 168 -9.26 24.49 15.80
N VAL G 169 -9.07 24.73 14.51
CA VAL G 169 -7.76 24.64 13.92
C VAL G 169 -7.18 26.05 13.96
N GLN G 170 -7.97 27.04 13.56
CA GLN G 170 -7.51 28.42 13.58
C GLN G 170 -6.81 28.65 14.89
N SER G 171 -7.49 28.34 16.00
CA SER G 171 -6.92 28.50 17.33
C SER G 171 -5.43 28.19 17.24
N LEU G 172 -5.13 26.95 16.84
CA LEU G 172 -3.75 26.46 16.68
C LEU G 172 -2.99 27.22 15.59
N ILE G 173 -3.55 27.24 14.36
CA ILE G 173 -2.92 27.94 13.24
C ILE G 173 -2.37 29.27 13.77
N ASP G 174 -3.27 30.09 14.28
CA ASP G 174 -2.94 31.38 14.80
C ASP G 174 -1.87 31.43 15.87
N SER G 175 -1.44 30.29 16.39
CA SER G 175 -0.41 30.33 17.43
C SER G 175 1.02 30.04 17.01
N GLY G 176 1.26 29.71 15.75
CA GLY G 176 2.61 29.40 15.31
C GLY G 176 2.77 27.95 14.90
N HIS G 177 1.63 27.29 14.75
CA HIS G 177 1.62 25.91 14.33
C HIS G 177 1.52 25.82 12.82
N LYS G 178 2.46 25.05 12.27
CA LYS G 178 2.60 24.84 10.84
C LYS G 178 2.20 23.41 10.44
N ASN G 179 2.46 22.45 11.33
CA ASN G 179 2.12 21.04 11.10
C ASN G 179 1.20 20.48 12.19
N ILE G 180 -0.09 20.60 11.97
CA ILE G 180 -1.06 20.07 12.92
C ILE G 180 -1.80 18.93 12.26
N ALA G 181 -1.85 17.79 12.96
CA ALA G 181 -2.51 16.60 12.44
C ALA G 181 -3.92 16.41 12.97
N PHE G 182 -4.70 15.61 12.25
CA PHE G 182 -6.08 15.31 12.60
C PHE G 182 -6.18 13.84 12.98
N VAL G 183 -6.76 13.56 14.13
CA VAL G 183 -6.97 12.19 14.54
C VAL G 183 -8.49 12.17 14.68
N SER G 184 -9.17 11.36 13.88
CA SER G 184 -10.63 11.33 13.99
C SER G 184 -11.16 9.93 14.11
N GLY G 185 -12.46 9.79 13.92
CA GLY G 185 -13.06 8.48 13.98
C GLY G 185 -13.35 8.04 12.56
N THR G 186 -13.98 6.87 12.42
CA THR G 186 -14.34 6.29 11.13
C THR G 186 -14.40 7.31 10.00
N LEU G 187 -13.34 7.34 9.20
CA LEU G 187 -13.26 8.28 8.09
C LEU G 187 -14.42 8.10 7.10
N GLU G 188 -15.04 6.93 7.12
CA GLU G 188 -16.15 6.66 6.23
C GLU G 188 -17.45 7.29 6.70
N GLU G 189 -17.53 7.58 7.99
CA GLU G 189 -18.73 8.18 8.54
C GLU G 189 -18.88 9.66 8.18
N PRO G 190 -20.08 10.08 7.77
CA PRO G 190 -20.38 11.46 7.39
C PRO G 190 -20.01 12.49 8.46
N ILE G 191 -19.98 12.06 9.70
CA ILE G 191 -19.64 12.97 10.78
C ILE G 191 -18.26 13.57 10.51
N ASN G 192 -17.34 12.77 9.96
CA ASN G 192 -16.00 13.27 9.72
C ASN G 192 -15.63 13.58 8.25
N HIS G 193 -15.80 12.59 7.37
CA HIS G 193 -15.45 12.77 5.97
C HIS G 193 -16.21 13.88 5.28
N ALA G 194 -17.48 14.07 5.66
CA ALA G 194 -18.32 15.10 5.05
C ALA G 194 -18.30 16.46 5.73
N LYS G 195 -17.86 16.52 6.99
CA LYS G 195 -17.80 17.79 7.69
C LYS G 195 -16.50 18.06 8.43
N LYS G 196 -16.03 17.12 9.24
CA LYS G 196 -14.81 17.32 10.03
C LYS G 196 -13.53 17.35 9.23
N VAL G 197 -13.45 16.55 8.19
CA VAL G 197 -12.25 16.59 7.36
C VAL G 197 -12.31 18.00 6.77
N LYS G 198 -13.40 18.28 6.06
CA LYS G 198 -13.63 19.58 5.43
C LYS G 198 -13.39 20.75 6.39
N GLY G 199 -13.31 20.46 7.67
CA GLY G 199 -13.06 21.50 8.63
C GLY G 199 -11.55 21.61 8.79
N TYR G 200 -10.92 20.51 9.23
CA TYR G 200 -9.49 20.47 9.40
C TYR G 200 -8.83 21.14 8.21
N LYS G 201 -9.07 20.58 7.02
CA LYS G 201 -8.52 21.06 5.74
C LYS G 201 -8.78 22.52 5.36
N ARG G 202 -10.03 22.90 5.15
CA ARG G 202 -10.35 24.28 4.80
C ARG G 202 -9.55 25.30 5.60
N ALA G 203 -9.42 25.05 6.90
CA ALA G 203 -8.69 25.94 7.80
C ALA G 203 -7.21 25.99 7.40
N LEU G 204 -6.66 24.82 7.10
CA LEU G 204 -5.27 24.68 6.70
C LEU G 204 -4.92 25.31 5.36
N THR G 205 -5.84 25.23 4.39
CA THR G 205 -5.60 25.84 3.09
C THR G 205 -5.94 27.33 3.19
N GLU G 206 -6.79 27.67 4.16
CA GLU G 206 -7.11 29.08 4.32
C GLU G 206 -5.78 29.74 4.66
N SER G 207 -5.22 29.42 5.82
CA SER G 207 -3.94 29.99 6.19
C SER G 207 -2.86 29.29 5.38
N GLY G 208 -3.26 28.85 4.18
CA GLY G 208 -2.36 28.17 3.25
C GLY G 208 -1.25 27.27 3.75
N LEU G 209 -1.53 26.43 4.74
CA LEU G 209 -0.52 25.52 5.27
C LEU G 209 -0.93 24.13 4.79
N PRO G 210 -0.78 23.84 3.49
CA PRO G 210 -1.12 22.56 2.84
C PRO G 210 -1.23 21.26 3.66
N VAL G 211 -2.24 20.49 3.29
CA VAL G 211 -2.62 19.24 3.94
C VAL G 211 -2.04 17.94 3.40
N ARG G 212 -1.25 17.25 4.22
CA ARG G 212 -0.68 15.98 3.82
C ARG G 212 -1.47 14.84 4.50
N ASP G 213 -2.11 14.03 3.67
CA ASP G 213 -2.94 12.91 4.09
C ASP G 213 -2.33 11.95 5.11
N SER G 214 -1.05 12.15 5.43
CA SER G 214 -0.38 11.31 6.42
C SER G 214 -0.84 11.92 7.74
N TYR G 215 -1.14 13.22 7.68
CA TYR G 215 -1.61 14.00 8.81
C TYR G 215 -3.11 13.88 8.94
N ILE G 216 -3.65 12.81 8.38
CA ILE G 216 -5.09 12.56 8.48
C ILE G 216 -5.20 11.05 8.80
N VAL G 217 -4.69 10.69 9.98
CA VAL G 217 -4.68 9.33 10.50
C VAL G 217 -5.99 8.93 11.21
N GLU G 218 -6.59 7.82 10.78
CA GLU G 218 -7.84 7.35 11.38
C GLU G 218 -7.68 6.38 12.53
N GLY G 219 -8.61 6.50 13.47
CA GLY G 219 -8.64 5.66 14.65
C GLY G 219 -10.12 5.49 14.92
N ASP G 220 -10.51 4.52 15.74
CA ASP G 220 -11.93 4.35 16.05
C ASP G 220 -12.23 5.34 17.19
N TYR G 221 -13.30 5.14 17.92
CA TYR G 221 -13.63 6.07 18.99
C TYR G 221 -13.17 5.62 20.38
N THR G 222 -12.10 4.83 20.41
CA THR G 222 -11.58 4.30 21.68
C THR G 222 -10.37 4.97 22.29
N TYR G 223 -10.49 5.23 23.59
CA TYR G 223 -9.40 5.84 24.36
C TYR G 223 -8.10 5.29 23.82
N ASP G 224 -8.01 3.99 23.84
CA ASP G 224 -6.81 3.34 23.38
C ASP G 224 -6.46 3.75 21.95
N SER G 225 -7.41 3.67 21.03
CA SER G 225 -7.13 4.04 19.63
C SER G 225 -6.41 5.37 19.57
N GLY G 226 -6.51 6.11 20.66
CA GLY G 226 -5.82 7.36 20.71
C GLY G 226 -4.35 7.02 20.77
N ILE G 227 -3.90 6.37 21.84
CA ILE G 227 -2.49 6.01 21.97
C ILE G 227 -1.97 5.56 20.62
N GLU G 228 -2.76 4.72 19.94
CA GLU G 228 -2.41 4.24 18.60
C GLU G 228 -2.21 5.51 17.77
N ALA G 229 -3.29 6.20 17.50
CA ALA G 229 -3.25 7.43 16.71
C ALA G 229 -2.00 8.28 16.98
N VAL G 230 -1.70 8.48 18.25
CA VAL G 230 -0.55 9.29 18.66
C VAL G 230 0.76 8.81 18.06
N GLU G 231 1.29 7.77 18.69
CA GLU G 231 2.54 7.18 18.26
C GLU G 231 2.59 7.09 16.74
N LYS G 232 1.62 6.44 16.12
CA LYS G 232 1.63 6.34 14.65
C LYS G 232 2.03 7.68 14.02
N LEU G 233 1.40 8.77 14.45
CA LEU G 233 1.70 10.10 13.91
C LEU G 233 3.10 10.64 14.23
N LEU G 234 3.53 10.39 15.46
CA LEU G 234 4.83 10.85 15.92
C LEU G 234 5.99 10.26 15.13
N GLU G 235 5.91 8.97 14.87
CA GLU G 235 6.96 8.27 14.16
C GLU G 235 6.91 8.40 12.65
N GLU G 236 5.95 9.16 12.13
CA GLU G 236 5.94 9.43 10.69
C GLU G 236 7.17 10.31 10.81
N ASP G 237 7.68 10.92 9.76
CA ASP G 237 8.93 11.64 9.98
C ASP G 237 9.02 12.99 10.75
N GLU G 238 8.09 13.90 10.55
CA GLU G 238 8.15 15.17 11.28
C GLU G 238 7.35 15.03 12.57
N LYS G 239 7.42 16.03 13.45
CA LYS G 239 6.71 15.94 14.72
C LYS G 239 5.67 17.04 14.91
N PRO G 240 4.42 16.82 14.44
CA PRO G 240 3.37 17.84 14.57
C PRO G 240 3.37 18.60 15.89
N THR G 241 3.14 19.91 15.79
CA THR G 241 3.11 20.73 16.97
C THR G 241 1.77 20.53 17.66
N ALA G 242 0.70 20.35 16.89
CA ALA G 242 -0.62 20.16 17.48
C ALA G 242 -1.48 19.20 16.68
N ILE G 243 -2.32 18.43 17.37
CA ILE G 243 -3.24 17.48 16.76
C ILE G 243 -4.69 17.86 17.10
N PHE G 244 -5.60 17.56 16.16
CA PHE G 244 -7.01 17.85 16.32
C PHE G 244 -7.84 16.58 16.47
N VAL G 245 -8.04 16.14 17.72
CA VAL G 245 -8.81 14.95 18.04
C VAL G 245 -10.32 15.18 17.92
N GLY G 246 -11.00 14.26 17.24
CA GLY G 246 -12.44 14.38 17.03
C GLY G 246 -13.32 13.96 18.18
N THR G 247 -12.69 13.53 19.27
CA THR G 247 -13.42 13.10 20.46
C THR G 247 -12.58 13.35 21.69
N ASP G 248 -13.22 13.43 22.85
CA ASP G 248 -12.48 13.65 24.09
C ASP G 248 -11.92 12.30 24.51
N GLU G 249 -12.71 11.26 24.25
CA GLU G 249 -12.32 9.89 24.54
C GLU G 249 -10.91 9.71 23.95
N ALA G 251 -9.00 11.85 22.46
CA ALA G 251 -8.14 12.92 22.89
C ALA G 251 -7.49 12.64 24.23
N LEU G 252 -8.22 12.04 25.16
CA LEU G 252 -7.60 11.78 26.45
C LEU G 252 -6.46 10.80 26.20
N GLY G 253 -6.65 9.94 25.21
CA GLY G 253 -5.61 8.99 24.85
C GLY G 253 -4.41 9.71 24.25
N VAL G 254 -4.61 10.47 23.17
CA VAL G 254 -3.51 11.19 22.55
C VAL G 254 -2.65 11.84 23.63
N ILE G 255 -3.31 12.49 24.60
CA ILE G 255 -2.56 13.14 25.69
C ILE G 255 -1.69 12.14 26.45
N HIS G 256 -2.32 11.14 27.09
CA HIS G 256 -1.56 10.13 27.84
C HIS G 256 -0.63 9.36 26.89
N GLY G 257 -0.99 9.35 25.61
CA GLY G 257 -0.16 8.70 24.61
C GLY G 257 1.20 9.38 24.65
N ALA G 258 1.20 10.67 24.29
CA ALA G 258 2.42 11.45 24.29
C ALA G 258 3.01 11.43 25.68
N GLN G 259 2.19 11.12 26.68
CA GLN G 259 2.66 11.08 28.06
C GLN G 259 3.55 9.89 28.31
N ASP G 260 2.99 8.69 28.08
CA ASP G 260 3.72 7.46 28.29
C ASP G 260 4.85 7.25 27.28
N ARG G 261 5.11 8.27 26.48
CA ARG G 261 6.19 8.24 25.49
C ARG G 261 7.33 9.13 25.98
N GLY G 262 6.98 10.35 26.42
CA GLY G 262 7.96 11.29 26.94
C GLY G 262 7.65 12.75 26.65
N LEU G 263 6.84 12.99 25.63
CA LEU G 263 6.49 14.34 25.24
C LEU G 263 5.73 15.11 26.31
N ASN G 264 5.91 16.43 26.29
CA ASN G 264 5.26 17.33 27.22
C ASN G 264 3.93 17.80 26.66
N VAL G 265 2.87 17.40 27.36
CA VAL G 265 1.51 17.72 26.96
C VAL G 265 1.23 19.16 26.52
N PRO G 266 1.55 20.17 27.35
CA PRO G 266 1.29 21.56 26.96
C PRO G 266 2.19 22.12 25.85
N ASN G 267 3.51 22.01 26.02
CA ASN G 267 4.48 22.54 25.07
C ASN G 267 4.74 21.65 23.87
N ASP G 268 5.63 20.68 24.07
CA ASP G 268 6.03 19.74 23.03
C ASP G 268 4.99 19.63 21.93
N LEU G 269 3.74 19.34 22.29
CA LEU G 269 2.65 19.26 21.31
C LEU G 269 1.33 19.77 21.92
N GLU G 270 0.30 19.96 21.10
CA GLU G 270 -0.98 20.47 21.57
C GLU G 270 -2.18 19.65 21.14
N ILE G 271 -2.99 19.25 22.12
CA ILE G 271 -4.19 18.43 21.93
C ILE G 271 -5.49 19.21 21.92
N ILE G 272 -6.26 19.11 20.85
CA ILE G 272 -7.54 19.80 20.83
C ILE G 272 -8.68 18.88 20.42
N GLY G 273 -9.49 18.49 21.40
CA GLY G 273 -10.62 17.61 21.15
C GLY G 273 -11.94 18.27 20.82
N PHE G 274 -12.98 17.44 20.80
CA PHE G 274 -14.36 17.84 20.47
C PHE G 274 -15.35 17.32 21.53
N ASP G 275 -16.54 17.93 21.58
CA ASP G 275 -17.60 17.56 22.53
C ASP G 275 -17.56 18.31 23.87
N ASN G 276 -16.44 18.24 24.56
CA ASN G 276 -16.31 18.89 25.86
C ASN G 276 -17.06 18.09 26.93
N THR G 277 -16.65 16.83 27.06
CA THR G 277 -17.23 15.91 28.04
C THR G 277 -16.69 16.26 29.43
N ARG G 278 -17.08 15.49 30.44
CA ARG G 278 -16.60 15.71 31.79
C ARG G 278 -15.18 15.15 31.83
N LEU G 279 -14.91 14.21 30.94
CA LEU G 279 -13.60 13.62 30.91
C LEU G 279 -12.53 14.69 30.70
N SER G 280 -12.83 15.76 29.97
CA SER G 280 -11.85 16.84 29.72
C SER G 280 -11.12 17.27 30.97
N THR G 281 -11.91 17.44 32.04
CA THR G 281 -11.37 17.91 33.36
C THR G 281 -10.91 16.67 34.14
N VAL G 283 -9.11 14.49 32.78
CA VAL G 283 -7.75 14.36 32.29
C VAL G 283 -6.78 15.25 33.03
N ARG G 284 -5.58 14.74 33.25
CA ARG G 284 -4.54 15.46 33.97
C ARG G 284 -4.32 16.88 33.43
N PRO G 285 -3.73 17.04 32.21
CA PRO G 285 -3.50 18.39 31.66
C PRO G 285 -4.78 19.09 31.17
N GLN G 286 -5.85 19.00 31.97
CA GLN G 286 -7.19 19.52 31.63
C GLN G 286 -7.35 19.77 30.13
N LEU G 287 -7.92 18.78 29.46
CA LEU G 287 -8.18 18.82 28.04
C LEU G 287 -9.13 19.93 27.62
N THR G 288 -8.71 20.70 26.62
CA THR G 288 -9.55 21.76 26.12
C THR G 288 -10.16 21.17 24.87
N SER G 289 -11.45 21.38 24.65
CA SER G 289 -12.11 20.82 23.46
C SER G 289 -13.29 21.63 22.97
N VAL G 290 -13.65 21.45 21.71
CA VAL G 290 -14.77 22.15 21.10
C VAL G 290 -16.07 21.77 21.86
N VAL G 291 -16.83 22.76 22.27
CA VAL G 291 -18.07 22.53 23.03
C VAL G 291 -19.30 22.26 22.20
N GLN G 292 -19.96 21.13 22.49
CA GLN G 292 -21.19 20.74 21.83
C GLN G 292 -22.22 20.47 22.92
N PRO G 293 -23.31 21.24 22.95
CA PRO G 293 -24.33 21.01 23.98
C PRO G 293 -25.14 19.74 23.73
N TYR G 295 -26.90 17.60 25.68
CA TYR G 295 -28.24 17.71 26.25
C TYR G 295 -29.18 18.62 25.48
N ASP G 296 -28.81 19.88 25.35
CA ASP G 296 -29.63 20.83 24.62
C ASP G 296 -29.96 20.22 23.24
N ILE G 297 -29.02 19.53 22.62
CA ILE G 297 -29.33 18.91 21.33
C ILE G 297 -30.66 18.14 21.50
N GLY G 298 -30.69 17.20 22.44
CA GLY G 298 -31.93 16.45 22.65
C GLY G 298 -33.08 17.30 23.20
N ALA G 299 -32.82 18.04 24.27
CA ALA G 299 -33.90 18.82 24.82
C ALA G 299 -34.66 19.43 23.67
N VAL G 300 -33.94 20.18 22.84
CA VAL G 300 -34.48 20.89 21.68
C VAL G 300 -34.95 19.95 20.59
N ALA G 301 -34.19 18.91 20.30
CA ALA G 301 -34.67 17.97 19.29
C ALA G 301 -36.10 17.48 19.63
N ARG G 303 -38.23 18.88 21.89
CA ARG G 303 -39.12 20.03 21.95
C ARG G 303 -39.59 20.36 20.54
N LEU G 304 -38.67 20.52 19.59
CA LEU G 304 -39.05 20.84 18.21
C LEU G 304 -40.09 19.80 17.86
N LEU G 305 -39.78 18.54 18.16
CA LEU G 305 -40.68 17.41 17.94
C LEU G 305 -42.06 17.54 18.64
N THR G 306 -42.15 18.21 19.78
CA THR G 306 -43.44 18.33 20.40
C THR G 306 -44.31 19.18 19.51
N LYS G 307 -43.77 20.29 19.00
CA LYS G 307 -44.58 21.19 18.17
C LYS G 307 -45.17 20.40 17.01
N TYR G 308 -44.34 19.67 16.29
CA TYR G 308 -44.87 18.87 15.18
C TYR G 308 -46.00 17.98 15.67
N ASN G 310 -47.78 18.43 17.91
CA ASN G 310 -48.90 19.21 18.40
C ASN G 310 -49.68 20.05 17.39
N LYS G 311 -49.60 19.64 16.12
CA LYS G 311 -50.34 20.30 15.05
C LYS G 311 -49.78 21.61 14.53
N GLU G 312 -49.12 22.36 15.40
CA GLU G 312 -48.63 23.66 15.01
C GLU G 312 -47.34 23.77 14.20
N THR G 313 -46.65 24.89 14.39
CA THR G 313 -45.37 25.14 13.71
C THR G 313 -44.69 26.42 14.17
N VAL G 314 -43.40 26.49 13.83
CA VAL G 314 -42.51 27.62 14.09
C VAL G 314 -41.52 27.40 12.95
N ASP G 315 -40.99 28.47 12.40
CA ASP G 315 -40.10 28.35 11.25
C ASP G 315 -38.61 28.25 11.54
N SER G 316 -38.18 26.99 11.60
CA SER G 316 -36.81 26.55 11.84
C SER G 316 -36.90 25.04 12.02
N SER G 317 -36.86 24.36 10.88
CA SER G 317 -36.93 22.92 10.78
C SER G 317 -35.52 22.34 10.97
N ILE G 318 -34.56 22.97 10.30
CA ILE G 318 -33.18 22.61 10.34
C ILE G 318 -32.56 23.57 11.32
N VAL G 319 -32.29 23.09 12.53
CA VAL G 319 -31.75 23.96 13.58
C VAL G 319 -30.27 23.88 13.83
N GLN G 320 -29.67 25.06 14.00
CA GLN G 320 -28.23 25.20 14.28
C GLN G 320 -28.03 25.65 15.73
N LEU G 321 -27.04 25.08 16.40
CA LEU G 321 -26.82 25.40 17.79
C LEU G 321 -25.42 25.87 18.15
N PRO G 322 -25.34 27.01 18.81
CA PRO G 322 -24.04 27.54 19.21
C PRO G 322 -23.02 26.54 19.66
N HIS G 323 -21.77 26.87 19.39
CA HIS G 323 -20.63 26.06 19.81
C HIS G 323 -19.58 27.09 20.17
N ARG G 324 -18.72 26.70 21.09
CA ARG G 324 -17.66 27.54 21.60
C ARG G 324 -16.51 26.61 21.92
N ILE G 325 -15.33 27.15 22.11
CA ILE G 325 -14.20 26.31 22.44
C ILE G 325 -13.93 26.57 23.92
N GLU G 326 -13.47 25.55 24.62
CA GLU G 326 -13.17 25.64 26.05
C GLU G 326 -11.73 25.36 26.29
N PHE G 327 -10.93 26.42 26.31
CA PHE G 327 -9.50 26.33 26.53
C PHE G 327 -9.14 26.06 27.98
N ARG G 328 -8.35 25.02 28.18
CA ARG G 328 -7.94 24.61 29.52
C ARG G 328 -6.41 24.58 29.66
N GLN G 329 -5.93 23.83 30.65
CA GLN G 329 -4.49 23.70 30.94
C GLN G 329 -3.76 22.76 29.93
N SER G 330 -4.44 22.40 28.85
CA SER G 330 -3.84 21.52 27.85
C SER G 330 -3.01 22.30 26.84
N THR G 331 -3.65 22.72 25.76
CA THR G 331 -2.99 23.46 24.70
C THR G 331 -3.18 24.95 24.83
N LYS G 332 -2.47 25.70 23.99
CA LYS G 332 -2.58 27.15 23.97
C LYS G 332 -3.63 27.52 22.91
N MET H 1 -49.01 2.45 5.53
CA MET H 1 -50.47 2.18 5.28
C MET H 1 -51.06 1.22 6.29
N ASN H 2 -51.51 1.80 7.39
CA ASN H 2 -52.07 0.93 8.43
C ASN H 2 -53.28 0.34 7.77
N VAL H 3 -53.45 -0.98 7.95
CA VAL H 3 -54.58 -1.58 7.34
C VAL H 3 -55.19 -2.45 8.37
N THR H 4 -56.49 -2.24 8.64
CA THR H 4 -57.15 -3.06 9.64
C THR H 4 -56.98 -4.58 9.35
N ILE H 5 -57.03 -5.44 10.37
CA ILE H 5 -56.88 -6.89 10.19
C ILE H 5 -58.06 -7.49 9.42
N TYR H 6 -59.05 -6.65 9.15
CA TYR H 6 -60.25 -7.01 8.41
C TYR H 6 -59.90 -6.87 6.93
N ASP H 7 -59.10 -5.86 6.61
CA ASP H 7 -58.69 -5.62 5.23
C ASP H 7 -57.94 -6.84 4.72
N VAL H 8 -56.77 -7.11 5.29
CA VAL H 8 -55.99 -8.25 4.89
C VAL H 8 -56.87 -9.49 4.79
N ALA H 9 -57.60 -9.77 5.88
CA ALA H 9 -58.49 -10.93 5.94
C ALA H 9 -59.24 -11.23 4.65
N ARG H 10 -59.69 -10.19 3.96
CA ARG H 10 -60.41 -10.43 2.71
C ARG H 10 -59.46 -10.76 1.55
N GLU H 11 -58.46 -9.91 1.31
CA GLU H 11 -57.50 -10.12 0.24
C GLU H 11 -56.86 -11.50 0.25
N ALA H 12 -56.86 -12.13 1.43
CA ALA H 12 -56.29 -13.46 1.57
C ALA H 12 -57.43 -14.47 1.55
N SER H 13 -58.65 -13.96 1.65
CA SER H 13 -59.83 -14.81 1.66
C SER H 13 -59.90 -15.76 2.84
N VAL H 14 -59.48 -15.25 3.99
CA VAL H 14 -59.46 -15.99 5.25
C VAL H 14 -60.30 -15.22 6.27
N SER H 15 -59.97 -15.37 7.55
CA SER H 15 -60.70 -14.67 8.57
C SER H 15 -59.79 -14.10 9.64
N ALA H 17 -59.49 -14.45 12.93
CA ALA H 17 -58.90 -15.54 13.69
C ALA H 17 -57.60 -16.07 13.12
N THR H 18 -57.56 -16.23 11.80
CA THR H 18 -56.35 -16.74 11.16
C THR H 18 -55.31 -15.70 10.84
N VAL H 19 -55.72 -14.52 10.38
CA VAL H 19 -54.74 -13.48 10.08
C VAL H 19 -53.91 -13.27 11.34
N SER H 20 -54.61 -13.17 12.46
CA SER H 20 -54.01 -13.03 13.78
C SER H 20 -52.88 -14.06 13.93
N ARG H 21 -53.25 -15.34 13.85
CA ARG H 21 -52.30 -16.44 13.99
C ARG H 21 -51.15 -16.38 13.00
N VAL H 22 -51.39 -15.89 11.80
CA VAL H 22 -50.32 -15.81 10.83
C VAL H 22 -49.32 -14.78 11.33
N VAL H 23 -49.81 -13.61 11.74
CA VAL H 23 -48.94 -12.57 12.27
C VAL H 23 -48.15 -13.12 13.45
N ASN H 24 -48.87 -13.48 14.50
CA ASN H 24 -48.30 -14.02 15.73
C ASN H 24 -47.65 -15.40 15.59
N GLY H 25 -47.83 -16.03 14.43
CA GLY H 25 -47.26 -17.35 14.14
C GLY H 25 -47.33 -18.45 15.20
N ASN H 26 -48.42 -19.22 15.21
CA ASN H 26 -48.58 -20.29 16.17
C ASN H 26 -48.96 -21.59 15.50
N PRO H 27 -48.91 -22.71 16.25
CA PRO H 27 -49.25 -24.00 15.68
C PRO H 27 -50.72 -24.15 15.32
N ASN H 28 -51.12 -23.55 14.20
CA ASN H 28 -52.52 -23.64 13.80
C ASN H 28 -52.79 -23.18 12.38
N VAL H 29 -51.76 -23.18 11.54
CA VAL H 29 -51.93 -22.76 10.15
C VAL H 29 -51.05 -23.54 9.19
N LYS H 30 -51.62 -23.83 8.03
CA LYS H 30 -50.94 -24.56 6.97
C LYS H 30 -50.01 -23.68 6.16
N PRO H 31 -48.80 -24.19 5.87
CA PRO H 31 -47.81 -23.43 5.10
C PRO H 31 -48.38 -22.75 3.86
N SER H 32 -49.56 -23.17 3.44
CA SER H 32 -50.21 -22.60 2.27
C SER H 32 -50.96 -21.34 2.72
N THR H 33 -51.82 -21.51 3.72
CA THR H 33 -52.58 -20.39 4.26
C THR H 33 -51.52 -19.41 4.79
N ARG H 34 -50.68 -19.90 5.70
CA ARG H 34 -49.63 -19.09 6.30
C ARG H 34 -48.87 -18.23 5.30
N LYS H 35 -48.83 -18.63 4.05
CA LYS H 35 -48.12 -17.81 3.09
C LYS H 35 -49.03 -16.93 2.29
N LYS H 36 -50.12 -17.48 1.78
CA LYS H 36 -51.03 -16.67 0.98
C LYS H 36 -51.30 -15.33 1.65
N VAL H 37 -51.57 -15.37 2.95
CA VAL H 37 -51.83 -14.13 3.68
C VAL H 37 -50.54 -13.42 4.08
N LEU H 38 -49.50 -14.20 4.39
CA LEU H 38 -48.22 -13.63 4.78
C LEU H 38 -47.76 -12.78 3.61
N GLU H 39 -48.22 -13.14 2.42
CA GLU H 39 -47.89 -12.40 1.21
C GLU H 39 -48.93 -11.30 1.07
N THR H 40 -50.20 -11.66 1.23
CA THR H 40 -51.30 -10.72 1.13
C THR H 40 -50.96 -9.45 1.87
N ILE H 41 -50.07 -9.56 2.84
CA ILE H 41 -49.67 -8.40 3.62
C ILE H 41 -48.65 -7.49 2.94
N GLU H 42 -47.70 -8.06 2.20
CA GLU H 42 -46.69 -7.25 1.52
C GLU H 42 -47.35 -6.33 0.50
N ARG H 43 -48.32 -6.84 -0.26
CA ARG H 43 -48.99 -6.01 -1.24
C ARG H 43 -49.86 -4.95 -0.56
N LEU H 44 -50.84 -5.37 0.22
CA LEU H 44 -51.71 -4.40 0.90
C LEU H 44 -50.94 -3.61 1.94
N GLY H 45 -49.75 -4.09 2.31
CA GLY H 45 -48.94 -3.39 3.29
C GLY H 45 -49.59 -3.38 4.66
N TYR H 46 -49.05 -4.18 5.58
CA TYR H 46 -49.64 -4.27 6.90
C TYR H 46 -48.66 -4.19 8.08
N ARG H 47 -48.98 -3.27 9.01
CA ARG H 47 -48.21 -3.03 10.24
C ARG H 47 -49.25 -2.91 11.38
N PRO H 48 -49.47 -4.02 12.12
CA PRO H 48 -50.37 -4.23 13.25
C PRO H 48 -50.22 -3.29 14.44
N ASN H 49 -51.33 -3.01 15.14
CA ASN H 49 -51.32 -2.13 16.32
C ASN H 49 -50.98 -2.88 17.59
N ALA H 50 -49.86 -2.51 18.19
CA ALA H 50 -49.42 -3.17 19.42
C ALA H 50 -50.22 -2.74 20.60
N VAL H 51 -51.18 -1.86 20.34
CA VAL H 51 -52.06 -1.31 21.36
C VAL H 51 -53.41 -2.01 21.36
N ALA H 52 -53.97 -2.22 20.17
CA ALA H 52 -55.25 -2.92 20.04
C ALA H 52 -54.98 -4.35 20.49
N ARG H 53 -53.77 -4.80 20.19
CA ARG H 53 -53.39 -6.12 20.60
C ARG H 53 -53.30 -6.19 22.12
N GLY H 54 -52.43 -5.37 22.70
CA GLY H 54 -52.27 -5.39 24.13
C GLY H 54 -53.60 -5.19 24.86
N LEU H 55 -54.50 -4.42 24.22
CA LEU H 55 -55.81 -4.13 24.78
C LEU H 55 -56.49 -5.45 24.92
N ALA H 56 -56.63 -6.16 23.79
CA ALA H 56 -57.27 -7.48 23.77
C ALA H 56 -56.54 -8.63 24.47
N SER H 57 -55.23 -8.46 24.73
CA SER H 57 -54.42 -9.51 25.36
C SER H 57 -53.71 -9.18 26.68
N LYS H 58 -54.06 -8.08 27.33
CA LYS H 58 -53.47 -7.70 28.61
C LYS H 58 -51.95 -7.85 28.69
N LYS H 59 -51.25 -7.80 27.55
CA LYS H 59 -49.78 -7.89 27.56
C LYS H 59 -49.22 -6.99 26.47
N THR H 60 -48.26 -6.14 26.84
CA THR H 60 -47.68 -5.19 25.89
C THR H 60 -46.24 -5.42 25.43
N THR H 61 -45.57 -6.43 25.95
CA THR H 61 -44.18 -6.69 25.59
C THR H 61 -43.43 -5.35 25.79
N THR H 62 -43.53 -4.85 27.01
CA THR H 62 -42.92 -3.60 27.40
C THR H 62 -42.64 -3.57 28.91
N VAL H 63 -41.39 -3.32 29.22
CA VAL H 63 -40.89 -3.24 30.57
C VAL H 63 -40.75 -1.75 30.91
N GLY H 64 -41.04 -1.40 32.14
CA GLY H 64 -40.90 0.00 32.51
C GLY H 64 -39.68 0.07 33.39
N VAL H 65 -38.70 0.88 33.04
CA VAL H 65 -37.55 0.96 33.89
C VAL H 65 -37.43 2.34 34.48
N ILE H 66 -37.28 2.38 35.80
CA ILE H 66 -37.13 3.62 36.56
C ILE H 66 -35.65 3.70 36.84
N ILE H 67 -35.07 4.88 36.73
CA ILE H 67 -33.64 4.99 36.91
C ILE H 67 -33.25 6.41 37.33
N PRO H 68 -32.33 6.53 38.31
CA PRO H 68 -31.88 7.84 38.80
C PRO H 68 -31.56 8.81 37.64
N ASP H 69 -30.37 8.70 37.06
CA ASP H 69 -29.99 9.57 35.94
C ASP H 69 -29.33 8.82 34.78
N ILE H 70 -30.09 8.64 33.70
CA ILE H 70 -29.61 7.95 32.52
C ILE H 70 -28.34 8.62 32.02
N SER H 71 -28.08 9.82 32.53
CA SER H 71 -26.88 10.60 32.18
C SER H 71 -25.56 9.97 32.72
N ASN H 72 -25.63 9.42 33.93
CA ASN H 72 -24.51 8.78 34.61
C ASN H 72 -24.11 7.44 33.94
N ILE H 73 -22.92 7.38 33.34
CA ILE H 73 -22.51 6.16 32.65
C ILE H 73 -22.72 4.89 33.44
N PHE H 74 -22.77 4.98 34.78
CA PHE H 74 -23.01 3.80 35.66
C PHE H 74 -24.37 3.20 35.31
N TYR H 75 -25.40 4.02 35.46
CA TYR H 75 -26.76 3.61 35.17
C TYR H 75 -27.00 3.43 33.67
N ALA H 76 -26.29 4.19 32.84
CA ALA H 76 -26.50 4.04 31.39
C ALA H 76 -26.00 2.71 30.87
N GLU H 77 -24.88 2.20 31.37
CA GLU H 77 -24.37 0.89 30.94
C GLU H 77 -25.43 -0.09 31.43
N LEU H 78 -25.76 0.02 32.71
CA LEU H 78 -26.77 -0.84 33.28
C LEU H 78 -28.02 -0.66 32.41
N ALA H 79 -28.36 0.59 32.08
CA ALA H 79 -29.53 0.84 31.23
C ALA H 79 -29.42 0.03 29.94
N ARG H 80 -28.19 -0.07 29.45
CA ARG H 80 -27.88 -0.78 28.22
C ARG H 80 -27.98 -2.28 28.46
N GLY H 81 -27.86 -2.65 29.74
CA GLY H 81 -27.95 -4.06 30.11
C GLY H 81 -29.36 -4.57 29.89
N ILE H 82 -30.31 -3.80 30.35
CA ILE H 82 -31.69 -4.17 30.21
C ILE H 82 -32.07 -4.24 28.75
N GLU H 83 -31.72 -3.19 28.02
CA GLU H 83 -32.06 -3.09 26.60
C GLU H 83 -31.62 -4.26 25.70
N ASP H 84 -30.36 -4.69 25.85
CA ASP H 84 -29.84 -5.80 25.08
C ASP H 84 -30.61 -7.09 25.30
N ILE H 85 -30.91 -7.40 26.55
CA ILE H 85 -31.68 -8.60 26.88
C ILE H 85 -33.16 -8.42 26.61
N ALA H 86 -33.70 -7.28 27.01
CA ALA H 86 -35.09 -7.06 26.77
C ALA H 86 -35.33 -7.23 25.25
N THR H 87 -34.55 -6.49 24.47
CA THR H 87 -34.65 -6.57 23.02
C THR H 87 -34.49 -7.98 22.55
N TYR H 89 -35.20 -10.79 24.07
CA TYR H 89 -36.40 -11.55 24.34
C TYR H 89 -37.63 -10.76 23.85
N LYS H 90 -37.48 -10.07 22.74
CA LYS H 90 -38.56 -9.32 22.12
C LYS H 90 -39.41 -8.32 22.94
N TYR H 91 -38.81 -7.61 23.91
CA TYR H 91 -39.57 -6.66 24.76
C TYR H 91 -39.16 -5.21 24.57
N ASN H 92 -40.12 -4.30 24.65
CA ASN H 92 -39.83 -2.87 24.53
C ASN H 92 -39.77 -2.23 25.90
N ILE H 93 -38.78 -1.39 26.14
CA ILE H 93 -38.69 -0.70 27.41
C ILE H 93 -39.18 0.76 27.42
N ILE H 94 -39.67 1.19 28.58
CA ILE H 94 -40.09 2.55 28.75
C ILE H 94 -39.11 3.04 29.81
N LEU H 95 -38.28 4.02 29.45
CA LEU H 95 -37.25 4.56 30.31
C LEU H 95 -37.72 5.87 30.93
N SER H 96 -37.35 6.09 32.19
CA SER H 96 -37.77 7.30 32.89
C SER H 96 -36.77 7.59 34.02
N ASN H 97 -36.61 8.87 34.37
CA ASN H 97 -35.67 9.26 35.43
C ASN H 97 -36.26 9.60 36.77
N SER H 98 -35.74 8.94 37.80
CA SER H 98 -36.17 9.11 39.18
C SER H 98 -35.42 10.23 39.91
N ASP H 99 -34.18 10.46 39.51
CA ASP H 99 -33.40 11.49 40.17
C ASP H 99 -33.18 11.00 41.61
N GLN H 100 -33.62 9.77 41.85
CA GLN H 100 -33.48 9.08 43.14
C GLN H 100 -34.37 9.55 44.27
N ASN H 101 -35.27 10.49 44.00
CA ASN H 101 -36.13 10.98 45.04
C ASN H 101 -37.45 10.22 45.05
N GLN H 102 -37.93 9.93 46.25
CA GLN H 102 -39.16 9.17 46.48
C GLN H 102 -40.44 9.57 45.75
N ASP H 103 -40.75 10.85 45.65
CA ASP H 103 -41.99 11.28 45.01
C ASP H 103 -42.20 10.91 43.53
N LYS H 104 -41.20 11.18 42.69
CA LYS H 104 -41.27 10.89 41.24
C LYS H 104 -41.24 9.40 40.96
N GLU H 105 -40.47 8.67 41.77
CA GLU H 105 -40.35 7.22 41.62
C GLU H 105 -41.73 6.55 41.72
N LEU H 106 -42.35 6.56 42.90
CA LEU H 106 -43.66 5.96 43.08
C LEU H 106 -44.56 6.49 41.99
N HIS H 107 -44.36 7.75 41.64
CA HIS H 107 -45.15 8.35 40.58
C HIS H 107 -45.00 7.54 39.30
N LEU H 108 -43.78 7.54 38.74
CA LEU H 108 -43.46 6.80 37.54
C LEU H 108 -44.04 5.40 37.68
N LEU H 109 -43.82 4.80 38.84
CA LEU H 109 -44.33 3.47 39.11
C LEU H 109 -45.80 3.46 38.72
N ASN H 110 -46.46 4.58 38.92
CA ASN H 110 -47.87 4.63 38.56
C ASN H 110 -48.08 4.90 37.08
N ASN H 111 -47.38 5.89 36.51
CA ASN H 111 -47.50 6.20 35.10
C ASN H 111 -47.24 4.85 34.38
N LEU H 113 -47.46 1.54 35.43
CA LEU H 113 -48.55 0.57 35.50
C LEU H 113 -49.76 1.06 34.77
N GLY H 114 -49.89 2.35 34.57
CA GLY H 114 -51.05 2.79 33.80
C GLY H 114 -50.77 2.33 32.37
N LYS H 115 -49.54 2.61 31.91
CA LYS H 115 -49.05 2.22 30.58
C LYS H 115 -49.07 0.71 30.39
N GLN H 116 -49.65 0.00 31.37
CA GLN H 116 -49.77 -1.43 31.34
C GLN H 116 -48.49 -2.20 30.98
N VAL H 117 -47.33 -1.72 31.45
CA VAL H 117 -46.11 -2.44 31.13
C VAL H 117 -46.28 -3.88 31.59
N ASP H 118 -45.40 -4.75 31.12
CA ASP H 118 -45.44 -6.17 31.46
C ASP H 118 -44.45 -6.58 32.51
N GLY H 119 -43.96 -5.59 33.27
CA GLY H 119 -42.99 -5.85 34.32
C GLY H 119 -42.26 -4.58 34.72
N ILE H 120 -41.42 -4.66 35.76
CA ILE H 120 -40.71 -3.46 36.19
C ILE H 120 -39.30 -3.67 36.70
N ILE H 121 -38.29 -3.15 36.00
CA ILE H 121 -36.97 -3.25 36.56
C ILE H 121 -36.87 -1.88 37.18
N PHE H 122 -36.58 -1.88 38.48
CA PHE H 122 -36.52 -0.64 39.25
C PHE H 122 -35.21 -0.57 39.95
N SER H 124 -32.88 2.08 42.33
CA SER H 124 -32.79 3.33 43.13
C SER H 124 -31.75 3.08 44.24
N GLY H 125 -31.44 4.11 45.03
CA GLY H 125 -30.46 3.94 46.09
C GLY H 125 -31.02 3.62 47.47
N ASN H 126 -31.71 4.60 48.02
CA ASN H 126 -32.32 4.45 49.33
C ASN H 126 -33.69 3.80 49.10
N VAL H 127 -33.76 2.48 48.96
CA VAL H 127 -35.06 1.88 48.78
C VAL H 127 -35.68 1.84 50.16
N THR H 128 -36.49 2.85 50.44
CA THR H 128 -37.18 2.98 51.74
C THR H 128 -38.12 1.80 51.88
N GLU H 129 -38.57 1.54 53.10
CA GLU H 129 -39.44 0.39 53.27
C GLU H 129 -40.85 0.75 52.78
N GLU H 130 -41.14 2.04 52.65
CA GLU H 130 -42.46 2.47 52.13
C GLU H 130 -42.49 2.03 50.67
N HIS H 131 -41.31 2.04 50.06
CA HIS H 131 -41.15 1.62 48.67
C HIS H 131 -41.50 0.17 48.58
N VAL H 132 -40.79 -0.64 49.34
CA VAL H 132 -41.04 -2.07 49.32
C VAL H 132 -42.52 -2.42 49.49
N GLU H 133 -43.21 -1.71 50.37
CA GLU H 133 -44.61 -2.02 50.59
C GLU H 133 -45.49 -1.54 49.43
N GLU H 134 -44.89 -0.74 48.55
CA GLU H 134 -45.60 -0.23 47.38
C GLU H 134 -45.31 -1.16 46.18
N LEU H 135 -44.05 -1.54 46.03
CA LEU H 135 -43.64 -2.42 44.96
C LEU H 135 -44.26 -3.81 45.12
N LYS H 136 -44.85 -4.05 46.30
CA LYS H 136 -45.47 -5.33 46.57
C LYS H 136 -46.91 -5.42 46.04
N LYS H 137 -47.60 -4.29 45.94
CA LYS H 137 -48.98 -4.31 45.44
C LYS H 137 -49.01 -4.17 43.93
N SER H 138 -47.84 -4.05 43.31
CA SER H 138 -47.71 -3.92 41.87
C SER H 138 -48.29 -5.16 41.23
N PRO H 139 -49.27 -4.97 40.34
CA PRO H 139 -49.93 -6.07 39.65
C PRO H 139 -48.96 -6.97 38.94
N VAL H 140 -47.76 -6.46 38.67
CA VAL H 140 -46.75 -7.22 37.94
C VAL H 140 -45.40 -7.30 38.61
N PRO H 141 -44.62 -8.33 38.28
CA PRO H 141 -43.29 -8.61 38.79
C PRO H 141 -42.46 -7.37 38.73
N VAL H 142 -41.70 -7.08 39.77
CA VAL H 142 -40.79 -5.95 39.70
C VAL H 142 -39.45 -6.59 40.03
N VAL H 143 -38.36 -5.85 39.89
CA VAL H 143 -37.07 -6.42 40.23
C VAL H 143 -36.03 -5.31 40.35
N LEU H 144 -35.28 -5.36 41.42
CA LEU H 144 -34.27 -4.37 41.65
C LEU H 144 -33.01 -4.81 40.95
N ALA H 145 -32.18 -3.83 40.63
CA ALA H 145 -30.94 -4.07 39.97
C ALA H 145 -30.01 -3.08 40.60
N ALA H 146 -28.82 -3.56 40.93
CA ALA H 146 -27.80 -2.73 41.54
C ALA H 146 -28.37 -1.88 42.65
N SER H 147 -29.51 -2.27 43.20
CA SER H 147 -30.10 -1.52 44.32
C SER H 147 -30.11 -2.34 45.62
N ILE H 148 -30.23 -1.66 46.75
CA ILE H 148 -30.17 -2.35 48.03
C ILE H 148 -31.39 -2.17 48.89
N GLU H 149 -31.97 -3.30 49.28
CA GLU H 149 -33.15 -3.33 50.14
C GLU H 149 -32.99 -4.54 51.07
N SER H 150 -33.24 -4.29 52.36
CA SER H 150 -33.12 -5.27 53.43
C SER H 150 -33.78 -6.64 53.29
N THR H 151 -35.06 -6.72 53.67
CA THR H 151 -35.88 -7.93 53.68
C THR H 151 -35.81 -9.01 52.59
N ASN H 152 -35.14 -8.76 51.47
CA ASN H 152 -35.06 -9.77 50.40
C ASN H 152 -36.44 -10.21 49.87
N GLN H 153 -37.50 -9.50 50.26
CA GLN H 153 -38.84 -9.83 49.78
C GLN H 153 -38.92 -9.73 48.25
N ILE H 154 -38.61 -8.55 47.71
CA ILE H 154 -38.61 -8.30 46.26
C ILE H 154 -37.39 -8.88 45.55
N PRO H 155 -37.62 -9.56 44.42
CA PRO H 155 -36.52 -10.18 43.67
C PRO H 155 -35.45 -9.13 43.46
N SER H 156 -34.21 -9.54 43.66
CA SER H 156 -33.11 -8.62 43.56
C SER H 156 -31.94 -9.21 42.84
N VAL H 157 -30.99 -8.33 42.54
CA VAL H 157 -29.76 -8.69 41.87
C VAL H 157 -28.69 -7.63 42.17
N THR H 158 -27.51 -8.09 42.55
CA THR H 158 -26.47 -7.15 42.82
C THR H 158 -25.22 -7.86 43.25
N ILE H 159 -24.23 -7.06 43.61
CA ILE H 159 -22.92 -7.53 44.08
C ILE H 159 -22.90 -7.44 45.59
N ASP H 160 -21.92 -8.05 46.24
CA ASP H 160 -21.83 -7.98 47.68
C ASP H 160 -20.93 -6.80 48.01
N TYR H 161 -21.52 -5.61 48.14
CA TYR H 161 -20.75 -4.41 48.44
C TYR H 161 -19.80 -4.60 49.61
N GLU H 162 -20.30 -5.12 50.72
CA GLU H 162 -19.44 -5.31 51.87
C GLU H 162 -18.27 -6.20 51.51
N GLN H 163 -18.55 -7.45 51.18
CA GLN H 163 -17.50 -8.38 50.81
C GLN H 163 -16.53 -7.72 49.84
N ALA H 164 -17.05 -6.85 48.99
CA ALA H 164 -16.19 -6.17 48.03
C ALA H 164 -15.25 -5.21 48.73
N ALA H 165 -15.81 -4.15 49.30
CA ALA H 165 -15.04 -3.15 50.01
C ALA H 165 -14.01 -3.85 50.91
N PHE H 166 -14.43 -4.96 51.52
CA PHE H 166 -13.57 -5.73 52.40
C PHE H 166 -12.38 -6.26 51.60
N ASP H 167 -12.68 -7.11 50.62
CA ASP H 167 -11.70 -7.73 49.74
C ASP H 167 -10.76 -6.72 49.09
N ALA H 168 -11.29 -5.55 48.75
CA ALA H 168 -10.49 -4.52 48.12
C ALA H 168 -9.40 -4.05 49.07
N VAL H 169 -9.83 -3.43 50.16
CA VAL H 169 -8.92 -2.90 51.17
C VAL H 169 -8.09 -3.98 51.81
N GLN H 170 -8.71 -5.11 52.15
CA GLN H 170 -7.95 -6.19 52.79
C GLN H 170 -6.71 -6.57 51.97
N SER H 171 -6.65 -6.11 50.72
CA SER H 171 -5.49 -6.42 49.89
C SER H 171 -4.38 -5.48 50.34
N LEU H 172 -4.78 -4.37 50.96
CA LEU H 172 -3.84 -3.36 51.48
C LEU H 172 -3.14 -3.91 52.73
N ILE H 173 -3.92 -4.55 53.59
CA ILE H 173 -3.41 -5.16 54.82
C ILE H 173 -2.37 -6.19 54.40
N ASP H 174 -2.79 -7.16 53.60
CA ASP H 174 -1.91 -8.22 53.08
C ASP H 174 -0.62 -7.66 52.52
N SER H 175 -0.69 -6.50 51.88
CA SER H 175 0.49 -5.90 51.30
C SER H 175 1.31 -5.05 52.27
N GLY H 176 0.87 -4.97 53.53
CA GLY H 176 1.62 -4.21 54.52
C GLY H 176 1.09 -2.91 55.10
N HIS H 177 0.56 -2.04 54.24
CA HIS H 177 0.03 -0.75 54.68
C HIS H 177 -0.84 -0.84 55.92
N LYS H 178 -0.28 -0.41 57.04
CA LYS H 178 -0.95 -0.43 58.34
C LYS H 178 -2.02 0.65 58.47
N ASN H 179 -1.71 1.85 57.99
CA ASN H 179 -2.64 2.98 58.06
C ASN H 179 -3.35 3.27 56.73
N ILE H 180 -4.54 2.70 56.56
CA ILE H 180 -5.35 2.87 55.35
C ILE H 180 -6.64 3.65 55.65
N ALA H 181 -7.06 4.48 54.70
CA ALA H 181 -8.25 5.31 54.89
C ALA H 181 -9.42 4.96 54.00
N PHE H 182 -10.54 5.66 54.23
CA PHE H 182 -11.76 5.44 53.47
C PHE H 182 -12.43 6.71 52.92
N VAL H 183 -12.66 6.71 51.60
CA VAL H 183 -13.30 7.81 50.88
C VAL H 183 -14.60 7.30 50.24
N SER H 184 -15.69 8.05 50.35
CA SER H 184 -16.93 7.61 49.75
C SER H 184 -17.94 8.73 49.71
N GLY H 185 -19.17 8.38 49.36
CA GLY H 185 -20.24 9.36 49.31
C GLY H 185 -20.99 9.45 50.62
N THR H 186 -22.22 9.95 50.58
CA THR H 186 -23.05 10.11 51.77
C THR H 186 -23.18 8.82 52.56
N LEU H 187 -23.68 8.93 53.79
CA LEU H 187 -23.86 7.74 54.61
C LEU H 187 -25.34 7.38 54.66
N GLU H 188 -26.23 8.35 54.79
CA GLU H 188 -27.67 8.05 54.85
C GLU H 188 -28.12 7.28 53.61
N GLU H 189 -27.17 6.99 52.74
CA GLU H 189 -27.41 6.24 51.52
C GLU H 189 -26.86 4.81 51.73
N PRO H 190 -27.76 3.85 51.95
CA PRO H 190 -27.53 2.41 52.19
C PRO H 190 -26.31 1.70 51.64
N ILE H 191 -25.81 2.11 50.48
CA ILE H 191 -24.66 1.39 49.93
C ILE H 191 -23.39 1.55 50.75
N ASN H 192 -23.16 2.74 51.28
CA ASN H 192 -21.96 2.97 52.07
C ASN H 192 -22.24 2.66 53.52
N HIS H 193 -23.21 3.38 54.09
CA HIS H 193 -23.65 3.21 55.47
C HIS H 193 -23.73 1.74 55.85
N ALA H 194 -24.61 1.03 55.15
CA ALA H 194 -24.87 -0.38 55.42
C ALA H 194 -23.86 -1.40 54.95
N LYS H 195 -23.22 -1.17 53.80
CA LYS H 195 -22.28 -2.19 53.28
C LYS H 195 -20.83 -1.80 53.02
N LYS H 196 -20.59 -0.60 52.52
CA LYS H 196 -19.23 -0.22 52.20
C LYS H 196 -18.32 0.09 53.38
N VAL H 197 -18.74 0.99 54.24
CA VAL H 197 -17.91 1.31 55.38
C VAL H 197 -17.79 0.08 56.28
N LYS H 198 -18.90 -0.64 56.45
CA LYS H 198 -18.92 -1.84 57.30
C LYS H 198 -17.94 -2.92 56.82
N GLY H 199 -17.65 -2.94 55.53
CA GLY H 199 -16.72 -3.91 54.98
C GLY H 199 -15.29 -3.39 55.09
N TYR H 200 -15.18 -2.09 55.34
CA TYR H 200 -13.90 -1.45 55.52
C TYR H 200 -13.56 -1.75 56.97
N LYS H 201 -14.56 -1.62 57.83
CA LYS H 201 -14.38 -1.93 59.24
C LYS H 201 -14.01 -3.39 59.37
N ARG H 202 -14.96 -4.28 59.11
CA ARG H 202 -14.73 -5.72 59.23
C ARG H 202 -13.35 -6.15 58.77
N ALA H 203 -12.82 -5.50 57.76
CA ALA H 203 -11.51 -5.90 57.25
C ALA H 203 -10.34 -5.30 58.02
N LEU H 204 -10.63 -4.19 58.71
CA LEU H 204 -9.64 -3.45 59.47
C LEU H 204 -9.54 -3.85 60.95
N THR H 205 -10.70 -4.04 61.58
CA THR H 205 -10.73 -4.43 62.99
C THR H 205 -10.57 -5.94 63.11
N GLU H 206 -10.73 -6.65 62.01
CA GLU H 206 -10.60 -8.10 61.99
C GLU H 206 -9.21 -8.56 62.43
N SER H 207 -8.18 -8.19 61.68
CA SER H 207 -6.80 -8.58 61.97
C SER H 207 -6.13 -7.78 63.09
N GLY H 208 -6.53 -6.53 63.26
CA GLY H 208 -5.96 -5.71 64.31
C GLY H 208 -5.51 -4.33 63.91
N LEU H 209 -6.31 -3.65 63.07
CA LEU H 209 -5.99 -2.29 62.65
C LEU H 209 -7.17 -1.37 62.91
N PRO H 210 -7.87 -1.56 64.04
CA PRO H 210 -9.03 -0.71 64.36
C PRO H 210 -9.12 0.64 63.65
N VAL H 211 -10.37 1.00 63.38
CA VAL H 211 -10.73 2.21 62.67
C VAL H 211 -10.84 3.51 63.45
N ARG H 212 -10.63 4.62 62.73
CA ARG H 212 -10.73 5.96 63.31
C ARG H 212 -11.62 6.81 62.40
N ASP H 213 -12.68 7.35 62.98
CA ASP H 213 -13.65 8.17 62.26
C ASP H 213 -13.05 9.40 61.56
N SER H 214 -11.73 9.53 61.56
CA SER H 214 -11.08 10.69 60.93
C SER H 214 -10.46 10.43 59.55
N TYR H 215 -10.36 9.16 59.16
CA TYR H 215 -9.83 8.78 57.85
C TYR H 215 -10.97 8.43 56.90
N ILE H 216 -12.20 8.54 57.41
CA ILE H 216 -13.38 8.26 56.63
C ILE H 216 -13.95 9.60 56.25
N VAL H 217 -13.55 10.08 55.08
CA VAL H 217 -13.98 11.37 54.55
C VAL H 217 -14.92 11.17 53.39
N GLU H 218 -16.08 11.79 53.46
CA GLU H 218 -17.06 11.64 52.39
C GLU H 218 -17.42 12.96 51.70
N GLY H 219 -17.68 12.87 50.40
CA GLY H 219 -18.04 14.03 49.62
C GLY H 219 -18.73 13.57 48.35
N ASP H 220 -19.58 14.42 47.75
CA ASP H 220 -20.29 14.07 46.52
C ASP H 220 -19.34 13.30 45.60
N TYR H 221 -19.85 12.26 44.95
CA TYR H 221 -19.06 11.41 44.06
C TYR H 221 -18.19 12.03 42.94
N THR H 222 -18.15 13.37 42.83
CA THR H 222 -17.37 14.01 41.77
C THR H 222 -15.85 13.87 41.84
N TYR H 223 -15.22 13.97 40.67
CA TYR H 223 -13.77 13.88 40.53
C TYR H 223 -13.10 14.92 41.41
N ASP H 224 -13.44 16.19 41.18
CA ASP H 224 -12.85 17.26 41.99
C ASP H 224 -13.11 17.03 43.48
N SER H 225 -14.26 16.47 43.82
CA SER H 225 -14.54 16.20 45.22
C SER H 225 -13.61 15.06 45.60
N GLY H 226 -12.89 14.56 44.61
CA GLY H 226 -11.95 13.48 44.84
C GLY H 226 -10.60 14.08 45.17
N ILE H 227 -10.33 15.27 44.63
CA ILE H 227 -9.09 16.00 44.91
C ILE H 227 -9.17 16.41 46.36
N GLU H 228 -10.37 16.82 46.79
CA GLU H 228 -10.63 17.23 48.16
C GLU H 228 -10.27 16.13 49.13
N ALA H 229 -10.82 14.94 48.88
CA ALA H 229 -10.57 13.77 49.71
C ALA H 229 -9.13 13.68 50.25
N VAL H 230 -8.14 13.78 49.36
CA VAL H 230 -6.76 13.69 49.81
C VAL H 230 -6.33 14.93 50.60
N GLU H 231 -6.77 16.11 50.13
CA GLU H 231 -6.45 17.38 50.79
C GLU H 231 -6.56 17.21 52.29
N LYS H 232 -7.78 16.94 52.75
CA LYS H 232 -8.04 16.78 54.17
C LYS H 232 -7.57 15.44 54.77
N LEU H 233 -7.11 14.50 53.95
CA LEU H 233 -6.67 13.24 54.51
C LEU H 233 -5.20 13.22 54.84
N LEU H 234 -4.35 13.47 53.86
CA LEU H 234 -2.89 13.47 54.06
C LEU H 234 -2.50 14.34 55.24
N GLU H 235 -2.65 15.64 55.00
CA GLU H 235 -2.35 16.70 55.95
C GLU H 235 -2.70 16.41 57.42
N GLU H 236 -3.96 16.07 57.68
CA GLU H 236 -4.48 15.85 59.05
C GLU H 236 -3.80 14.99 60.13
N ASP H 237 -3.60 13.70 59.90
CA ASP H 237 -2.99 12.91 60.96
C ASP H 237 -1.78 12.11 60.58
N GLU H 238 -1.51 11.05 61.35
CA GLU H 238 -0.40 10.19 61.01
C GLU H 238 -0.85 9.73 59.63
N LYS H 239 -0.29 10.33 58.59
CA LYS H 239 -0.64 10.01 57.21
C LYS H 239 -0.89 8.54 56.86
N PRO H 240 -2.05 8.22 56.27
CA PRO H 240 -2.34 6.84 55.89
C PRO H 240 -1.40 6.51 54.74
N THR H 241 -1.35 5.26 54.32
CA THR H 241 -0.46 4.89 53.22
C THR H 241 -1.20 4.25 52.06
N ALA H 242 -2.51 4.08 52.24
CA ALA H 242 -3.35 3.47 51.21
C ALA H 242 -4.81 3.85 51.41
N ILE H 243 -5.42 4.40 50.35
CA ILE H 243 -6.82 4.80 50.39
C ILE H 243 -7.65 3.78 49.64
N PHE H 244 -8.97 3.90 49.78
CA PHE H 244 -9.93 3.02 49.13
C PHE H 244 -11.12 3.89 48.71
N VAL H 245 -11.12 4.31 47.46
CA VAL H 245 -12.19 5.15 46.93
C VAL H 245 -13.29 4.26 46.35
N GLY H 246 -14.54 4.52 46.70
CA GLY H 246 -15.65 3.69 46.23
C GLY H 246 -16.30 4.12 44.93
N THR H 247 -15.51 4.72 44.06
CA THR H 247 -15.96 5.19 42.75
C THR H 247 -14.69 5.43 41.99
N ASP H 248 -14.59 4.89 40.78
CA ASP H 248 -13.37 5.09 40.02
C ASP H 248 -13.12 6.58 39.81
N GLU H 249 -14.21 7.32 39.58
CA GLU H 249 -14.11 8.74 39.34
C GLU H 249 -13.55 9.50 40.52
N ALA H 251 -12.12 8.49 42.54
CA ALA H 251 -10.92 7.73 42.85
C ALA H 251 -9.75 8.36 42.10
N LEU H 252 -9.99 8.82 40.87
CA LEU H 252 -8.93 9.47 40.12
C LEU H 252 -8.56 10.75 40.86
N GLY H 253 -9.48 11.17 41.72
CA GLY H 253 -9.27 12.36 42.53
C GLY H 253 -8.17 12.04 43.51
N VAL H 254 -8.44 11.18 44.48
CA VAL H 254 -7.41 10.81 45.44
C VAL H 254 -6.06 10.59 44.74
N ILE H 255 -6.09 10.18 43.48
CA ILE H 255 -4.85 9.95 42.73
C ILE H 255 -4.18 11.22 42.26
N HIS H 256 -4.96 12.16 41.71
CA HIS H 256 -4.39 13.43 41.26
C HIS H 256 -4.05 14.37 42.42
N GLY H 257 -4.75 14.17 43.55
CA GLY H 257 -4.52 14.97 44.74
C GLY H 257 -3.24 14.53 45.41
N ALA H 258 -3.05 13.22 45.53
CA ALA H 258 -1.85 12.67 46.14
C ALA H 258 -0.64 13.12 45.32
N GLN H 259 -0.89 13.23 44.02
CA GLN H 259 0.11 13.63 43.03
C GLN H 259 0.55 15.07 43.21
N ASP H 260 -0.43 15.97 43.25
CA ASP H 260 -0.18 17.38 43.42
C ASP H 260 0.52 17.68 44.75
N ARG H 261 0.93 16.63 45.45
CA ARG H 261 1.61 16.78 46.74
C ARG H 261 3.01 16.22 46.69
N GLY H 262 3.40 15.65 45.56
CA GLY H 262 4.72 15.06 45.43
C GLY H 262 4.68 13.65 45.97
N LEU H 263 3.51 13.32 46.52
CA LEU H 263 3.21 12.02 47.11
C LEU H 263 2.78 11.11 45.96
N ASN H 264 3.74 10.46 45.30
CA ASN H 264 3.43 9.59 44.16
C ASN H 264 2.44 8.46 44.48
N VAL H 265 1.75 7.98 43.44
CA VAL H 265 0.75 6.94 43.59
C VAL H 265 1.27 5.51 43.77
N PRO H 266 2.07 5.02 42.83
CA PRO H 266 2.56 3.65 43.04
C PRO H 266 3.19 3.43 44.43
N ASN H 267 4.00 4.38 44.88
CA ASN H 267 4.70 4.28 46.17
C ASN H 267 4.01 4.78 47.45
N ASP H 268 4.33 6.01 47.85
CA ASP H 268 3.77 6.63 49.07
C ASP H 268 2.39 6.12 49.49
N LEU H 269 1.32 6.58 48.84
CA LEU H 269 -0.03 6.10 49.17
C LEU H 269 -0.56 5.23 48.03
N GLU H 270 -1.56 4.39 48.30
CA GLU H 270 -2.12 3.54 47.26
C GLU H 270 -3.66 3.53 47.31
N ILE H 271 -4.29 3.71 46.16
CA ILE H 271 -5.74 3.75 46.08
C ILE H 271 -6.32 2.59 45.28
N ILE H 272 -7.40 2.02 45.81
CA ILE H 272 -8.10 0.93 45.15
C ILE H 272 -9.48 1.52 44.88
N GLY H 273 -9.86 1.50 43.62
CA GLY H 273 -11.16 2.03 43.22
C GLY H 273 -12.24 0.97 43.19
N PHE H 274 -13.48 1.45 43.03
CA PHE H 274 -14.62 0.56 42.99
C PHE H 274 -15.41 0.83 41.71
N ASP H 275 -15.99 -0.24 41.16
CA ASP H 275 -16.83 -0.26 39.94
C ASP H 275 -16.10 -0.75 38.69
N ASN H 276 -14.94 -0.16 38.43
CA ASN H 276 -14.13 -0.49 37.26
C ASN H 276 -14.67 0.13 35.97
N THR H 277 -15.18 1.35 36.07
CA THR H 277 -15.72 2.04 34.89
C THR H 277 -14.61 2.11 33.86
N ARG H 278 -14.98 2.02 32.58
CA ARG H 278 -14.02 2.07 31.49
C ARG H 278 -13.05 3.24 31.62
N LEU H 279 -13.21 4.09 32.63
CA LEU H 279 -12.32 5.24 32.82
C LEU H 279 -11.11 4.94 33.71
N SER H 280 -11.21 3.90 34.54
CA SER H 280 -10.12 3.49 35.44
C SER H 280 -8.84 3.30 34.63
N THR H 281 -9.05 3.19 33.34
CA THR H 281 -7.92 2.96 32.43
C THR H 281 -7.33 4.28 31.92
N VAL H 283 -6.08 6.92 33.56
CA VAL H 283 -5.44 7.57 34.70
C VAL H 283 -3.94 7.39 34.59
N ARG H 284 -3.19 8.33 35.17
CA ARG H 284 -1.74 8.29 35.18
C ARG H 284 -1.43 6.85 35.63
N PRO H 285 -1.30 6.58 36.94
CA PRO H 285 -1.02 5.14 37.12
C PRO H 285 -2.39 4.47 37.06
N GLN H 286 -2.72 3.81 35.95
CA GLN H 286 -4.03 3.17 35.82
C GLN H 286 -4.55 2.61 37.15
N LEU H 287 -5.78 3.00 37.47
CA LEU H 287 -6.40 2.62 38.73
C LEU H 287 -6.64 1.14 38.89
N THR H 288 -6.59 0.69 40.14
CA THR H 288 -6.89 -0.70 40.47
C THR H 288 -8.27 -0.60 41.10
N SER H 289 -9.28 -1.10 40.39
CA SER H 289 -10.63 -1.02 40.89
C SER H 289 -11.22 -2.37 41.26
N VAL H 290 -12.39 -2.31 41.87
CA VAL H 290 -13.12 -3.50 42.24
C VAL H 290 -14.19 -3.68 41.15
N VAL H 291 -14.19 -4.85 40.51
CA VAL H 291 -15.10 -5.16 39.43
C VAL H 291 -16.56 -5.29 39.80
N GLN H 292 -17.36 -4.46 39.13
CA GLN H 292 -18.82 -4.37 39.30
C GLN H 292 -19.37 -4.25 37.88
N PRO H 293 -19.90 -5.36 37.32
CA PRO H 293 -20.49 -5.52 35.98
C PRO H 293 -21.80 -4.80 35.76
N TYR H 295 -23.35 -3.60 33.73
CA TYR H 295 -24.06 -4.16 32.56
C TYR H 295 -24.68 -5.54 32.85
N ASP H 296 -23.86 -6.50 33.22
CA ASP H 296 -24.38 -7.82 33.53
C ASP H 296 -25.49 -7.79 34.60
N ILE H 297 -25.37 -6.90 35.59
CA ILE H 297 -26.39 -6.72 36.62
C ILE H 297 -27.68 -6.37 35.88
N GLY H 298 -27.50 -5.56 34.84
CA GLY H 298 -28.62 -5.09 34.04
C GLY H 298 -29.16 -6.16 33.17
N ALA H 299 -28.29 -7.00 32.63
CA ALA H 299 -28.73 -8.08 31.77
C ALA H 299 -29.42 -9.17 32.59
N VAL H 300 -28.81 -9.51 33.72
CA VAL H 300 -29.38 -10.52 34.58
C VAL H 300 -30.74 -9.99 34.96
N ALA H 301 -30.78 -8.75 35.43
CA ALA H 301 -32.05 -8.15 35.84
C ALA H 301 -33.20 -8.36 34.84
N ARG H 303 -33.27 -10.38 32.24
CA ARG H 303 -33.34 -11.82 32.08
C ARG H 303 -34.20 -12.51 33.15
N LEU H 304 -34.00 -12.15 34.42
CA LEU H 304 -34.78 -12.74 35.49
C LEU H 304 -36.23 -12.28 35.33
N LEU H 305 -36.43 -10.97 35.11
CA LEU H 305 -37.78 -10.43 34.94
C LEU H 305 -38.51 -11.13 33.80
N THR H 306 -37.77 -11.77 32.90
CA THR H 306 -38.42 -12.45 31.79
C THR H 306 -39.06 -13.73 32.31
N LYS H 307 -38.30 -14.47 33.12
CA LYS H 307 -38.77 -15.73 33.71
C LYS H 307 -40.06 -15.35 34.43
N TYR H 308 -39.92 -14.49 35.42
CA TYR H 308 -41.10 -14.01 36.14
C TYR H 308 -42.22 -13.77 35.13
N ASN H 310 -42.69 -14.77 32.31
CA ASN H 310 -43.08 -15.90 31.47
C ASN H 310 -43.69 -17.06 32.24
N LYS H 311 -44.08 -16.81 33.48
CA LYS H 311 -44.68 -17.82 34.36
C LYS H 311 -43.64 -18.80 34.79
N GLU H 312 -42.70 -19.11 33.91
CA GLU H 312 -41.67 -20.01 34.30
C GLU H 312 -41.14 -19.37 35.57
N THR H 313 -40.64 -20.19 36.45
CA THR H 313 -40.13 -19.71 37.69
C THR H 313 -38.95 -20.61 37.87
N VAL H 314 -37.88 -20.08 38.43
CA VAL H 314 -36.73 -20.89 38.66
C VAL H 314 -36.30 -20.38 40.02
N ASP H 315 -35.34 -21.03 40.65
CA ASP H 315 -35.01 -20.54 41.95
C ASP H 315 -33.71 -19.84 42.22
N SER H 316 -33.91 -18.56 42.55
CA SER H 316 -32.89 -17.59 42.85
C SER H 316 -33.72 -16.30 42.71
N SER H 317 -33.91 -15.59 43.82
CA SER H 317 -34.72 -14.38 43.80
C SER H 317 -33.83 -13.24 44.19
N ILE H 318 -32.69 -13.61 44.72
CA ILE H 318 -31.70 -12.65 45.12
C ILE H 318 -30.44 -13.19 44.45
N VAL H 319 -30.13 -12.61 43.30
CA VAL H 319 -28.98 -13.03 42.53
C VAL H 319 -27.79 -12.22 42.97
N GLN H 320 -26.67 -12.91 43.17
CA GLN H 320 -25.45 -12.26 43.59
C GLN H 320 -24.41 -12.59 42.56
N LEU H 321 -23.91 -11.55 41.91
CA LEU H 321 -22.93 -11.72 40.87
C LEU H 321 -21.50 -11.72 41.37
N PRO H 322 -20.65 -12.51 40.72
CA PRO H 322 -19.24 -12.58 41.11
C PRO H 322 -18.63 -11.18 41.10
N HIS H 323 -17.44 -11.06 41.68
CA HIS H 323 -16.72 -9.80 41.66
C HIS H 323 -15.24 -10.13 41.69
N ARG H 324 -14.41 -9.12 41.45
CA ARG H 324 -12.97 -9.30 41.45
C ARG H 324 -12.33 -7.93 41.38
N ILE H 325 -11.12 -7.81 41.86
CA ILE H 325 -10.43 -6.54 41.80
C ILE H 325 -9.24 -6.81 40.89
N GLU H 326 -9.24 -6.19 39.70
CA GLU H 326 -8.11 -6.41 38.81
C GLU H 326 -7.13 -5.28 39.07
N PHE H 327 -5.94 -5.66 39.50
CA PHE H 327 -4.89 -4.72 39.82
C PHE H 327 -4.17 -4.31 38.55
N ARG H 328 -4.34 -3.06 38.18
CA ARG H 328 -3.64 -2.57 37.01
C ARG H 328 -2.36 -2.08 37.68
N GLN H 329 -2.05 -0.79 37.71
CA GLN H 329 -0.78 -0.41 38.35
C GLN H 329 -0.78 0.57 39.53
N SER H 330 -1.88 1.27 39.75
CA SER H 330 -2.00 2.21 40.86
C SER H 330 -1.66 1.54 42.19
N THR H 331 -1.68 0.23 42.22
CA THR H 331 -1.41 -0.46 43.45
C THR H 331 -0.40 -1.59 43.29
N LYS H 332 0.83 -1.30 43.70
CA LYS H 332 2.00 -2.21 43.64
C LYS H 332 1.78 -3.71 43.67
N ALA I 2 13.16 28.98 -19.62
CA ALA I 2 13.02 29.17 -21.08
C ALA I 2 14.36 29.10 -21.79
N GLN I 3 15.42 29.62 -21.19
CA GLN I 3 16.70 29.61 -21.89
C GLN I 3 17.88 29.40 -20.95
N LYS I 4 18.96 28.88 -21.51
CA LYS I 4 20.18 28.65 -20.75
C LYS I 4 21.31 28.25 -21.69
N THR I 5 22.53 28.71 -21.39
CA THR I 5 23.66 28.40 -22.24
C THR I 5 24.69 27.60 -21.49
N PHE I 6 25.12 26.49 -22.07
CA PHE I 6 26.15 25.66 -21.46
C PHE I 6 27.30 25.44 -22.44
N THR I 7 28.29 24.80 -21.97
CA THR I 7 29.43 24.40 -22.78
C THR I 7 29.74 22.92 -22.60
N VAL I 8 29.56 22.13 -23.62
CA VAL I 8 29.80 20.71 -23.43
C VAL I 8 31.26 20.61 -23.10
N THR I 9 31.54 19.88 -22.04
CA THR I 9 32.88 19.66 -21.59
C THR I 9 33.21 18.17 -21.58
N ALA I 10 32.26 17.34 -21.98
CA ALA I 10 32.47 15.91 -22.02
C ALA I 10 33.23 15.62 -23.29
N ASP I 11 34.11 14.63 -23.32
CA ASP I 11 34.87 14.35 -24.56
C ASP I 11 34.08 13.78 -25.74
N SER I 12 32.83 13.42 -25.54
CA SER I 12 32.08 12.87 -26.64
C SER I 12 31.14 13.96 -27.15
N GLY I 13 31.03 15.02 -26.39
CA GLY I 13 30.15 16.09 -26.78
C GLY I 13 28.75 15.56 -26.67
N ILE I 14 27.83 16.14 -27.44
CA ILE I 14 26.44 15.71 -27.41
C ILE I 14 26.27 14.55 -28.40
N HIS I 15 26.65 13.36 -27.92
CA HIS I 15 26.59 12.12 -28.70
C HIS I 15 26.19 10.91 -27.86
N ALA I 16 26.14 9.76 -28.53
CA ALA I 16 25.78 8.49 -27.89
C ALA I 16 24.68 8.59 -26.88
N ARG I 17 24.76 7.77 -25.85
CA ARG I 17 23.73 7.75 -24.81
C ARG I 17 23.44 9.14 -24.29
N PRO I 18 24.49 9.86 -23.86
CA PRO I 18 24.33 11.22 -23.34
C PRO I 18 23.25 12.00 -24.09
N ALA I 19 23.35 12.06 -25.42
CA ALA I 19 22.34 12.75 -26.21
C ALA I 19 20.97 12.05 -26.17
N THR I 20 20.90 10.72 -26.15
CA THR I 20 19.56 10.12 -26.10
C THR I 20 18.96 10.43 -24.71
N THR I 21 19.77 10.25 -23.67
CA THR I 21 19.27 10.50 -22.31
C THR I 21 18.90 11.94 -22.09
N LEU I 22 19.36 12.81 -22.99
CA LEU I 22 19.08 14.22 -22.90
C LEU I 22 17.77 14.53 -23.63
N VAL I 23 17.69 14.02 -24.86
CA VAL I 23 16.50 14.19 -25.65
C VAL I 23 15.40 13.56 -24.79
N GLN I 24 15.57 12.27 -24.52
CA GLN I 24 14.59 11.57 -23.70
C GLN I 24 14.20 12.47 -22.55
N ALA I 25 15.20 12.92 -21.81
CA ALA I 25 14.98 13.78 -20.67
C ALA I 25 14.17 15.00 -21.06
N ALA I 26 14.34 15.45 -22.29
CA ALA I 26 13.62 16.61 -22.81
C ALA I 26 12.45 16.24 -23.71
N SER I 27 12.08 14.97 -23.70
CA SER I 27 10.99 14.50 -24.53
C SER I 27 9.78 14.18 -23.67
N LYS I 28 9.96 14.38 -22.36
CA LYS I 28 8.91 14.15 -21.36
C LYS I 28 8.25 15.46 -20.89
N PHE I 29 8.46 16.51 -21.67
CA PHE I 29 7.93 17.81 -21.37
C PHE I 29 7.07 18.25 -22.56
N ASP I 30 5.94 18.88 -22.24
CA ASP I 30 5.01 19.33 -23.25
C ASP I 30 5.55 20.59 -23.89
N SER I 31 6.05 21.50 -23.06
CA SER I 31 6.61 22.75 -23.57
C SER I 31 7.55 22.44 -24.71
N ASP I 32 7.65 23.33 -25.68
CA ASP I 32 8.59 23.08 -26.77
C ASP I 32 10.02 23.20 -26.23
N ILE I 33 10.98 22.69 -26.98
CA ILE I 33 12.36 22.74 -26.57
C ILE I 33 13.18 22.48 -27.83
N ASN I 34 14.24 23.26 -27.99
CA ASN I 34 15.11 23.13 -29.16
C ASN I 34 16.52 23.54 -28.77
N LEU I 35 17.50 22.88 -29.35
CA LEU I 35 18.89 23.14 -29.06
C LEU I 35 19.49 23.86 -30.28
N GLU I 36 20.18 24.98 -30.05
CA GLU I 36 20.79 25.75 -31.14
C GLU I 36 22.30 25.71 -31.04
N PHE I 37 23.00 25.81 -32.16
CA PHE I 37 24.46 25.76 -32.11
C PHE I 37 25.18 25.94 -33.45
N ASN I 38 26.15 26.86 -33.46
CA ASN I 38 26.94 27.23 -34.64
C ASN I 38 26.08 27.72 -35.80
N GLY I 39 24.90 28.25 -35.49
CA GLY I 39 24.04 28.76 -36.54
C GLY I 39 22.78 27.95 -36.77
N LYS I 40 22.86 26.63 -36.59
CA LYS I 40 21.70 25.79 -36.78
C LYS I 40 20.97 25.64 -35.45
N THR I 41 19.65 25.47 -35.52
CA THR I 41 18.80 25.26 -34.34
C THR I 41 17.97 24.00 -34.69
N VAL I 42 17.77 23.10 -33.73
CA VAL I 42 17.03 21.86 -34.02
C VAL I 42 16.16 21.47 -32.86
N ASN I 43 15.14 20.64 -33.10
CA ASN I 43 14.25 20.20 -32.02
C ASN I 43 15.05 19.36 -31.07
N LEU I 44 15.14 19.79 -29.81
CA LEU I 44 15.89 18.98 -28.86
C LEU I 44 15.11 17.75 -28.47
N LYS I 45 13.99 17.51 -29.15
CA LYS I 45 13.18 16.33 -28.89
C LYS I 45 13.42 15.31 -30.00
N ILE I 47 16.11 12.84 -32.13
CA ILE I 47 17.36 12.09 -32.26
C ILE I 47 18.02 12.27 -33.60
N MET I 48 17.23 12.57 -34.64
CA MET I 48 17.83 12.79 -35.95
C MET I 48 18.34 14.20 -35.99
N GLY I 49 17.59 15.12 -35.38
CA GLY I 49 18.01 16.50 -35.37
C GLY I 49 19.30 16.73 -34.60
N VAL I 50 19.27 16.38 -33.33
CA VAL I 50 20.41 16.57 -32.46
C VAL I 50 21.72 15.98 -33.00
N MET I 51 21.74 14.71 -33.34
CA MET I 51 22.96 14.10 -33.84
C MET I 51 23.37 14.54 -35.24
N SER I 52 22.75 15.62 -35.72
CA SER I 52 23.06 16.18 -37.04
C SER I 52 24.09 17.27 -36.85
N LEU I 53 23.90 18.06 -35.80
CA LEU I 53 24.78 19.17 -35.49
C LEU I 53 26.26 18.83 -35.43
N GLY I 54 26.57 17.62 -34.98
CA GLY I 54 27.96 17.19 -34.88
C GLY I 54 28.70 17.79 -33.69
N ILE I 55 27.95 18.35 -32.74
CA ILE I 55 28.51 18.99 -31.55
C ILE I 55 29.69 18.26 -30.90
N GLN I 56 30.88 18.83 -30.98
CA GLN I 56 32.05 18.24 -30.37
C GLN I 56 32.26 18.85 -28.98
N LYS I 57 33.33 18.47 -28.30
CA LYS I 57 33.58 19.00 -26.96
C LYS I 57 33.91 20.49 -27.02
N GLY I 58 33.84 21.18 -25.89
CA GLY I 58 34.15 22.59 -25.87
C GLY I 58 33.19 23.41 -26.69
N ALA I 59 32.25 22.77 -27.36
CA ALA I 59 31.29 23.51 -28.16
C ALA I 59 30.38 24.23 -27.19
N THR I 60 29.75 25.33 -27.64
CA THR I 60 28.83 26.12 -26.81
C THR I 60 27.44 25.96 -27.39
N ILE I 61 26.46 25.70 -26.52
CA ILE I 61 25.10 25.51 -26.99
C ILE I 61 24.06 26.24 -26.17
N THR I 62 22.90 26.47 -26.77
CA THR I 62 21.82 27.15 -26.09
C THR I 62 20.53 26.36 -26.17
N ILE I 63 20.02 26.00 -24.99
CA ILE I 63 18.79 25.25 -24.82
C ILE I 63 17.68 26.27 -24.56
N SER I 64 16.59 26.19 -25.31
CA SER I 64 15.47 27.11 -25.15
C SER I 64 14.16 26.33 -25.04
N ALA I 65 13.45 26.49 -23.92
CA ALA I 65 12.18 25.81 -23.72
C ALA I 65 11.09 26.87 -23.74
N GLU I 66 9.89 26.50 -24.21
CA GLU I 66 8.76 27.44 -24.31
C GLU I 66 7.41 26.73 -24.31
N GLY I 67 6.74 26.77 -23.15
CA GLY I 67 5.43 26.14 -22.97
C GLY I 67 4.96 26.11 -21.51
N SER I 68 3.82 25.49 -21.26
CA SER I 68 3.29 25.43 -19.89
C SER I 68 4.24 24.81 -18.87
N ASP I 69 5.17 23.99 -19.33
CA ASP I 69 6.13 23.30 -18.46
C ASP I 69 7.47 24.03 -18.53
N GLU I 70 7.57 24.92 -19.51
CA GLU I 70 8.75 25.76 -19.77
C GLU I 70 9.68 25.93 -18.57
N ALA I 71 9.10 26.30 -17.44
CA ALA I 71 9.84 26.50 -16.21
C ALA I 71 10.69 25.29 -15.90
N ASP I 72 10.05 24.28 -15.32
CA ASP I 72 10.76 23.05 -14.95
C ASP I 72 11.54 22.46 -16.11
N ALA I 73 10.99 22.61 -17.32
CA ALA I 73 11.63 22.09 -18.52
C ALA I 73 13.12 22.38 -18.42
N LEU I 74 13.44 23.61 -18.03
CA LEU I 74 14.83 24.02 -17.89
C LEU I 74 15.59 23.34 -16.75
N ALA I 75 15.04 23.38 -15.53
CA ALA I 75 15.72 22.74 -14.41
C ALA I 75 16.03 21.32 -14.79
N ALA I 76 15.04 20.61 -15.33
CA ALA I 76 15.24 19.23 -15.72
C ALA I 76 16.44 19.01 -16.66
N LEU I 77 16.48 19.68 -17.80
CA LEU I 77 17.60 19.44 -18.71
C LEU I 77 18.91 19.96 -18.16
N GLU I 78 18.86 20.96 -17.30
CA GLU I 78 20.10 21.49 -16.75
C GLU I 78 20.74 20.37 -15.90
N ASP I 79 19.92 19.78 -15.04
CA ASP I 79 20.37 18.69 -14.19
C ASP I 79 21.05 17.59 -15.01
N THR I 80 20.27 17.02 -15.94
CA THR I 80 20.71 15.96 -16.84
C THR I 80 21.95 16.35 -17.62
N MET I 81 22.10 17.64 -17.89
CA MET I 81 23.29 18.09 -18.60
C MET I 81 24.44 17.88 -17.61
N SER I 82 24.18 18.34 -16.38
CA SER I 82 25.13 18.24 -15.27
C SER I 82 25.41 16.82 -14.77
N LYS I 83 24.36 16.14 -14.31
CA LYS I 83 24.56 14.78 -13.83
C LYS I 83 25.00 13.79 -14.93
N GLU I 84 24.70 14.07 -16.20
CA GLU I 84 25.14 13.20 -17.29
C GLU I 84 26.51 13.71 -17.70
N GLY I 85 26.88 14.81 -17.05
CA GLY I 85 28.17 15.45 -17.23
C GLY I 85 28.68 15.76 -18.62
N LEU I 86 27.80 16.29 -19.47
CA LEU I 86 28.20 16.63 -20.84
C LEU I 86 28.33 18.15 -20.93
N GLY I 87 27.45 18.83 -20.23
CA GLY I 87 27.49 20.27 -20.23
C GLY I 87 27.38 20.75 -18.81
N GLU I 88 28.06 21.84 -18.50
CA GLU I 88 28.05 22.38 -17.15
C GLU I 88 28.04 23.91 -17.23
N ALA J 2 36.45 -44.22 -38.29
CA ALA J 2 36.15 -44.77 -36.94
C ALA J 2 36.77 -43.88 -35.89
N GLN J 3 37.92 -43.25 -36.21
CA GLN J 3 38.61 -42.34 -35.27
C GLN J 3 40.02 -41.85 -35.64
N LYS J 4 40.51 -40.92 -34.82
CA LYS J 4 41.83 -40.32 -34.97
C LYS J 4 42.22 -39.43 -33.78
N THR J 5 43.53 -39.24 -33.63
CA THR J 5 44.05 -38.42 -32.55
C THR J 5 44.71 -37.18 -33.13
N PHE J 6 44.24 -36.01 -32.68
CA PHE J 6 44.77 -34.73 -33.14
C PHE J 6 45.50 -33.91 -32.07
N THR J 7 46.50 -33.19 -32.51
CA THR J 7 47.21 -32.25 -31.65
C THR J 7 46.63 -30.85 -31.76
N VAL J 8 45.78 -30.51 -30.83
CA VAL J 8 45.09 -29.21 -30.92
C VAL J 8 46.18 -28.14 -30.76
N THR J 9 46.40 -27.41 -31.84
CA THR J 9 47.45 -26.42 -31.88
C THR J 9 46.98 -24.96 -31.99
N ALA J 10 45.67 -24.74 -32.17
CA ALA J 10 45.12 -23.39 -32.29
C ALA J 10 45.13 -22.66 -30.94
N ASP J 11 45.69 -21.45 -30.91
CA ASP J 11 45.78 -20.68 -29.68
C ASP J 11 44.64 -20.79 -28.67
N SER J 12 43.41 -20.71 -29.13
CA SER J 12 42.25 -20.78 -28.24
C SER J 12 41.78 -22.22 -28.00
N GLY J 13 42.49 -23.15 -28.63
CA GLY J 13 42.16 -24.55 -28.48
C GLY J 13 40.80 -24.86 -29.05
N ILE J 14 40.04 -25.68 -28.33
CA ILE J 14 38.73 -26.03 -28.79
C ILE J 14 37.76 -25.14 -28.01
N HIS J 15 37.63 -23.90 -28.49
CA HIS J 15 36.76 -22.89 -27.90
C HIS J 15 36.17 -22.01 -29.01
N ALA J 16 35.25 -21.14 -28.59
CA ALA J 16 34.61 -20.15 -29.45
C ALA J 16 34.10 -20.61 -30.78
N ARG J 17 34.15 -19.71 -31.75
CA ARG J 17 33.64 -20.01 -33.08
C ARG J 17 34.21 -21.27 -33.65
N PRO J 18 35.52 -21.50 -33.49
CA PRO J 18 36.11 -22.72 -34.05
C PRO J 18 35.31 -23.88 -33.49
N ALA J 19 35.38 -24.05 -32.17
CA ALA J 19 34.67 -25.10 -31.46
C ALA J 19 33.19 -25.26 -31.81
N THR J 20 32.42 -24.17 -31.81
CA THR J 20 31.00 -24.27 -32.12
C THR J 20 30.78 -24.90 -33.48
N THR J 21 31.80 -24.96 -34.33
CA THR J 21 31.65 -25.58 -35.63
C THR J 21 31.92 -27.07 -35.60
N LEU J 22 32.95 -27.46 -34.86
CA LEU J 22 33.29 -28.87 -34.74
C LEU J 22 32.04 -29.57 -34.19
N VAL J 23 31.35 -28.88 -33.29
CA VAL J 23 30.12 -29.41 -32.70
C VAL J 23 28.92 -29.34 -33.64
N GLN J 24 29.04 -28.60 -34.73
CA GLN J 24 27.94 -28.52 -35.68
C GLN J 24 28.12 -29.61 -36.70
N ALA J 25 29.36 -29.75 -37.15
CA ALA J 25 29.71 -30.73 -38.17
C ALA J 25 29.51 -32.18 -37.72
N ALA J 26 29.63 -32.45 -36.43
CA ALA J 26 29.46 -33.81 -35.92
C ALA J 26 27.96 -34.09 -35.71
N SER J 27 27.15 -33.06 -35.94
CA SER J 27 25.71 -33.15 -35.75
C SER J 27 25.02 -33.35 -37.08
N LYS J 28 25.77 -33.18 -38.16
CA LYS J 28 25.22 -33.38 -39.49
C LYS J 28 25.23 -34.86 -39.89
N PHE J 29 25.91 -35.68 -39.09
CA PHE J 29 26.06 -37.13 -39.31
C PHE J 29 25.38 -37.98 -38.23
N ASP J 30 24.61 -38.99 -38.67
CA ASP J 30 23.85 -39.89 -37.79
C ASP J 30 24.69 -40.71 -36.82
N SER J 31 25.88 -41.10 -37.28
CA SER J 31 26.80 -41.90 -36.49
C SER J 31 27.00 -41.28 -35.11
N ASP J 32 27.54 -42.06 -34.17
CA ASP J 32 27.79 -41.60 -32.80
C ASP J 32 29.18 -40.99 -32.73
N ILE J 33 29.30 -39.67 -32.56
CA ILE J 33 30.65 -39.17 -32.49
C ILE J 33 31.09 -38.87 -31.07
N ASN J 34 32.34 -39.22 -30.77
CA ASN J 34 32.90 -39.06 -29.43
C ASN J 34 34.28 -38.42 -29.37
N LEU J 35 34.49 -37.57 -28.36
CA LEU J 35 35.76 -36.88 -28.12
C LEU J 35 36.23 -37.08 -26.66
N GLU J 36 37.40 -37.72 -26.51
CA GLU J 36 37.99 -37.98 -25.21
C GLU J 36 39.15 -37.02 -25.09
N PHE J 37 39.38 -36.53 -23.89
CA PHE J 37 40.47 -35.62 -23.66
C PHE J 37 40.79 -35.71 -22.19
N ASN J 38 42.07 -35.94 -21.91
CA ASN J 38 42.52 -36.03 -20.54
C ASN J 38 41.78 -37.15 -19.82
N GLY J 39 41.39 -38.19 -20.56
CA GLY J 39 40.71 -39.31 -19.92
C GLY J 39 39.21 -39.20 -19.69
N LYS J 40 38.60 -38.07 -20.04
CA LYS J 40 37.16 -37.97 -19.89
C LYS J 40 36.61 -37.86 -21.30
N THR J 41 35.37 -38.32 -21.48
CA THR J 41 34.77 -38.33 -22.81
C THR J 41 33.48 -37.52 -22.91
N VAL J 42 33.26 -36.94 -24.08
CA VAL J 42 32.10 -36.10 -24.29
C VAL J 42 31.51 -36.25 -25.68
N ASN J 43 30.20 -36.11 -25.79
CA ASN J 43 29.58 -36.22 -27.10
C ASN J 43 30.11 -35.10 -28.01
N LEU J 44 30.78 -35.44 -29.10
CA LEU J 44 31.28 -34.40 -29.97
C LEU J 44 30.11 -33.54 -30.48
N LYS J 45 28.90 -33.90 -30.12
CA LYS J 45 27.77 -33.13 -30.58
C LYS J 45 27.19 -32.25 -29.48
N ILE J 47 27.64 -29.03 -27.26
CA ILE J 47 28.32 -27.76 -27.05
C ILE J 47 28.57 -27.57 -25.58
N MET J 48 27.67 -28.07 -24.75
CA MET J 48 27.85 -27.92 -23.33
C MET J 48 28.92 -28.85 -22.81
N GLY J 49 29.20 -29.92 -23.55
CA GLY J 49 30.21 -30.88 -23.12
C GLY J 49 31.62 -30.53 -23.56
N VAL J 50 31.74 -30.18 -24.84
CA VAL J 50 33.02 -29.82 -25.39
C VAL J 50 33.47 -28.55 -24.69
N MET J 51 32.66 -27.51 -24.78
CA MET J 51 33.02 -26.24 -24.18
C MET J 51 33.41 -26.27 -22.70
N SER J 52 32.92 -27.26 -21.97
CA SER J 52 33.23 -27.36 -20.53
C SER J 52 34.49 -28.13 -20.19
N LEU J 53 35.25 -28.59 -21.18
CA LEU J 53 36.49 -29.31 -20.86
C LEU J 53 37.63 -28.31 -20.76
N GLY J 54 37.67 -27.37 -21.69
CA GLY J 54 38.74 -26.39 -21.68
C GLY J 54 39.98 -27.04 -22.23
N ILE J 55 39.96 -27.33 -23.53
CA ILE J 55 41.10 -27.93 -24.23
C ILE J 55 41.94 -26.73 -24.60
N GLN J 56 43.20 -26.70 -24.16
CA GLN J 56 44.13 -25.59 -24.47
C GLN J 56 44.99 -25.96 -25.68
N LYS J 57 45.72 -24.99 -26.24
CA LYS J 57 46.58 -25.30 -27.37
C LYS J 57 47.51 -26.36 -26.82
N GLY J 58 47.98 -27.24 -27.69
CA GLY J 58 48.87 -28.29 -27.24
C GLY J 58 48.25 -29.57 -26.69
N ALA J 59 46.97 -29.54 -26.36
CA ALA J 59 46.33 -30.74 -25.84
C ALA J 59 46.22 -31.81 -26.96
N THR J 60 46.01 -33.06 -26.57
CA THR J 60 45.86 -34.17 -27.52
C THR J 60 44.46 -34.76 -27.35
N ILE J 61 43.66 -34.69 -28.40
CA ILE J 61 42.29 -35.16 -28.34
C ILE J 61 41.97 -36.29 -29.31
N THR J 62 41.04 -37.16 -28.94
CA THR J 62 40.68 -38.25 -29.83
C THR J 62 39.24 -38.19 -30.27
N ILE J 63 39.04 -37.87 -31.54
CA ILE J 63 37.70 -37.80 -32.11
C ILE J 63 37.39 -39.20 -32.61
N SER J 64 36.27 -39.78 -32.19
CA SER J 64 35.92 -41.12 -32.63
C SER J 64 34.50 -41.24 -33.20
N ALA J 65 34.37 -41.85 -34.38
CA ALA J 65 33.07 -42.05 -35.02
C ALA J 65 32.67 -43.53 -34.97
N GLU J 66 31.40 -43.79 -34.66
CA GLU J 66 30.88 -45.16 -34.56
C GLU J 66 29.47 -45.29 -35.09
N GLY J 67 29.34 -45.77 -36.33
CA GLY J 67 28.03 -45.93 -36.95
C GLY J 67 28.08 -46.02 -38.47
N SER J 68 26.90 -45.99 -39.10
CA SER J 68 26.76 -46.09 -40.56
C SER J 68 27.65 -45.15 -41.37
N ASP J 69 27.63 -43.85 -41.06
CA ASP J 69 28.43 -42.91 -41.83
C ASP J 69 29.77 -42.50 -41.23
N GLU J 70 30.20 -43.17 -40.17
CA GLU J 70 31.47 -42.86 -39.51
C GLU J 70 32.49 -42.16 -40.43
N ALA J 71 32.78 -42.79 -41.56
CA ALA J 71 33.74 -42.29 -42.54
C ALA J 71 33.47 -40.88 -43.05
N ASP J 72 32.28 -40.65 -43.57
CA ASP J 72 31.90 -39.35 -44.11
C ASP J 72 32.21 -38.28 -43.06
N ALA J 73 31.84 -38.60 -41.82
CA ALA J 73 32.04 -37.71 -40.69
C ALA J 73 33.52 -37.56 -40.35
N LEU J 74 34.19 -38.68 -40.14
CA LEU J 74 35.61 -38.62 -39.80
C LEU J 74 36.32 -37.86 -40.92
N ALA J 75 36.10 -38.28 -42.16
CA ALA J 75 36.72 -37.59 -43.27
C ALA J 75 36.26 -36.15 -43.20
N ALA J 76 35.16 -35.92 -42.47
CA ALA J 76 34.57 -34.59 -42.32
C ALA J 76 35.16 -33.77 -41.18
N LEU J 77 35.38 -34.40 -40.03
CA LEU J 77 35.94 -33.69 -38.89
C LEU J 77 37.43 -33.58 -39.00
N GLU J 78 37.92 -33.80 -40.21
CA GLU J 78 39.33 -33.70 -40.51
C GLU J 78 39.44 -32.39 -41.25
N ASP J 79 38.62 -32.26 -42.28
CA ASP J 79 38.61 -31.06 -43.08
C ASP J 79 38.34 -29.86 -42.17
N THR J 80 37.20 -29.92 -41.47
CA THR J 80 36.81 -28.86 -40.55
C THR J 80 37.98 -28.55 -39.63
N MET J 81 38.46 -29.58 -38.93
CA MET J 81 39.59 -29.43 -38.01
C MET J 81 40.63 -28.47 -38.60
N SER J 82 41.21 -28.83 -39.74
CA SER J 82 42.20 -27.97 -40.34
C SER J 82 41.67 -26.74 -41.07
N LYS J 83 40.50 -26.82 -41.70
CA LYS J 83 39.96 -25.64 -42.39
C LYS J 83 39.73 -24.58 -41.31
N GLU J 84 39.55 -25.06 -40.07
CA GLU J 84 39.34 -24.20 -38.90
C GLU J 84 40.64 -24.21 -38.06
N GLY J 85 41.66 -24.87 -38.60
CA GLY J 85 42.95 -24.95 -37.95
C GLY J 85 42.96 -25.13 -36.46
N LEU J 86 42.63 -26.34 -36.02
CA LEU J 86 42.60 -26.67 -34.60
C LEU J 86 43.54 -27.84 -34.32
N GLY J 87 43.58 -28.79 -35.25
CA GLY J 87 44.45 -29.96 -35.07
C GLY J 87 45.16 -30.42 -36.33
N GLU J 88 45.92 -31.51 -36.21
CA GLU J 88 46.68 -32.07 -37.33
C GLU J 88 46.22 -33.48 -37.72
N ALA K 2 -18.67 -30.72 18.32
CA ALA K 2 -19.28 -31.10 19.60
C ALA K 2 -18.62 -30.37 20.75
N GLN K 3 -17.34 -30.03 20.62
CA GLN K 3 -16.67 -29.39 21.76
C GLN K 3 -15.43 -28.57 21.40
N LYS K 4 -15.13 -27.54 22.18
CA LYS K 4 -13.97 -26.72 21.90
C LYS K 4 -13.52 -25.98 23.15
N THR K 5 -12.27 -25.52 23.16
CA THR K 5 -11.73 -24.80 24.31
C THR K 5 -10.91 -23.61 23.84
N PHE K 6 -11.03 -22.50 24.56
CA PHE K 6 -10.28 -21.26 24.25
C PHE K 6 -9.79 -20.63 25.53
N THR K 7 -8.86 -19.81 25.36
CA THR K 7 -8.45 -18.88 26.40
C THR K 7 -9.07 -17.50 26.20
N VAL K 8 -9.85 -16.99 27.00
CA VAL K 8 -10.48 -15.76 26.51
C VAL K 8 -9.42 -14.66 26.44
N THR K 9 -9.45 -13.90 25.36
CA THR K 9 -8.50 -12.81 25.15
C THR K 9 -9.12 -11.44 25.46
N ALA K 10 -10.43 -11.31 25.23
CA ALA K 10 -11.13 -10.06 25.49
C ALA K 10 -10.58 -9.57 26.80
N ASP K 11 -10.21 -8.30 26.81
CA ASP K 11 -9.62 -7.68 27.98
C ASP K 11 -10.74 -7.50 29.00
N SER K 12 -11.95 -7.55 28.47
CA SER K 12 -13.16 -7.37 29.24
C SER K 12 -13.64 -8.68 29.87
N GLY K 13 -13.14 -9.79 29.34
CA GLY K 13 -13.56 -11.09 29.82
C GLY K 13 -14.89 -11.34 29.13
N ILE K 14 -15.51 -12.49 29.31
CA ILE K 14 -16.80 -12.65 28.66
C ILE K 14 -17.85 -11.93 29.53
N HIS K 15 -18.22 -10.74 29.07
CA HIS K 15 -19.20 -9.91 29.76
C HIS K 15 -19.86 -8.97 28.74
N ALA K 16 -20.71 -8.06 29.23
CA ALA K 16 -21.38 -7.09 28.35
C ALA K 16 -21.83 -7.67 27.02
N ARG K 17 -21.66 -6.84 26.00
CA ARG K 17 -22.01 -7.19 24.65
C ARG K 17 -21.47 -8.56 24.25
N PRO K 18 -20.14 -8.75 24.28
CA PRO K 18 -19.55 -10.05 23.91
C PRO K 18 -20.38 -11.25 24.37
N ALA K 19 -20.73 -11.25 25.66
CA ALA K 19 -21.53 -12.31 26.22
C ALA K 19 -22.99 -12.28 25.68
N THR K 20 -23.69 -11.15 25.65
CA THR K 20 -25.03 -11.26 25.09
C THR K 20 -25.01 -11.68 23.61
N THR K 21 -23.97 -11.38 22.83
CA THR K 21 -24.01 -11.83 21.43
C THR K 21 -23.52 -13.26 21.30
N LEU K 22 -22.85 -13.77 22.32
CA LEU K 22 -22.40 -15.14 22.24
C LEU K 22 -23.59 -15.99 22.67
N VAL K 23 -24.13 -15.67 23.84
CA VAL K 23 -25.26 -16.41 24.36
C VAL K 23 -26.36 -16.45 23.33
N GLN K 24 -26.42 -15.41 22.51
CA GLN K 24 -27.46 -15.32 21.46
C GLN K 24 -27.09 -16.25 20.32
N ALA K 25 -25.82 -16.22 19.91
CA ALA K 25 -25.31 -17.09 18.85
C ALA K 25 -25.74 -18.51 19.24
N ALA K 26 -25.57 -18.84 20.51
CA ALA K 26 -25.95 -20.15 21.00
C ALA K 26 -27.41 -20.38 20.65
N SER K 27 -28.28 -19.51 21.16
CA SER K 27 -29.71 -19.59 20.97
C SER K 27 -30.20 -19.78 19.56
N LYS K 28 -29.33 -19.51 18.60
CA LYS K 28 -29.67 -19.69 17.20
C LYS K 28 -29.57 -21.18 16.80
N PHE K 29 -29.20 -22.04 17.76
CA PHE K 29 -29.07 -23.48 17.51
C PHE K 29 -29.85 -24.31 18.50
N ASP K 30 -30.44 -25.41 18.01
CA ASP K 30 -31.25 -26.31 18.82
C ASP K 30 -30.48 -27.31 19.70
N SER K 31 -29.25 -27.62 19.31
CA SER K 31 -28.41 -28.52 20.07
C SER K 31 -28.34 -27.98 21.46
N ASP K 32 -28.09 -28.85 22.43
CA ASP K 32 -27.96 -28.37 23.78
C ASP K 32 -26.56 -27.84 23.86
N ILE K 33 -26.39 -26.67 24.46
CA ILE K 33 -25.07 -26.14 24.54
C ILE K 33 -24.71 -25.70 25.95
N ASN K 34 -23.47 -26.02 26.35
CA ASN K 34 -23.02 -25.65 27.69
C ASN K 34 -21.67 -24.98 27.69
N LEU K 35 -21.40 -24.24 28.76
CA LEU K 35 -20.12 -23.58 28.93
C LEU K 35 -19.55 -24.17 30.20
N GLU K 36 -18.39 -24.81 30.08
CA GLU K 36 -17.71 -25.43 31.22
C GLU K 36 -16.54 -24.53 31.59
N PHE K 37 -16.39 -24.24 32.87
CA PHE K 37 -15.29 -23.38 33.32
C PHE K 37 -15.05 -23.46 34.83
N ASN K 38 -13.79 -23.71 35.19
CA ASN K 38 -13.40 -23.86 36.59
C ASN K 38 -14.36 -24.85 37.22
N GLY K 39 -14.50 -26.01 36.59
CA GLY K 39 -15.39 -27.03 37.10
C GLY K 39 -16.85 -26.67 37.27
N LYS K 40 -17.29 -25.52 36.73
CA LYS K 40 -18.69 -25.13 36.82
C LYS K 40 -19.18 -25.23 35.40
N THR K 41 -20.47 -25.50 35.21
CA THR K 41 -21.04 -25.62 33.88
C THR K 41 -22.48 -25.08 33.73
N VAL K 42 -22.71 -24.28 32.69
CA VAL K 42 -24.02 -23.71 32.50
C VAL K 42 -24.51 -23.69 31.06
N ASN K 43 -25.80 -23.49 30.89
CA ASN K 43 -26.41 -23.47 29.57
C ASN K 43 -25.89 -22.25 28.79
N LEU K 44 -25.14 -22.46 27.71
CA LEU K 44 -24.63 -21.31 26.98
C LEU K 44 -25.75 -20.50 26.37
N LYS K 45 -26.96 -21.03 26.37
CA LYS K 45 -28.09 -20.29 25.81
C LYS K 45 -28.71 -19.40 26.87
N ILE K 47 -28.09 -16.15 29.65
CA ILE K 47 -27.22 -15.09 30.14
C ILE K 47 -27.08 -15.23 31.65
N MET K 48 -28.20 -15.38 32.33
CA MET K 48 -28.17 -15.53 33.78
C MET K 48 -27.18 -16.65 34.08
N GLY K 49 -27.16 -17.66 33.24
CA GLY K 49 -26.24 -18.75 33.46
C GLY K 49 -24.81 -18.25 33.29
N VAL K 50 -24.45 -18.02 32.03
CA VAL K 50 -23.11 -17.57 31.65
C VAL K 50 -22.56 -16.45 32.49
N MET K 51 -23.40 -15.47 32.80
CA MET K 51 -22.97 -14.32 33.56
C MET K 51 -22.79 -14.53 35.05
N SER K 52 -23.29 -15.62 35.58
CA SER K 52 -23.11 -15.88 37.01
C SER K 52 -21.70 -16.40 37.24
N LEU K 53 -21.06 -16.84 36.16
CA LEU K 53 -19.70 -17.38 36.23
C LEU K 53 -18.67 -16.38 36.68
N GLY K 54 -18.51 -15.29 35.97
CA GLY K 54 -17.50 -14.32 36.37
C GLY K 54 -16.22 -14.58 35.59
N ILE K 55 -16.36 -15.18 34.41
CA ILE K 55 -15.23 -15.50 33.57
C ILE K 55 -14.36 -14.27 33.34
N GLN K 56 -13.15 -14.30 33.87
CA GLN K 56 -12.22 -13.19 33.72
C GLN K 56 -11.45 -13.33 32.42
N LYS K 57 -10.63 -12.34 32.10
CA LYS K 57 -9.88 -12.33 30.85
C LYS K 57 -8.87 -13.44 30.56
N GLY K 58 -8.22 -13.99 31.57
CA GLY K 58 -7.22 -15.01 31.26
C GLY K 58 -7.72 -16.43 31.37
N ALA K 59 -9.00 -16.57 31.68
CA ALA K 59 -9.61 -17.86 31.86
C ALA K 59 -9.62 -18.79 30.65
N THR K 60 -9.73 -20.08 30.94
CA THR K 60 -9.80 -21.13 29.93
C THR K 60 -11.24 -21.60 30.05
N ILE K 61 -11.90 -21.79 28.92
CA ILE K 61 -13.28 -22.24 28.92
C ILE K 61 -13.55 -23.28 27.82
N THR K 62 -14.54 -24.14 28.05
CA THR K 62 -14.90 -25.13 27.03
C THR K 62 -16.34 -24.91 26.67
N ILE K 63 -16.57 -24.81 25.38
CA ILE K 63 -17.90 -24.60 24.83
C ILE K 63 -18.23 -25.80 23.97
N SER K 64 -19.14 -26.61 24.49
CA SER K 64 -19.59 -27.81 23.80
C SER K 64 -21.07 -27.72 23.52
N ALA K 65 -21.51 -28.40 22.46
CA ALA K 65 -22.91 -28.38 22.09
C ALA K 65 -23.34 -29.67 21.40
N GLU K 66 -24.42 -30.31 21.86
CA GLU K 66 -24.88 -31.54 21.20
C GLU K 66 -26.37 -31.62 20.89
N GLY K 67 -26.63 -31.91 19.61
CA GLY K 67 -27.97 -32.01 19.08
C GLY K 67 -27.76 -32.12 17.58
N SER K 68 -28.81 -32.25 16.79
CA SER K 68 -28.58 -32.35 15.35
C SER K 68 -27.51 -31.34 14.93
N ASP K 69 -27.83 -30.07 15.10
CA ASP K 69 -26.95 -28.96 14.72
C ASP K 69 -25.51 -29.00 15.27
N GLU K 70 -25.33 -29.64 16.41
CA GLU K 70 -24.02 -29.81 17.08
C GLU K 70 -22.74 -29.19 16.47
N ALA K 71 -22.40 -29.63 15.26
CA ALA K 71 -21.19 -29.12 14.59
C ALA K 71 -21.34 -27.65 14.18
N ASP K 72 -22.28 -27.37 13.29
CA ASP K 72 -22.53 -26.01 12.80
C ASP K 72 -22.65 -25.03 13.95
N ALA K 73 -22.97 -25.56 15.13
CA ALA K 73 -23.09 -24.74 16.30
C ALA K 73 -21.68 -24.41 16.82
N LEU K 74 -20.76 -25.35 16.68
CA LEU K 74 -19.42 -25.09 17.16
C LEU K 74 -18.62 -24.18 16.23
N ALA K 75 -18.92 -24.21 14.94
CA ALA K 75 -18.20 -23.36 14.02
C ALA K 75 -18.70 -21.93 14.28
N ALA K 76 -20.01 -21.79 14.43
CA ALA K 76 -20.62 -20.50 14.69
C ALA K 76 -19.96 -19.93 15.92
N LEU K 77 -20.18 -20.57 17.07
CA LEU K 77 -19.60 -20.11 18.31
C LEU K 77 -18.09 -19.90 18.20
N GLU K 78 -17.46 -20.57 17.25
CA GLU K 78 -16.03 -20.37 17.06
C GLU K 78 -15.86 -18.99 16.35
N ASP K 79 -16.65 -18.75 15.30
CA ASP K 79 -16.56 -17.49 14.58
C ASP K 79 -16.77 -16.30 15.52
N THR K 80 -17.98 -16.20 16.07
CA THR K 80 -18.33 -15.09 16.95
C THR K 80 -17.37 -14.91 18.14
N MET K 81 -16.67 -15.97 18.53
CA MET K 81 -15.69 -15.90 19.64
C MET K 81 -14.50 -15.08 19.15
N SER K 82 -14.31 -15.09 17.83
CA SER K 82 -13.22 -14.35 17.20
C SER K 82 -13.73 -12.95 16.90
N LYS K 83 -14.88 -12.87 16.24
CA LYS K 83 -15.48 -11.58 15.93
C LYS K 83 -15.58 -10.78 17.22
N GLU K 84 -16.27 -11.31 18.23
CA GLU K 84 -16.39 -10.63 19.50
C GLU K 84 -15.05 -10.49 20.17
N GLY K 85 -14.02 -11.10 19.56
CA GLY K 85 -12.68 -11.06 20.08
C GLY K 85 -12.58 -11.67 21.46
N LEU K 86 -13.49 -12.59 21.76
CA LEU K 86 -13.53 -13.22 23.08
C LEU K 86 -12.38 -14.19 23.34
N GLY K 87 -11.95 -14.94 22.32
CA GLY K 87 -10.85 -15.85 22.56
C GLY K 87 -10.59 -16.86 21.48
N GLU K 88 -9.57 -17.68 21.73
CA GLU K 88 -9.18 -18.73 20.80
C GLU K 88 -8.20 -19.72 21.44
N ALA L 2 -41.95 43.11 37.21
CA ALA L 2 -42.04 43.46 35.76
C ALA L 2 -40.74 43.31 34.94
N GLN L 3 -39.56 43.46 35.55
CA GLN L 3 -38.31 43.37 34.77
C GLN L 3 -36.97 43.36 35.52
N LYS L 4 -36.05 42.46 35.15
CA LYS L 4 -34.74 42.38 35.81
C LYS L 4 -33.60 41.84 34.96
N THR L 5 -32.39 42.30 35.24
CA THR L 5 -31.18 41.89 34.50
C THR L 5 -30.18 41.18 35.41
N PHE L 6 -29.84 39.95 35.04
CA PHE L 6 -28.91 39.17 35.84
C PHE L 6 -27.64 39.00 35.08
N THR L 7 -26.64 38.77 35.84
CA THR L 7 -25.33 38.41 35.29
C THR L 7 -25.11 36.89 35.35
N VAL L 8 -25.26 36.19 34.27
CA VAL L 8 -25.21 34.73 34.39
C VAL L 8 -23.80 34.25 34.72
N THR L 9 -23.69 33.72 35.94
CA THR L 9 -22.42 33.29 36.48
C THR L 9 -22.12 31.77 36.44
N ALA L 10 -23.12 30.93 36.17
CA ALA L 10 -22.94 29.46 36.10
C ALA L 10 -21.91 29.06 35.04
N ASP L 11 -21.02 28.14 35.39
CA ASP L 11 -19.94 27.74 34.49
C ASP L 11 -20.39 27.30 33.09
N SER L 12 -21.55 26.68 32.98
CA SER L 12 -22.02 26.25 31.66
C SER L 12 -23.13 27.13 31.08
N GLY L 13 -23.31 28.32 31.65
CA GLY L 13 -24.34 29.22 31.16
C GLY L 13 -25.76 28.71 31.29
N ILE L 14 -26.66 29.27 30.51
CA ILE L 14 -28.06 28.83 30.55
C ILE L 14 -28.20 27.63 29.61
N HIS L 15 -27.70 26.48 30.06
CA HIS L 15 -27.74 25.23 29.29
C HIS L 15 -28.17 24.05 30.15
N ALA L 16 -28.32 22.90 29.48
CA ALA L 16 -28.66 21.66 30.11
C ALA L 16 -29.83 21.76 31.09
N ARG L 17 -29.77 20.99 32.17
CA ARG L 17 -30.85 20.97 33.15
C ARG L 17 -31.25 22.31 33.72
N PRO L 18 -30.30 23.12 34.20
CA PRO L 18 -30.64 24.43 34.75
C PRO L 18 -31.47 25.26 33.77
N ALA L 19 -31.14 25.18 32.49
CA ALA L 19 -31.91 25.89 31.47
C ALA L 19 -33.30 25.28 31.43
N THR L 20 -33.43 24.00 31.74
CA THR L 20 -34.77 23.41 31.70
C THR L 20 -35.55 23.72 32.97
N THR L 21 -34.86 23.82 34.11
CA THR L 21 -35.58 24.14 35.32
C THR L 21 -36.08 25.59 35.22
N LEU L 22 -35.24 26.47 34.67
CA LEU L 22 -35.63 27.87 34.54
C LEU L 22 -36.69 28.01 33.47
N VAL L 23 -36.54 27.27 32.38
CA VAL L 23 -37.53 27.35 31.32
C VAL L 23 -38.77 26.69 31.83
N GLN L 24 -38.65 26.02 32.96
CA GLN L 24 -39.81 25.33 33.49
C GLN L 24 -40.54 26.21 34.49
N ALA L 25 -39.76 26.67 35.48
CA ALA L 25 -40.27 27.51 36.55
C ALA L 25 -41.19 28.66 36.12
N ALA L 26 -40.88 29.29 34.98
CA ALA L 26 -41.71 30.38 34.51
C ALA L 26 -42.84 29.91 33.62
N SER L 27 -42.87 28.62 33.33
CA SER L 27 -43.93 28.11 32.50
C SER L 27 -45.11 27.94 33.41
N LYS L 28 -44.80 27.93 34.70
CA LYS L 28 -45.82 27.80 35.74
C LYS L 28 -46.69 29.04 35.96
N PHE L 29 -46.33 30.16 35.32
CA PHE L 29 -47.08 31.42 35.46
C PHE L 29 -47.77 31.86 34.16
N ASP L 30 -48.90 32.57 34.31
CA ASP L 30 -49.70 33.05 33.17
C ASP L 30 -49.18 34.31 32.48
N SER L 31 -48.42 35.14 33.20
CA SER L 31 -47.87 36.35 32.60
C SER L 31 -46.98 35.98 31.42
N ASP L 32 -46.82 36.91 30.49
CA ASP L 32 -45.96 36.69 29.35
C ASP L 32 -44.56 36.89 29.90
N ILE L 33 -43.80 35.83 30.09
CA ILE L 33 -42.46 36.04 30.60
C ILE L 33 -41.59 36.18 29.37
N ASN L 34 -40.60 37.06 29.43
CA ASN L 34 -39.73 37.29 28.28
C ASN L 34 -38.25 37.25 28.68
N LEU L 35 -37.38 37.03 27.68
CA LEU L 35 -35.92 36.96 27.84
C LEU L 35 -35.22 37.62 26.65
N GLU L 36 -34.40 38.64 26.94
CA GLU L 36 -33.67 39.37 25.91
C GLU L 36 -32.18 39.09 26.08
N PHE L 37 -31.47 38.93 24.97
CA PHE L 37 -30.04 38.62 25.03
C PHE L 37 -29.30 39.11 23.79
N ASN L 38 -28.33 39.98 24.01
CA ASN L 38 -27.54 40.57 22.94
C ASN L 38 -28.38 41.08 21.80
N GLY L 39 -29.40 41.86 22.16
CA GLY L 39 -30.26 42.45 21.17
C GLY L 39 -31.20 41.46 20.55
N LYS L 40 -31.22 40.24 21.07
CA LYS L 40 -32.09 39.19 20.56
C LYS L 40 -33.04 38.72 21.70
N THR L 41 -34.29 38.42 21.38
CA THR L 41 -35.24 37.98 22.41
C THR L 41 -36.00 36.70 22.07
N VAL L 42 -36.21 35.84 23.08
CA VAL L 42 -36.93 34.58 22.88
C VAL L 42 -37.89 34.39 24.05
N ASN L 43 -38.81 33.44 23.91
CA ASN L 43 -39.76 33.19 24.98
C ASN L 43 -39.03 32.47 26.12
N LEU L 44 -38.97 33.14 27.27
CA LEU L 44 -38.31 32.55 28.41
C LEU L 44 -39.07 31.29 28.77
N LYS L 45 -40.22 31.09 28.15
CA LYS L 45 -41.01 29.91 28.41
C LYS L 45 -40.84 28.88 27.28
N ILE L 47 -38.19 26.30 25.19
CA ILE L 47 -36.95 25.56 25.19
C ILE L 47 -36.04 25.89 24.01
N MET L 48 -36.58 25.77 22.81
CA MET L 48 -35.75 26.02 21.63
C MET L 48 -35.15 27.40 21.73
N GLY L 49 -36.01 28.38 21.97
CA GLY L 49 -35.54 29.76 22.05
C GLY L 49 -34.43 29.95 23.03
N VAL L 50 -34.69 29.58 24.28
CA VAL L 50 -33.70 29.77 25.31
C VAL L 50 -32.40 29.04 24.98
N MET L 51 -32.47 27.77 24.59
CA MET L 51 -31.24 27.06 24.32
C MET L 51 -30.61 27.40 22.99
N SER L 52 -31.33 28.16 22.16
CA SER L 52 -30.78 28.53 20.87
C SER L 52 -29.85 29.73 20.98
N LEU L 53 -30.13 30.64 21.91
CA LEU L 53 -29.27 31.81 22.08
C LEU L 53 -27.83 31.33 22.29
N GLY L 54 -27.63 30.42 23.23
CA GLY L 54 -26.30 29.94 23.49
C GLY L 54 -25.59 30.89 24.42
N ILE L 55 -26.28 31.20 25.52
CA ILE L 55 -25.80 32.09 26.57
C ILE L 55 -24.70 31.39 27.38
N GLN L 56 -23.61 32.13 27.64
CA GLN L 56 -22.48 31.58 28.38
C GLN L 56 -22.24 32.32 29.68
N LYS L 57 -21.34 31.77 30.51
CA LYS L 57 -20.99 32.39 31.78
C LYS L 57 -20.58 33.84 31.49
N GLY L 58 -20.84 34.77 32.41
CA GLY L 58 -20.47 36.15 32.14
C GLY L 58 -21.36 36.83 31.11
N ALA L 59 -22.55 36.29 30.92
CA ALA L 59 -23.48 36.90 29.99
C ALA L 59 -24.43 37.81 30.78
N THR L 60 -24.98 38.80 30.10
CA THR L 60 -25.91 39.71 30.72
C THR L 60 -27.24 39.39 30.09
N ILE L 61 -28.17 38.87 30.87
CA ILE L 61 -29.50 38.47 30.37
C ILE L 61 -30.58 39.30 31.02
N THR L 62 -31.70 39.45 30.34
CA THR L 62 -32.80 40.23 30.91
C THR L 62 -34.11 39.50 30.76
N ILE L 63 -34.71 39.11 31.88
CA ILE L 63 -35.98 38.43 31.86
C ILE L 63 -37.00 39.44 32.25
N SER L 64 -38.20 39.26 31.75
CA SER L 64 -39.25 40.21 32.01
C SER L 64 -40.61 39.55 32.18
N ALA L 65 -41.29 39.92 33.27
CA ALA L 65 -42.60 39.38 33.60
C ALA L 65 -43.69 40.45 33.51
N GLU L 66 -44.53 40.32 32.49
CA GLU L 66 -45.62 41.25 32.24
C GLU L 66 -46.96 40.50 32.21
N GLY L 67 -47.85 40.87 33.13
CA GLY L 67 -49.15 40.25 33.22
C GLY L 67 -49.64 40.09 34.65
N SER L 68 -50.80 39.47 34.78
CA SER L 68 -51.44 39.23 36.07
C SER L 68 -50.44 38.96 37.20
N ASP L 69 -49.95 37.73 37.30
CA ASP L 69 -48.98 37.41 38.35
C ASP L 69 -47.53 37.64 37.91
N GLU L 70 -47.32 38.73 37.18
CA GLU L 70 -46.01 39.12 36.67
C GLU L 70 -44.92 39.09 37.74
N ALA L 71 -45.00 40.00 38.69
CA ALA L 71 -44.00 40.06 39.75
C ALA L 71 -43.93 38.75 40.49
N ASP L 72 -45.09 38.19 40.83
CA ASP L 72 -45.14 36.92 41.55
C ASP L 72 -44.28 35.92 40.82
N ALA L 73 -44.12 36.13 39.52
CA ALA L 73 -43.31 35.25 38.67
C ALA L 73 -41.85 35.71 38.68
N LEU L 74 -41.63 37.00 38.44
CA LEU L 74 -40.27 37.50 38.43
C LEU L 74 -39.60 37.26 39.75
N ALA L 75 -40.36 36.94 40.78
CA ALA L 75 -39.75 36.70 42.07
C ALA L 75 -39.22 35.27 42.13
N ALA L 76 -39.99 34.34 41.58
CA ALA L 76 -39.64 32.91 41.56
C ALA L 76 -38.55 32.64 40.53
N LEU L 77 -38.66 33.32 39.38
CA LEU L 77 -37.65 33.20 38.32
C LEU L 77 -36.31 33.69 38.85
N GLU L 78 -36.32 34.41 39.96
CA GLU L 78 -35.08 34.87 40.56
C GLU L 78 -34.73 33.76 41.55
N ASP L 79 -35.78 33.18 42.15
CA ASP L 79 -35.63 32.08 43.11
C ASP L 79 -34.91 30.88 42.44
N THR L 80 -35.32 30.56 41.22
CA THR L 80 -34.70 29.48 40.48
C THR L 80 -33.31 29.94 40.13
N MET L 81 -33.24 31.12 39.53
CA MET L 81 -32.00 31.77 39.11
C MET L 81 -30.81 31.57 40.04
N SER L 82 -31.05 31.53 41.35
CA SER L 82 -29.95 31.38 42.27
C SER L 82 -29.98 29.98 42.87
N LYS L 83 -31.18 29.45 43.08
CA LYS L 83 -31.30 28.11 43.63
C LYS L 83 -30.53 27.18 42.67
N GLU L 84 -30.76 27.38 41.38
CA GLU L 84 -30.10 26.60 40.34
C GLU L 84 -28.73 27.19 40.07
N GLY L 85 -28.29 28.05 40.98
CA GLY L 85 -26.98 28.68 40.86
C GLY L 85 -26.56 29.21 39.49
N LEU L 86 -27.52 29.58 38.65
CA LEU L 86 -27.19 30.08 37.31
C LEU L 86 -26.56 31.47 37.29
N GLY L 87 -26.54 32.12 38.44
CA GLY L 87 -25.97 33.45 38.53
C GLY L 87 -26.89 34.49 39.15
N GLU L 88 -26.34 35.66 39.42
CA GLU L 88 -27.10 36.76 40.00
C GLU L 88 -26.74 38.06 39.30
#